data_2CDN
# 
_entry.id   2CDN 
# 
_audit_conform.dict_name       mmcif_pdbx.dic 
_audit_conform.dict_version    5.382 
_audit_conform.dict_location   http://mmcif.pdb.org/dictionaries/ascii/mmcif_pdbx.dic 
# 
loop_
_database_2.database_id 
_database_2.database_code 
_database_2.pdbx_database_accession 
_database_2.pdbx_DOI 
PDB   2CDN         pdb_00002cdn 10.2210/pdb2cdn/pdb 
PDBE  EBI-27410    ?            ?                   
WWPDB D_1290027410 ?            ?                   
# 
_pdbx_database_related.db_name        PDB 
_pdbx_database_related.db_id          1P4S 
_pdbx_database_related.content_type   unspecified 
_pdbx_database_related.details        'SOLUTION STRUCTURE OF MYCOBACTERIUM TUBERCULOSIS ADENYLATE KINASE' 
# 
_pdbx_database_status.status_code                     REL 
_pdbx_database_status.entry_id                        2CDN 
_pdbx_database_status.deposit_site                    PDBE 
_pdbx_database_status.process_site                    PDBE 
_pdbx_database_status.SG_entry                        . 
_pdbx_database_status.recvd_initial_deposition_date   2006-01-25 
_pdbx_database_status.pdb_format_compatible           Y 
_pdbx_database_status.status_code_sf                  REL 
_pdbx_database_status.status_code_mr                  ? 
_pdbx_database_status.status_code_cs                  ? 
_pdbx_database_status.methods_development_category    ? 
_pdbx_database_status.status_code_nmr_data            ? 
# 
loop_
_audit_author.name 
_audit_author.pdbx_ordinal 
'Bellinzoni, M.'     1 
'Haouz, A.'          2 
'Grana, M.'          3 
'Munier-Lehmann, H.' 4 
'Alzari, P.M.'       5 
# 
_citation.id                        primary 
_citation.title                     
;The Crystal Structure of Mycobacterium Tuberculosis Adenylate Kinase in Complex with Two Molecules of Adp and Mg2+ Supports an Associative Mechanism for Phosphoryl Transfer.
;
_citation.journal_abbrev            'Protein Sci.' 
_citation.journal_volume            15 
_citation.page_first                1489 
_citation.page_last                 ? 
_citation.year                      2006 
_citation.journal_id_ASTM           PRCIEI 
_citation.country                   US 
_citation.journal_id_ISSN           0961-8368 
_citation.journal_id_CSD            0795 
_citation.book_publisher            ? 
_citation.pdbx_database_id_PubMed   16672241 
_citation.pdbx_database_id_DOI      10.1110/PS.062163406 
# 
loop_
_citation_author.citation_id 
_citation_author.name 
_citation_author.ordinal 
_citation_author.identifier_ORCID 
primary 'Bellinzoni, M.'     1 ? 
primary 'Haouz, A.'          2 ? 
primary 'Grana, M.'          3 ? 
primary 'Munier-Lehmann, H.' 4 ? 
primary 'Shepard, W.'        5 ? 
primary 'Alzari, P.M.'       6 ? 
# 
_cell.entry_id           2CDN 
_cell.length_a           36.544 
_cell.length_b           64.910 
_cell.length_c           39.773 
_cell.angle_alpha        90.00 
_cell.angle_beta         110.12 
_cell.angle_gamma        90.00 
_cell.Z_PDB              2 
_cell.pdbx_unique_axis   ? 
# 
_symmetry.entry_id                         2CDN 
_symmetry.space_group_name_H-M             'P 1 21 1' 
_symmetry.pdbx_full_space_group_name_H-M   ? 
_symmetry.cell_setting                     ? 
_symmetry.Int_Tables_number                4 
# 
loop_
_entity.id 
_entity.type 
_entity.src_method 
_entity.pdbx_description 
_entity.formula_weight 
_entity.pdbx_number_of_molecules 
_entity.pdbx_ec 
_entity.pdbx_mutation 
_entity.pdbx_fragment 
_entity.details 
1 polymer     man 'ADENYLATE KINASE'         22324.277 1   2.7.4.3 ? ? ? 
2 non-polymer syn 'MAGNESIUM ION'            24.305    1   ?       ? ? ? 
3 non-polymer syn "ADENOSINE-5'-DIPHOSPHATE" 427.201   2   ?       ? ? ? 
4 water       nat water                      18.015    135 ?       ? ? ? 
# 
_entity_name_com.entity_id   1 
_entity_name_com.name        'ATP-AMP TRANSPHOSPHORYLASE, AK' 
# 
_entity_poly.entity_id                      1 
_entity_poly.type                           'polypeptide(L)' 
_entity_poly.nstd_linkage                   no 
_entity_poly.nstd_monomer                   no 
_entity_poly.pdbx_seq_one_letter_code       
;MGSSHHHHHHSSGLVPRGSHMRVLLLGPPGAGKGTQAVKLAEKLGIPQISTGELFRRNIEEGTKLGVEAKRYLDAGDLVP
SDLTNELVDDRLNNPDAANGFILDGYPRSVEQAKALHEMLERRGTDIDAVLEFRVSEEVLLERLKGRGRADDTDDVILNR
MKVYRDETAPLLEYYRDQLKTVDAVGTMDEVFARALRALGK
;
_entity_poly.pdbx_seq_one_letter_code_can   
;MGSSHHHHHHSSGLVPRGSHMRVLLLGPPGAGKGTQAVKLAEKLGIPQISTGELFRRNIEEGTKLGVEAKRYLDAGDLVP
SDLTNELVDDRLNNPDAANGFILDGYPRSVEQAKALHEMLERRGTDIDAVLEFRVSEEVLLERLKGRGRADDTDDVILNR
MKVYRDETAPLLEYYRDQLKTVDAVGTMDEVFARALRALGK
;
_entity_poly.pdbx_strand_id                 A 
_entity_poly.pdbx_target_identifier         ? 
# 
loop_
_entity_poly_seq.entity_id 
_entity_poly_seq.num 
_entity_poly_seq.mon_id 
_entity_poly_seq.hetero 
1 1   MET n 
1 2   GLY n 
1 3   SER n 
1 4   SER n 
1 5   HIS n 
1 6   HIS n 
1 7   HIS n 
1 8   HIS n 
1 9   HIS n 
1 10  HIS n 
1 11  SER n 
1 12  SER n 
1 13  GLY n 
1 14  LEU n 
1 15  VAL n 
1 16  PRO n 
1 17  ARG n 
1 18  GLY n 
1 19  SER n 
1 20  HIS n 
1 21  MET n 
1 22  ARG n 
1 23  VAL n 
1 24  LEU n 
1 25  LEU n 
1 26  LEU n 
1 27  GLY n 
1 28  PRO n 
1 29  PRO n 
1 30  GLY n 
1 31  ALA n 
1 32  GLY n 
1 33  LYS n 
1 34  GLY n 
1 35  THR n 
1 36  GLN n 
1 37  ALA n 
1 38  VAL n 
1 39  LYS n 
1 40  LEU n 
1 41  ALA n 
1 42  GLU n 
1 43  LYS n 
1 44  LEU n 
1 45  GLY n 
1 46  ILE n 
1 47  PRO n 
1 48  GLN n 
1 49  ILE n 
1 50  SER n 
1 51  THR n 
1 52  GLY n 
1 53  GLU n 
1 54  LEU n 
1 55  PHE n 
1 56  ARG n 
1 57  ARG n 
1 58  ASN n 
1 59  ILE n 
1 60  GLU n 
1 61  GLU n 
1 62  GLY n 
1 63  THR n 
1 64  LYS n 
1 65  LEU n 
1 66  GLY n 
1 67  VAL n 
1 68  GLU n 
1 69  ALA n 
1 70  LYS n 
1 71  ARG n 
1 72  TYR n 
1 73  LEU n 
1 74  ASP n 
1 75  ALA n 
1 76  GLY n 
1 77  ASP n 
1 78  LEU n 
1 79  VAL n 
1 80  PRO n 
1 81  SER n 
1 82  ASP n 
1 83  LEU n 
1 84  THR n 
1 85  ASN n 
1 86  GLU n 
1 87  LEU n 
1 88  VAL n 
1 89  ASP n 
1 90  ASP n 
1 91  ARG n 
1 92  LEU n 
1 93  ASN n 
1 94  ASN n 
1 95  PRO n 
1 96  ASP n 
1 97  ALA n 
1 98  ALA n 
1 99  ASN n 
1 100 GLY n 
1 101 PHE n 
1 102 ILE n 
1 103 LEU n 
1 104 ASP n 
1 105 GLY n 
1 106 TYR n 
1 107 PRO n 
1 108 ARG n 
1 109 SER n 
1 110 VAL n 
1 111 GLU n 
1 112 GLN n 
1 113 ALA n 
1 114 LYS n 
1 115 ALA n 
1 116 LEU n 
1 117 HIS n 
1 118 GLU n 
1 119 MET n 
1 120 LEU n 
1 121 GLU n 
1 122 ARG n 
1 123 ARG n 
1 124 GLY n 
1 125 THR n 
1 126 ASP n 
1 127 ILE n 
1 128 ASP n 
1 129 ALA n 
1 130 VAL n 
1 131 LEU n 
1 132 GLU n 
1 133 PHE n 
1 134 ARG n 
1 135 VAL n 
1 136 SER n 
1 137 GLU n 
1 138 GLU n 
1 139 VAL n 
1 140 LEU n 
1 141 LEU n 
1 142 GLU n 
1 143 ARG n 
1 144 LEU n 
1 145 LYS n 
1 146 GLY n 
1 147 ARG n 
1 148 GLY n 
1 149 ARG n 
1 150 ALA n 
1 151 ASP n 
1 152 ASP n 
1 153 THR n 
1 154 ASP n 
1 155 ASP n 
1 156 VAL n 
1 157 ILE n 
1 158 LEU n 
1 159 ASN n 
1 160 ARG n 
1 161 MET n 
1 162 LYS n 
1 163 VAL n 
1 164 TYR n 
1 165 ARG n 
1 166 ASP n 
1 167 GLU n 
1 168 THR n 
1 169 ALA n 
1 170 PRO n 
1 171 LEU n 
1 172 LEU n 
1 173 GLU n 
1 174 TYR n 
1 175 TYR n 
1 176 ARG n 
1 177 ASP n 
1 178 GLN n 
1 179 LEU n 
1 180 LYS n 
1 181 THR n 
1 182 VAL n 
1 183 ASP n 
1 184 ALA n 
1 185 VAL n 
1 186 GLY n 
1 187 THR n 
1 188 MET n 
1 189 ASP n 
1 190 GLU n 
1 191 VAL n 
1 192 PHE n 
1 193 ALA n 
1 194 ARG n 
1 195 ALA n 
1 196 LEU n 
1 197 ARG n 
1 198 ALA n 
1 199 LEU n 
1 200 GLY n 
1 201 LYS n 
# 
_entity_src_gen.entity_id                          1 
_entity_src_gen.pdbx_src_id                        1 
_entity_src_gen.pdbx_alt_source_flag               sample 
_entity_src_gen.pdbx_seq_type                      ? 
_entity_src_gen.pdbx_beg_seq_num                   ? 
_entity_src_gen.pdbx_end_seq_num                   ? 
_entity_src_gen.gene_src_common_name               ? 
_entity_src_gen.gene_src_genus                     ? 
_entity_src_gen.pdbx_gene_src_gene                 ? 
_entity_src_gen.gene_src_species                   ? 
_entity_src_gen.gene_src_strain                    H37RV 
_entity_src_gen.gene_src_tissue                    ? 
_entity_src_gen.gene_src_tissue_fraction           ? 
_entity_src_gen.gene_src_details                   ? 
_entity_src_gen.pdbx_gene_src_fragment             ? 
_entity_src_gen.pdbx_gene_src_scientific_name      'MYCOBACTERIUM TUBERCULOSIS' 
_entity_src_gen.pdbx_gene_src_ncbi_taxonomy_id     83332 
_entity_src_gen.pdbx_gene_src_variant              ? 
_entity_src_gen.pdbx_gene_src_cell_line            ? 
_entity_src_gen.pdbx_gene_src_atcc                 ? 
_entity_src_gen.pdbx_gene_src_organ                ? 
_entity_src_gen.pdbx_gene_src_organelle            ? 
_entity_src_gen.pdbx_gene_src_cell                 ? 
_entity_src_gen.pdbx_gene_src_cellular_location    ? 
_entity_src_gen.host_org_common_name               ? 
_entity_src_gen.pdbx_host_org_scientific_name      'ESCHERICHIA COLI' 
_entity_src_gen.pdbx_host_org_ncbi_taxonomy_id     469008 
_entity_src_gen.host_org_genus                     ? 
_entity_src_gen.pdbx_host_org_gene                 ? 
_entity_src_gen.pdbx_host_org_organ                ? 
_entity_src_gen.host_org_species                   ? 
_entity_src_gen.pdbx_host_org_tissue               ? 
_entity_src_gen.pdbx_host_org_tissue_fraction      ? 
_entity_src_gen.pdbx_host_org_strain               'BL21(DE3)' 
_entity_src_gen.pdbx_host_org_variant              ? 
_entity_src_gen.pdbx_host_org_cell_line            ? 
_entity_src_gen.pdbx_host_org_atcc                 ? 
_entity_src_gen.pdbx_host_org_culture_collection   ? 
_entity_src_gen.pdbx_host_org_cell                 ? 
_entity_src_gen.pdbx_host_org_organelle            ? 
_entity_src_gen.pdbx_host_org_cellular_location    ? 
_entity_src_gen.pdbx_host_org_vector_type          ? 
_entity_src_gen.pdbx_host_org_vector               PET-28A 
_entity_src_gen.host_org_details                   ? 
_entity_src_gen.expression_system_id               ? 
_entity_src_gen.plasmid_name                       ? 
_entity_src_gen.plasmid_details                    ? 
_entity_src_gen.pdbx_description                   ? 
# 
loop_
_struct_ref.id 
_struct_ref.db_name 
_struct_ref.db_code 
_struct_ref.entity_id 
_struct_ref.pdbx_seq_one_letter_code 
_struct_ref.pdbx_align_begin 
_struct_ref.pdbx_db_accession 
_struct_ref.pdbx_db_isoform 
1 PDB 2CDN      1 ? ? 2CDN   ? 
2 UNP KAD_MYCTU 1 ? ? P69440 ? 
# 
loop_
_struct_ref_seq.align_id 
_struct_ref_seq.ref_id 
_struct_ref_seq.pdbx_PDB_id_code 
_struct_ref_seq.pdbx_strand_id 
_struct_ref_seq.seq_align_beg 
_struct_ref_seq.pdbx_seq_align_beg_ins_code 
_struct_ref_seq.seq_align_end 
_struct_ref_seq.pdbx_seq_align_end_ins_code 
_struct_ref_seq.pdbx_db_accession 
_struct_ref_seq.db_align_beg 
_struct_ref_seq.pdbx_db_align_beg_ins_code 
_struct_ref_seq.db_align_end 
_struct_ref_seq.pdbx_db_align_end_ins_code 
_struct_ref_seq.pdbx_auth_seq_align_beg 
_struct_ref_seq.pdbx_auth_seq_align_end 
1 1 2CDN A 1  ? 20  ? 2CDN   -19 ? 0   ? -19 0   
2 2 2CDN A 21 ? 201 ? P69440 1   ? 181 ? 1   181 
# 
loop_
_chem_comp.id 
_chem_comp.type 
_chem_comp.mon_nstd_flag 
_chem_comp.name 
_chem_comp.pdbx_synonyms 
_chem_comp.formula 
_chem_comp.formula_weight 
ADP non-polymer         n "ADENOSINE-5'-DIPHOSPHATE" ? 'C10 H15 N5 O10 P2' 427.201 
ALA 'L-peptide linking' y ALANINE                    ? 'C3 H7 N O2'        89.093  
ARG 'L-peptide linking' y ARGININE                   ? 'C6 H15 N4 O2 1'    175.209 
ASN 'L-peptide linking' y ASPARAGINE                 ? 'C4 H8 N2 O3'       132.118 
ASP 'L-peptide linking' y 'ASPARTIC ACID'            ? 'C4 H7 N O4'        133.103 
GLN 'L-peptide linking' y GLUTAMINE                  ? 'C5 H10 N2 O3'      146.144 
GLU 'L-peptide linking' y 'GLUTAMIC ACID'            ? 'C5 H9 N O4'        147.129 
GLY 'peptide linking'   y GLYCINE                    ? 'C2 H5 N O2'        75.067  
HIS 'L-peptide linking' y HISTIDINE                  ? 'C6 H10 N3 O2 1'    156.162 
HOH non-polymer         . WATER                      ? 'H2 O'              18.015  
ILE 'L-peptide linking' y ISOLEUCINE                 ? 'C6 H13 N O2'       131.173 
LEU 'L-peptide linking' y LEUCINE                    ? 'C6 H13 N O2'       131.173 
LYS 'L-peptide linking' y LYSINE                     ? 'C6 H15 N2 O2 1'    147.195 
MET 'L-peptide linking' y METHIONINE                 ? 'C5 H11 N O2 S'     149.211 
MG  non-polymer         . 'MAGNESIUM ION'            ? 'Mg 2'              24.305  
PHE 'L-peptide linking' y PHENYLALANINE              ? 'C9 H11 N O2'       165.189 
PRO 'L-peptide linking' y PROLINE                    ? 'C5 H9 N O2'        115.130 
SER 'L-peptide linking' y SERINE                     ? 'C3 H7 N O3'        105.093 
THR 'L-peptide linking' y THREONINE                  ? 'C4 H9 N O3'        119.119 
TYR 'L-peptide linking' y TYROSINE                   ? 'C9 H11 N O3'       181.189 
VAL 'L-peptide linking' y VALINE                     ? 'C5 H11 N O2'       117.146 
# 
_exptl.entry_id          2CDN 
_exptl.method            'X-RAY DIFFRACTION' 
_exptl.crystals_number   1 
# 
_exptl_crystal.id                    1 
_exptl_crystal.density_meas          ? 
_exptl_crystal.density_Matthews      2 
_exptl_crystal.density_percent_sol   37.6 
_exptl_crystal.description           ? 
# 
_exptl_crystal_grow.crystal_id      1 
_exptl_crystal_grow.method          ? 
_exptl_crystal_grow.temp            ? 
_exptl_crystal_grow.temp_details    ? 
_exptl_crystal_grow.pH              6.50 
_exptl_crystal_grow.pdbx_pH_range   ? 
_exptl_crystal_grow.pdbx_details    '20% PEG4000, 0.1 M HEPES PH 6.5, 0.2 M NA ACETATE' 
# 
_diffrn.id                     1 
_diffrn.ambient_temp           100.0 
_diffrn.ambient_temp_details   ? 
_diffrn.crystal_id             1 
# 
_diffrn_detector.diffrn_id              1 
_diffrn_detector.detector               CCD 
_diffrn_detector.type                   'ADSC CCD' 
_diffrn_detector.pdbx_collection_date   2003-12-11 
_diffrn_detector.details                ? 
# 
_diffrn_radiation.diffrn_id                        1 
_diffrn_radiation.wavelength_id                    1 
_diffrn_radiation.pdbx_monochromatic_or_laue_m_l   M 
_diffrn_radiation.monochromator                    'SI(311) CHANNEL-CUT' 
_diffrn_radiation.pdbx_diffrn_protocol             'SINGLE WAVELENGTH' 
_diffrn_radiation.pdbx_scattering_type             x-ray 
# 
_diffrn_radiation_wavelength.id           1 
_diffrn_radiation_wavelength.wavelength   0.9756 
_diffrn_radiation_wavelength.wt           1.0 
# 
_diffrn_source.diffrn_id                   1 
_diffrn_source.source                      SYNCHROTRON 
_diffrn_source.type                        'ESRF BEAMLINE ID29' 
_diffrn_source.pdbx_synchrotron_site       ESRF 
_diffrn_source.pdbx_synchrotron_beamline   ID29 
_diffrn_source.pdbx_wavelength             0.9756 
_diffrn_source.pdbx_wavelength_list        ? 
# 
_reflns.pdbx_diffrn_id               1 
_reflns.pdbx_ordinal                 1 
_reflns.entry_id                     2CDN 
_reflns.observed_criterion_sigma_I   1.000 
_reflns.observed_criterion_sigma_F   ? 
_reflns.d_resolution_low             31.400 
_reflns.d_resolution_high            1.900 
_reflns.number_obs                   13286 
_reflns.number_all                   ? 
_reflns.percent_possible_obs         95.8 
_reflns.pdbx_Rmerge_I_obs            0.08600 
_reflns.pdbx_Rsym_value              ? 
_reflns.pdbx_netI_over_sigmaI        5.6000 
_reflns.B_iso_Wilson_estimate        ? 
_reflns.pdbx_redundancy              3.600 
# 
_reflns_shell.pdbx_diffrn_id         1 
_reflns_shell.pdbx_ordinal           1 
_reflns_shell.d_res_high             1.90 
_reflns_shell.d_res_low              2.00 
_reflns_shell.percent_possible_all   78.3 
_reflns_shell.Rmerge_I_obs           0.34400 
_reflns_shell.pdbx_Rsym_value        ? 
_reflns_shell.meanI_over_sigI_obs    0.800 
_reflns_shell.pdbx_redundancy        2.70 
# 
_refine.pdbx_refine_id                           'X-RAY DIFFRACTION' 
_refine.entry_id                                 2CDN 
_refine.pdbx_diffrn_id                           1 
_refine.pdbx_TLS_residual_ADP_flag               ? 
_refine.ls_number_reflns_obs                     12616 
_refine.ls_number_reflns_all                     ? 
_refine.pdbx_ls_sigma_I                          ? 
_refine.pdbx_ls_sigma_F                          ? 
_refine.pdbx_data_cutoff_high_absF               ? 
_refine.pdbx_data_cutoff_low_absF                ? 
_refine.pdbx_data_cutoff_high_rms_absF           ? 
_refine.ls_d_res_low                             64.96 
_refine.ls_d_res_high                            1.90 
_refine.ls_percent_reflns_obs                    96.2 
_refine.ls_R_factor_obs                          0.172 
_refine.ls_R_factor_all                          ? 
_refine.ls_R_factor_R_work                       0.169 
_refine.ls_R_factor_R_free                       0.214 
_refine.ls_R_factor_R_free_error                 ? 
_refine.ls_R_factor_R_free_error_details         ? 
_refine.ls_percent_reflns_R_free                 5.000 
_refine.ls_number_reflns_R_free                  669 
_refine.ls_number_parameters                     ? 
_refine.ls_number_restraints                     ? 
_refine.occupancy_min                            ? 
_refine.occupancy_max                            ? 
_refine.correlation_coeff_Fo_to_Fc               0.956 
_refine.correlation_coeff_Fo_to_Fc_free          0.926 
_refine.B_iso_mean                               21.51 
_refine.aniso_B[1][1]                            -0.02000 
_refine.aniso_B[2][2]                            1.62000 
_refine.aniso_B[3][3]                            -2.31000 
_refine.aniso_B[1][2]                            0.00000 
_refine.aniso_B[1][3]                            -1.03000 
_refine.aniso_B[2][3]                            0.00000 
_refine.solvent_model_details                    MASK 
_refine.solvent_model_param_ksol                 ? 
_refine.solvent_model_param_bsol                 ? 
_refine.pdbx_solvent_vdw_probe_radii             1.20 
_refine.pdbx_solvent_ion_probe_radii             0.80 
_refine.pdbx_solvent_shrinkage_radii             0.80 
_refine.pdbx_ls_cross_valid_method               THROUGHOUT 
_refine.details                                  'HYDROGENS HAVE BEEN ADDED IN THE RIDING POSITIONS.' 
_refine.pdbx_starting_model                      'PDB ENTRY 1ZIP' 
_refine.pdbx_method_to_determine_struct          'MOLECULAR REPLACEMENT' 
_refine.pdbx_isotropic_thermal_model             ? 
_refine.pdbx_stereochemistry_target_values       'MAXIMUM LIKELIHOOD' 
_refine.pdbx_stereochem_target_val_spec_case     ? 
_refine.pdbx_R_Free_selection_details            RANDOM 
_refine.pdbx_overall_ESU_R                       0.171 
_refine.pdbx_overall_ESU_R_Free                  0.151 
_refine.overall_SU_ML                            0.099 
_refine.pdbx_overall_phase_error                 ? 
_refine.overall_SU_B                             3.252 
_refine.overall_SU_R_Cruickshank_DPI             ? 
_refine.pdbx_overall_SU_R_free_Cruickshank_DPI   ? 
_refine.pdbx_overall_SU_R_Blow_DPI               ? 
_refine.pdbx_overall_SU_R_free_Blow_DPI          ? 
# 
_refine_hist.pdbx_refine_id                   'X-RAY DIFFRACTION' 
_refine_hist.cycle_id                         LAST 
_refine_hist.pdbx_number_atoms_protein        1434 
_refine_hist.pdbx_number_atoms_nucleic_acid   0 
_refine_hist.pdbx_number_atoms_ligand         55 
_refine_hist.number_atoms_solvent             135 
_refine_hist.number_atoms_total               1624 
_refine_hist.d_res_high                       1.90 
_refine_hist.d_res_low                        64.96 
# 
loop_
_refine_ls_restr.type 
_refine_ls_restr.dev_ideal 
_refine_ls_restr.dev_ideal_target 
_refine_ls_restr.weight 
_refine_ls_restr.number 
_refine_ls_restr.pdbx_refine_id 
_refine_ls_restr.pdbx_restraint_function 
r_bond_refined_d             0.015  0.022  ? 1509 'X-RAY DIFFRACTION' ? 
r_bond_other_d               ?      ?      ? ?    'X-RAY DIFFRACTION' ? 
r_angle_refined_deg          1.651  2.044  ? 2048 'X-RAY DIFFRACTION' ? 
r_angle_other_deg            ?      ?      ? ?    'X-RAY DIFFRACTION' ? 
r_dihedral_angle_1_deg       5.661  5.000  ? 185  'X-RAY DIFFRACTION' ? 
r_dihedral_angle_2_deg       33.649 23.768 ? 69   'X-RAY DIFFRACTION' ? 
r_dihedral_angle_3_deg       15.749 15.000 ? 262  'X-RAY DIFFRACTION' ? 
r_dihedral_angle_4_deg       17.199 15.000 ? 16   'X-RAY DIFFRACTION' ? 
r_chiral_restr               0.111  0.200  ? 231  'X-RAY DIFFRACTION' ? 
r_gen_planes_refined         0.007  0.020  ? 1122 'X-RAY DIFFRACTION' ? 
r_gen_planes_other           ?      ?      ? ?    'X-RAY DIFFRACTION' ? 
r_nbd_refined                0.197  0.200  ? 677  'X-RAY DIFFRACTION' ? 
r_nbd_other                  ?      ?      ? ?    'X-RAY DIFFRACTION' ? 
r_nbtor_refined              0.302  0.200  ? 1019 'X-RAY DIFFRACTION' ? 
r_nbtor_other                ?      ?      ? ?    'X-RAY DIFFRACTION' ? 
r_xyhbond_nbd_refined        0.149  0.200  ? 116  'X-RAY DIFFRACTION' ? 
r_xyhbond_nbd_other          ?      ?      ? ?    'X-RAY DIFFRACTION' ? 
r_metal_ion_refined          ?      ?      ? ?    'X-RAY DIFFRACTION' ? 
r_metal_ion_other            ?      ?      ? ?    'X-RAY DIFFRACTION' ? 
r_symmetry_vdw_refined       0.163  0.200  ? 28   'X-RAY DIFFRACTION' ? 
r_symmetry_vdw_other         ?      ?      ? ?    'X-RAY DIFFRACTION' ? 
r_symmetry_hbond_refined     0.199  0.200  ? 23   'X-RAY DIFFRACTION' ? 
r_symmetry_hbond_other       ?      ?      ? ?    'X-RAY DIFFRACTION' ? 
r_symmetry_metal_ion_refined ?      ?      ? ?    'X-RAY DIFFRACTION' ? 
r_symmetry_metal_ion_other   ?      ?      ? ?    'X-RAY DIFFRACTION' ? 
r_mcbond_it                  0.974  1.500  ? 944  'X-RAY DIFFRACTION' ? 
r_mcbond_other               ?      ?      ? ?    'X-RAY DIFFRACTION' ? 
r_mcangle_it                 1.610  2.000  ? 1466 'X-RAY DIFFRACTION' ? 
r_mcangle_other              ?      ?      ? ?    'X-RAY DIFFRACTION' ? 
r_scbond_it                  2.635  3.000  ? 632  'X-RAY DIFFRACTION' ? 
r_scbond_other               ?      ?      ? ?    'X-RAY DIFFRACTION' ? 
r_scangle_it                 4.262  4.500  ? 582  'X-RAY DIFFRACTION' ? 
r_scangle_other              ?      ?      ? ?    'X-RAY DIFFRACTION' ? 
r_long_range_B_refined       ?      ?      ? ?    'X-RAY DIFFRACTION' ? 
r_long_range_B_other         ?      ?      ? ?    'X-RAY DIFFRACTION' ? 
r_rigid_bond_restr           ?      ?      ? ?    'X-RAY DIFFRACTION' ? 
r_sphericity_free            ?      ?      ? ?    'X-RAY DIFFRACTION' ? 
r_sphericity_bonded          ?      ?      ? ?    'X-RAY DIFFRACTION' ? 
# 
_refine_ls_shell.pdbx_refine_id                   'X-RAY DIFFRACTION' 
_refine_ls_shell.pdbx_total_number_of_bins_used   20 
_refine_ls_shell.d_res_high                       1.90 
_refine_ls_shell.d_res_low                        1.95 
_refine_ls_shell.number_reflns_R_work             721 
_refine_ls_shell.R_factor_R_work                  0.2140 
_refine_ls_shell.percent_reflns_obs               ? 
_refine_ls_shell.R_factor_R_free                  0.3280 
_refine_ls_shell.R_factor_R_free_error            ? 
_refine_ls_shell.percent_reflns_R_free            ? 
_refine_ls_shell.number_reflns_R_free             33 
_refine_ls_shell.number_reflns_all                ? 
_refine_ls_shell.R_factor_all                     ? 
# 
_struct.entry_id                  2CDN 
_struct.title                     
'Crystal structure of Mycobacterium tuberculosis adenylate kinase complexed with two molecules of ADP and Mg' 
_struct.pdbx_model_details        ? 
_struct.pdbx_CASP_flag            ? 
_struct.pdbx_model_type_details   ? 
# 
_struct_keywords.entry_id        2CDN 
_struct_keywords.pdbx_keywords   TRANSFERASE 
_struct_keywords.text            
;ADENYLATE KINASE, PHOSPHORYL TRANSFER, ASSOCIATIVE MECHANISM, ATP-BINDING, KINASE, NUCLEOTIDE BIOSYNTHESIS, NUCLEOTIDE-BINDING, TRANSFERASE
;
# 
loop_
_struct_asym.id 
_struct_asym.pdbx_blank_PDB_chainid_flag 
_struct_asym.pdbx_modified 
_struct_asym.entity_id 
_struct_asym.details 
A N N 1 ? 
B N N 2 ? 
C N N 3 ? 
D N N 3 ? 
E N N 4 ? 
# 
_struct_biol.id   1 
# 
loop_
_struct_conf.conf_type_id 
_struct_conf.id 
_struct_conf.pdbx_PDB_helix_id 
_struct_conf.beg_label_comp_id 
_struct_conf.beg_label_asym_id 
_struct_conf.beg_label_seq_id 
_struct_conf.pdbx_beg_PDB_ins_code 
_struct_conf.end_label_comp_id 
_struct_conf.end_label_asym_id 
_struct_conf.end_label_seq_id 
_struct_conf.pdbx_end_PDB_ins_code 
_struct_conf.beg_auth_comp_id 
_struct_conf.beg_auth_asym_id 
_struct_conf.beg_auth_seq_id 
_struct_conf.end_auth_comp_id 
_struct_conf.end_auth_asym_id 
_struct_conf.end_auth_seq_id 
_struct_conf.pdbx_PDB_helix_class 
_struct_conf.details 
_struct_conf.pdbx_PDB_helix_length 
HELX_P HELX_P1  1  GLY A 32  ? GLY A 45  ? GLY A 12  GLY A 25  1 ? 14 
HELX_P HELX_P2  2  THR A 51  ? GLU A 61  ? THR A 31  GLU A 41  1 ? 11 
HELX_P HELX_P3  3  THR A 63  ? GLY A 76  ? THR A 43  GLY A 56  1 ? 14 
HELX_P HELX_P4  4  PRO A 80  ? LEU A 92  ? PRO A 60  LEU A 72  1 ? 13 
HELX_P HELX_P5  5  ASN A 93  ? ALA A 98  ? ASN A 73  ALA A 78  5 ? 6  
HELX_P HELX_P6  6  SER A 109 ? ARG A 123 ? SER A 89  ARG A 103 1 ? 15 
HELX_P HELX_P7  7  SER A 136 ? GLY A 148 ? SER A 116 GLY A 128 1 ? 13 
HELX_P HELX_P8  8  THR A 153 ? THR A 168 ? THR A 133 THR A 148 1 ? 16 
HELX_P HELX_P9  9  PRO A 170 ? TYR A 175 ? PRO A 150 TYR A 155 1 ? 6  
HELX_P HELX_P10 10 THR A 187 ? LEU A 199 ? THR A 167 LEU A 179 1 ? 13 
# 
_struct_conf_type.id          HELX_P 
_struct_conf_type.criteria    ? 
_struct_conf_type.reference   ? 
# 
loop_
_struct_conn.id 
_struct_conn.conn_type_id 
_struct_conn.pdbx_leaving_atom_flag 
_struct_conn.pdbx_PDB_id 
_struct_conn.ptnr1_label_asym_id 
_struct_conn.ptnr1_label_comp_id 
_struct_conn.ptnr1_label_seq_id 
_struct_conn.ptnr1_label_atom_id 
_struct_conn.pdbx_ptnr1_label_alt_id 
_struct_conn.pdbx_ptnr1_PDB_ins_code 
_struct_conn.pdbx_ptnr1_standard_comp_id 
_struct_conn.ptnr1_symmetry 
_struct_conn.ptnr2_label_asym_id 
_struct_conn.ptnr2_label_comp_id 
_struct_conn.ptnr2_label_seq_id 
_struct_conn.ptnr2_label_atom_id 
_struct_conn.pdbx_ptnr2_label_alt_id 
_struct_conn.pdbx_ptnr2_PDB_ins_code 
_struct_conn.ptnr1_auth_asym_id 
_struct_conn.ptnr1_auth_comp_id 
_struct_conn.ptnr1_auth_seq_id 
_struct_conn.ptnr2_auth_asym_id 
_struct_conn.ptnr2_auth_comp_id 
_struct_conn.ptnr2_auth_seq_id 
_struct_conn.ptnr2_symmetry 
_struct_conn.pdbx_ptnr3_label_atom_id 
_struct_conn.pdbx_ptnr3_label_seq_id 
_struct_conn.pdbx_ptnr3_label_comp_id 
_struct_conn.pdbx_ptnr3_label_asym_id 
_struct_conn.pdbx_ptnr3_label_alt_id 
_struct_conn.pdbx_ptnr3_PDB_ins_code 
_struct_conn.details 
_struct_conn.pdbx_dist_value 
_struct_conn.pdbx_value_order 
_struct_conn.pdbx_role 
metalc1 metalc ? ? B MG . MG ? ? ? 1_555 C ADP . O2B ? ? A MG 200 A ADP 201  1_555 ? ? ? ? ? ? ? 2.112 ? ? 
metalc2 metalc ? ? B MG . MG ? ? ? 1_555 D ADP . O2B ? ? A MG 200 A ADP 202  1_555 ? ? ? ? ? ? ? 2.265 ? ? 
metalc3 metalc ? ? B MG . MG ? ? ? 1_555 E HOH . O   ? ? A MG 200 A HOH 2062 1_555 ? ? ? ? ? ? ? 2.758 ? ? 
metalc4 metalc ? ? B MG . MG ? ? ? 1_555 E HOH . O   ? ? A MG 200 A HOH 2126 1_555 ? ? ? ? ? ? ? 2.635 ? ? 
# 
_struct_conn_type.id          metalc 
_struct_conn_type.criteria    ? 
_struct_conn_type.reference   ? 
# 
_struct_mon_prot_cis.pdbx_id                1 
_struct_mon_prot_cis.label_comp_id          TYR 
_struct_mon_prot_cis.label_seq_id           106 
_struct_mon_prot_cis.label_asym_id          A 
_struct_mon_prot_cis.label_alt_id           . 
_struct_mon_prot_cis.pdbx_PDB_ins_code      ? 
_struct_mon_prot_cis.auth_comp_id           TYR 
_struct_mon_prot_cis.auth_seq_id            86 
_struct_mon_prot_cis.auth_asym_id           A 
_struct_mon_prot_cis.pdbx_label_comp_id_2   PRO 
_struct_mon_prot_cis.pdbx_label_seq_id_2    107 
_struct_mon_prot_cis.pdbx_label_asym_id_2   A 
_struct_mon_prot_cis.pdbx_PDB_ins_code_2    ? 
_struct_mon_prot_cis.pdbx_auth_comp_id_2    PRO 
_struct_mon_prot_cis.pdbx_auth_seq_id_2     87 
_struct_mon_prot_cis.pdbx_auth_asym_id_2    A 
_struct_mon_prot_cis.pdbx_PDB_model_num     1 
_struct_mon_prot_cis.pdbx_omega_angle       -1.42 
# 
_struct_sheet.id               AA 
_struct_sheet.type             ? 
_struct_sheet.number_strands   5 
_struct_sheet.details          ? 
# 
loop_
_struct_sheet_order.sheet_id 
_struct_sheet_order.range_id_1 
_struct_sheet_order.range_id_2 
_struct_sheet_order.offset 
_struct_sheet_order.sense 
AA 1 2 ? parallel 
AA 2 3 ? parallel 
AA 3 4 ? parallel 
AA 4 5 ? parallel 
# 
loop_
_struct_sheet_range.sheet_id 
_struct_sheet_range.id 
_struct_sheet_range.beg_label_comp_id 
_struct_sheet_range.beg_label_asym_id 
_struct_sheet_range.beg_label_seq_id 
_struct_sheet_range.pdbx_beg_PDB_ins_code 
_struct_sheet_range.end_label_comp_id 
_struct_sheet_range.end_label_asym_id 
_struct_sheet_range.end_label_seq_id 
_struct_sheet_range.pdbx_end_PDB_ins_code 
_struct_sheet_range.beg_auth_comp_id 
_struct_sheet_range.beg_auth_asym_id 
_struct_sheet_range.beg_auth_seq_id 
_struct_sheet_range.end_auth_comp_id 
_struct_sheet_range.end_auth_asym_id 
_struct_sheet_range.end_auth_seq_id 
AA 1 GLN A 48  ? SER A 50  ? GLN A 28  SER A 30  
AA 2 PHE A 101 ? ASP A 104 ? PHE A 81  ASP A 84  
AA 3 ARG A 22  ? LEU A 26  ? ARG A 2   LEU A 6   
AA 4 ALA A 129 ? ARG A 134 ? ALA A 109 ARG A 114 
AA 5 LEU A 179 ? ASP A 183 ? LEU A 159 ASP A 163 
# 
loop_
_pdbx_struct_sheet_hbond.sheet_id 
_pdbx_struct_sheet_hbond.range_id_1 
_pdbx_struct_sheet_hbond.range_id_2 
_pdbx_struct_sheet_hbond.range_1_label_atom_id 
_pdbx_struct_sheet_hbond.range_1_label_comp_id 
_pdbx_struct_sheet_hbond.range_1_label_asym_id 
_pdbx_struct_sheet_hbond.range_1_label_seq_id 
_pdbx_struct_sheet_hbond.range_1_PDB_ins_code 
_pdbx_struct_sheet_hbond.range_1_auth_atom_id 
_pdbx_struct_sheet_hbond.range_1_auth_comp_id 
_pdbx_struct_sheet_hbond.range_1_auth_asym_id 
_pdbx_struct_sheet_hbond.range_1_auth_seq_id 
_pdbx_struct_sheet_hbond.range_2_label_atom_id 
_pdbx_struct_sheet_hbond.range_2_label_comp_id 
_pdbx_struct_sheet_hbond.range_2_label_asym_id 
_pdbx_struct_sheet_hbond.range_2_label_seq_id 
_pdbx_struct_sheet_hbond.range_2_PDB_ins_code 
_pdbx_struct_sheet_hbond.range_2_auth_atom_id 
_pdbx_struct_sheet_hbond.range_2_auth_comp_id 
_pdbx_struct_sheet_hbond.range_2_auth_asym_id 
_pdbx_struct_sheet_hbond.range_2_auth_seq_id 
AA 1 2 N ILE A 49  ? N ILE A 29  O ILE A 102 ? O ILE A 82  
AA 2 3 N LEU A 103 ? N LEU A 83  O VAL A 23  ? O VAL A 3   
AA 3 4 N LEU A 24  ? N LEU A 4   O ALA A 129 ? O ALA A 109 
AA 4 5 N GLU A 132 ? N GLU A 112 O LYS A 180 ? O LYS A 160 
# 
loop_
_struct_site.id 
_struct_site.pdbx_evidence_code 
_struct_site.pdbx_auth_asym_id 
_struct_site.pdbx_auth_comp_id 
_struct_site.pdbx_auth_seq_id 
_struct_site.pdbx_auth_ins_code 
_struct_site.pdbx_num_residues 
_struct_site.details 
AC1 Software A MG  200 ? 4  'BINDING SITE FOR RESIDUE MG A 200'  
AC2 Software A ADP 201 ? 24 'BINDING SITE FOR RESIDUE ADP A 201' 
AC3 Software A ADP 202 ? 22 'BINDING SITE FOR RESIDUE ADP A 202' 
# 
loop_
_struct_site_gen.id 
_struct_site_gen.site_id 
_struct_site_gen.pdbx_num_res 
_struct_site_gen.label_comp_id 
_struct_site_gen.label_asym_id 
_struct_site_gen.label_seq_id 
_struct_site_gen.pdbx_auth_ins_code 
_struct_site_gen.auth_comp_id 
_struct_site_gen.auth_asym_id 
_struct_site_gen.auth_seq_id 
_struct_site_gen.label_atom_id 
_struct_site_gen.label_alt_id 
_struct_site_gen.symmetry 
_struct_site_gen.details 
1  AC1 4  ADP C .   ? ADP A 201  . ? 1_555 ? 
2  AC1 4  ADP D .   ? ADP A 202  . ? 1_555 ? 
3  AC1 4  HOH E .   ? HOH A 2062 . ? 1_555 ? 
4  AC1 4  HOH E .   ? HOH A 2126 . ? 1_555 ? 
5  AC2 24 LYS A 33  ? LYS A 13   . ? 1_555 ? 
6  AC2 24 THR A 51  ? THR A 31   . ? 1_555 ? 
7  AC2 24 GLY A 52  ? GLY A 32   . ? 1_555 ? 
8  AC2 24 ARG A 56  ? ARG A 36   . ? 1_555 ? 
9  AC2 24 LEU A 73  ? LEU A 53   . ? 1_555 ? 
10 AC2 24 ASP A 77  ? ASP A 57   . ? 1_555 ? 
11 AC2 24 LEU A 78  ? LEU A 58   . ? 1_555 ? 
12 AC2 24 VAL A 79  ? VAL A 59   . ? 1_555 ? 
13 AC2 24 THR A 84  ? THR A 64   . ? 1_555 ? 
14 AC2 24 GLY A 105 ? GLY A 85   . ? 1_555 ? 
15 AC2 24 TYR A 106 ? TYR A 86   . ? 1_555 ? 
16 AC2 24 ARG A 108 ? ARG A 88   . ? 1_555 ? 
17 AC2 24 GLN A 112 ? GLN A 92   . ? 1_555 ? 
18 AC2 24 ARG A 147 ? ARG A 127  . ? 1_555 ? 
19 AC2 24 ARG A 149 ? ARG A 129  . ? 1_555 ? 
20 AC2 24 ARG A 160 ? ARG A 140  . ? 1_555 ? 
21 AC2 24 MG  B .   ? MG  A 200  . ? 1_555 ? 
22 AC2 24 ADP D .   ? ADP A 202  . ? 1_555 ? 
23 AC2 24 HOH E .   ? HOH A 2062 . ? 1_555 ? 
24 AC2 24 HOH E .   ? HOH A 2091 . ? 1_555 ? 
25 AC2 24 HOH E .   ? HOH A 2125 . ? 1_555 ? 
26 AC2 24 HOH E .   ? HOH A 2126 . ? 1_555 ? 
27 AC2 24 HOH E .   ? HOH A 2127 . ? 1_555 ? 
28 AC2 24 HOH E .   ? HOH A 2128 . ? 1_555 ? 
29 AC3 22 GLY A 30  ? GLY A 10   . ? 1_555 ? 
30 AC3 22 ALA A 31  ? ALA A 11   . ? 1_555 ? 
31 AC3 22 GLY A 32  ? GLY A 12   . ? 1_555 ? 
32 AC3 22 LYS A 33  ? LYS A 13   . ? 1_555 ? 
33 AC3 22 GLY A 34  ? GLY A 14   . ? 1_555 ? 
34 AC3 22 THR A 35  ? THR A 15   . ? 1_555 ? 
35 AC3 22 ARG A 143 ? ARG A 123  . ? 1_555 ? 
36 AC3 22 ARG A 147 ? ARG A 127  . ? 1_555 ? 
37 AC3 22 GLY A 186 ? GLY A 166  . ? 1_555 ? 
38 AC3 22 THR A 187 ? THR A 167  . ? 1_555 ? 
39 AC3 22 MET A 188 ? MET A 168  . ? 1_555 ? 
40 AC3 22 MG  B .   ? MG  A 200  . ? 1_555 ? 
41 AC3 22 ADP C .   ? ADP A 201  . ? 1_555 ? 
42 AC3 22 HOH E .   ? HOH A 2014 . ? 1_555 ? 
43 AC3 22 HOH E .   ? HOH A 2062 . ? 1_555 ? 
44 AC3 22 HOH E .   ? HOH A 2083 . ? 1_555 ? 
45 AC3 22 HOH E .   ? HOH A 2129 . ? 1_555 ? 
46 AC3 22 HOH E .   ? HOH A 2130 . ? 1_555 ? 
47 AC3 22 HOH E .   ? HOH A 2131 . ? 1_555 ? 
48 AC3 22 HOH E .   ? HOH A 2132 . ? 1_555 ? 
49 AC3 22 HOH E .   ? HOH A 2133 . ? 1_555 ? 
50 AC3 22 HOH E .   ? HOH A 2134 . ? 1_555 ? 
# 
_atom_sites.entry_id                    2CDN 
_atom_sites.fract_transf_matrix[1][1]   -0.00073568 
_atom_sites.fract_transf_matrix[1][2]   -0.02494011 
_atom_sites.fract_transf_matrix[1][3]   -0.01505786 
_atom_sites.fract_transf_matrix[2][1]   0.01142106 
_atom_sites.fract_transf_matrix[2][2]   -0.00558888 
_atom_sites.fract_transf_matrix[2][3]   0.00869878 
_atom_sites.fract_transf_matrix[3][1]   -0.01709472 
_atom_sites.fract_transf_matrix[3][2]   -0.01715545 
_atom_sites.fract_transf_matrix[3][3]   0.01142230 
_atom_sites.fract_transf_vector[1]      0.078466 
_atom_sites.fract_transf_vector[2]      0.012619 
_atom_sites.fract_transf_vector[3]      0.332603 
# 
loop_
_atom_type.symbol 
C  
MG 
N  
O  
P  
S  
# 
loop_
_atom_site.group_PDB 
_atom_site.id 
_atom_site.type_symbol 
_atom_site.label_atom_id 
_atom_site.label_alt_id 
_atom_site.label_comp_id 
_atom_site.label_asym_id 
_atom_site.label_entity_id 
_atom_site.label_seq_id 
_atom_site.pdbx_PDB_ins_code 
_atom_site.Cartn_x 
_atom_site.Cartn_y 
_atom_site.Cartn_z 
_atom_site.occupancy 
_atom_site.B_iso_or_equiv 
_atom_site.pdbx_formal_charge 
_atom_site.auth_seq_id 
_atom_site.auth_comp_id 
_atom_site.auth_asym_id 
_atom_site.auth_atom_id 
_atom_site.pdbx_PDB_model_num 
ATOM   1    N  N     . PRO A 1 16  ? -7.641  21.776  -14.619 1.00 36.38 ? -4   PRO A N     1 
ATOM   2    C  CA    . PRO A 1 16  ? -6.851  20.542  -14.715 1.00 36.39 ? -4   PRO A CA    1 
ATOM   3    C  C     . PRO A 1 16  ? -5.326  20.795  -14.567 1.00 36.43 ? -4   PRO A C     1 
ATOM   4    O  O     . PRO A 1 16  ? -4.781  21.712  -15.196 1.00 36.00 ? -4   PRO A O     1 
ATOM   5    C  CB    . PRO A 1 16  ? -7.238  19.990  -16.102 1.00 36.53 ? -4   PRO A CB    1 
ATOM   6    N  N     . ARG A 1 17  ? -4.666  19.966  -13.752 1.00 36.25 ? -3   ARG A N     1 
ATOM   7    C  CA    . ARG A 1 17  ? -3.334  20.267  -13.198 1.00 36.63 ? -3   ARG A CA    1 
ATOM   8    C  C     . ARG A 1 17  ? -2.163  19.330  -13.552 1.00 36.59 ? -3   ARG A C     1 
ATOM   9    O  O     . ARG A 1 17  ? -1.028  19.585  -13.129 1.00 37.41 ? -3   ARG A O     1 
ATOM   10   C  CB    . ARG A 1 17  ? -3.435  20.385  -11.654 1.00 36.86 ? -3   ARG A CB    1 
ATOM   11   N  N     . GLY A 1 18  ? -2.401  18.244  -14.287 1.00 36.33 ? -2   GLY A N     1 
ATOM   12   C  CA    . GLY A 1 18  ? -1.310  17.276  -14.565 1.00 35.85 ? -2   GLY A CA    1 
ATOM   13   C  C     . GLY A 1 18  ? -1.376  16.008  -13.710 1.00 35.55 ? -2   GLY A C     1 
ATOM   14   O  O     . GLY A 1 18  ? -2.090  15.965  -12.696 1.00 35.80 ? -2   GLY A O     1 
ATOM   15   N  N     . SER A 1 19  ? -0.636  14.975  -14.114 1.00 34.12 ? -1   SER A N     1 
ATOM   16   C  CA    . SER A 1 19  ? -0.798  13.628  -13.542 1.00 33.25 ? -1   SER A CA    1 
ATOM   17   C  C     . SER A 1 19  ? 0.386   13.182  -12.664 1.00 31.87 ? -1   SER A C     1 
ATOM   18   O  O     . SER A 1 19  ? 0.419   12.049  -12.182 1.00 31.55 ? -1   SER A O     1 
ATOM   19   C  CB    . SER A 1 19  ? -0.985  12.614  -14.673 1.00 33.53 ? -1   SER A CB    1 
ATOM   20   O  OG    . SER A 1 19  ? 0.228   12.451  -15.407 1.00 35.84 ? -1   SER A OG    1 
ATOM   21   N  N     . HIS A 1 20  ? 1.352   14.080  -12.469 1.00 30.32 ? 0    HIS A N     1 
ATOM   22   C  CA    . HIS A 1 20  ? 2.606   13.741  -11.792 1.00 29.22 ? 0    HIS A CA    1 
ATOM   23   C  C     . HIS A 1 20  ? 2.414   13.738  -10.268 1.00 28.27 ? 0    HIS A C     1 
ATOM   24   O  O     . HIS A 1 20  ? 2.930   14.616  -9.547  1.00 28.21 ? 0    HIS A O     1 
ATOM   25   C  CB    . HIS A 1 20  ? 3.727   14.702  -12.218 1.00 29.79 ? 0    HIS A CB    1 
ATOM   26   C  CG    . HIS A 1 20  ? 4.111   14.590  -13.667 1.00 30.93 ? 0    HIS A CG    1 
ATOM   27   N  ND1   . HIS A 1 20  ? 4.948   15.497  -14.288 1.00 34.98 ? 0    HIS A ND1   1 
ATOM   28   C  CD2   . HIS A 1 20  ? 3.772   13.686  -14.619 1.00 33.87 ? 0    HIS A CD2   1 
ATOM   29   C  CE1   . HIS A 1 20  ? 5.118   15.149  -15.552 1.00 33.92 ? 0    HIS A CE1   1 
ATOM   30   N  NE2   . HIS A 1 20  ? 4.412   14.056  -15.782 1.00 35.17 ? 0    HIS A NE2   1 
ATOM   31   N  N     . MET A 1 21  ? 1.671   12.750  -9.773  1.00 25.53 ? 1    MET A N     1 
ATOM   32   C  CA    . MET A 1 21  ? 1.272   12.794  -8.364  1.00 24.42 ? 1    MET A CA    1 
ATOM   33   C  C     . MET A 1 21  ? 1.871   11.685  -7.481  1.00 20.25 ? 1    MET A C     1 
ATOM   34   O  O     . MET A 1 21  ? 2.299   10.658  -7.971  1.00 18.53 ? 1    MET A O     1 
ATOM   35   C  CB    . MET A 1 21  ? -0.259  12.849  -8.217  1.00 23.73 ? 1    MET A CB    1 
ATOM   36   C  CG    . MET A 1 21  ? -1.060  11.860  -9.033  1.00 26.92 ? 1    MET A CG    1 
ATOM   37   S  SD    . MET A 1 21  ? -2.863  12.266  -8.966  1.00 31.90 ? 1    MET A SD    1 
ATOM   38   C  CE    . MET A 1 21  ? -3.048  13.381  -10.353 1.00 29.56 ? 1    MET A CE    1 
ATOM   39   N  N     . ARG A 1 22  ? 1.844   11.892  -6.173  1.00 17.48 ? 2    ARG A N     1 
ATOM   40   C  CA    . ARG A 1 22  ? 2.332   10.871  -5.228  1.00 16.94 ? 2    ARG A CA    1 
ATOM   41   C  C     . ARG A 1 22  ? 1.174   10.480  -4.329  1.00 15.89 ? 2    ARG A C     1 
ATOM   42   O  O     . ARG A 1 22  ? 0.678   11.300  -3.559  1.00 16.06 ? 2    ARG A O     1 
ATOM   43   C  CB    . ARG A 1 22  ? 3.545   11.382  -4.454  1.00 17.09 ? 2    ARG A CB    1 
ATOM   44   C  CG    . ARG A 1 22  ? 4.826   11.503  -5.318  1.00 15.50 ? 2    ARG A CG    1 
ATOM   45   C  CD    . ARG A 1 22  ? 5.917   12.333  -4.640  1.00 17.94 ? 2    ARG A CD    1 
ATOM   46   N  NE    . ARG A 1 22  ? 7.091   12.436  -5.523  1.00 22.34 ? 2    ARG A NE    1 
ATOM   47   C  CZ    . ARG A 1 22  ? 7.213   13.282  -6.563  1.00 21.89 ? 2    ARG A CZ    1 
ATOM   48   N  NH1   . ARG A 1 22  ? 6.256   14.154  -6.866  1.00 20.72 ? 2    ARG A NH1   1 
ATOM   49   N  NH2   . ARG A 1 22  ? 8.329   13.263  -7.299  1.00 22.89 ? 2    ARG A NH2   1 
ATOM   50   N  N     . VAL A 1 23  ? 0.714   9.239   -4.492  1.00 14.38 ? 3    VAL A N     1 
ATOM   51   C  CA    . VAL A 1 23  ? -0.549  8.753   -3.944  1.00 14.77 ? 3    VAL A CA    1 
ATOM   52   C  C     . VAL A 1 23  ? -0.292  7.568   -2.983  1.00 14.55 ? 3    VAL A C     1 
ATOM   53   O  O     . VAL A 1 23  ? 0.449   6.636   -3.333  1.00 16.15 ? 3    VAL A O     1 
ATOM   54   C  CB    . VAL A 1 23  ? -1.520  8.277   -5.073  1.00 14.52 ? 3    VAL A CB    1 
ATOM   55   C  CG1   . VAL A 1 23  ? -2.874  7.754   -4.476  1.00 14.97 ? 3    VAL A CG1   1 
ATOM   56   C  CG2   . VAL A 1 23  ? -1.789  9.380   -6.085  1.00 12.93 ? 3    VAL A CG2   1 
ATOM   57   N  N     . LEU A 1 24  ? -0.875  7.617   -1.779  1.00 14.84 ? 4    LEU A N     1 
ATOM   58   C  CA    . LEU A 1 24  ? -0.921  6.433   -0.895  1.00 14.27 ? 4    LEU A CA    1 
ATOM   59   C  C     . LEU A 1 24  ? -2.280  5.736   -1.011  1.00 15.18 ? 4    LEU A C     1 
ATOM   60   O  O     . LEU A 1 24  ? -3.333  6.399   -1.025  1.00 15.12 ? 4    LEU A O     1 
ATOM   61   C  CB    . LEU A 1 24  ? -0.660  6.818   0.584   1.00 14.57 ? 4    LEU A CB    1 
ATOM   62   C  CG    . LEU A 1 24  ? 0.599   7.652   0.855   1.00 15.58 ? 4    LEU A CG    1 
ATOM   63   C  CD1   . LEU A 1 24  ? 0.810   7.941   2.321   1.00 14.70 ? 4    LEU A CD1   1 
ATOM   64   C  CD2   . LEU A 1 24  ? 1.801   6.963   0.276   1.00 18.25 ? 4    LEU A CD2   1 
ATOM   65   N  N     . LEU A 1 25  ? -2.261  4.404   -1.123  1.00 15.38 ? 5    LEU A N     1 
ATOM   66   C  CA    . LEU A 1 25  ? -3.491  3.602   -0.976  1.00 15.99 ? 5    LEU A CA    1 
ATOM   67   C  C     . LEU A 1 25  ? -3.423  2.900   0.358   1.00 15.90 ? 5    LEU A C     1 
ATOM   68   O  O     . LEU A 1 25  ? -2.462  2.157   0.640   1.00 14.97 ? 5    LEU A O     1 
ATOM   69   C  CB    . LEU A 1 25  ? -3.663  2.567   -2.093  1.00 17.39 ? 5    LEU A CB    1 
ATOM   70   C  CG    . LEU A 1 25  ? -3.527  3.083   -3.544  1.00 16.18 ? 5    LEU A CG    1 
ATOM   71   C  CD1   . LEU A 1 25  ? -3.764  1.951   -4.521  1.00 19.80 ? 5    LEU A CD1   1 
ATOM   72   C  CD2   . LEU A 1 25  ? -4.497  4.240   -3.824  1.00 17.52 ? 5    LEU A CD2   1 
ATOM   73   N  N     . LEU A 1 26  ? -4.424  3.164   1.189   1.00 15.15 ? 6    LEU A N     1 
ATOM   74   C  CA    . LEU A 1 26  ? -4.507  2.596   2.521   1.00 15.42 ? 6    LEU A CA    1 
ATOM   75   C  C     . LEU A 1 26  ? -5.754  1.734   2.584   1.00 15.34 ? 6    LEU A C     1 
ATOM   76   O  O     . LEU A 1 26  ? -6.756  2.038   1.940   1.00 15.96 ? 6    LEU A O     1 
ATOM   77   C  CB    . LEU A 1 26  ? -4.649  3.694   3.571   1.00 15.59 ? 6    LEU A CB    1 
ATOM   78   C  CG    . LEU A 1 26  ? -3.526  4.740   3.635   1.00 16.76 ? 6    LEU A CG    1 
ATOM   79   C  CD1   . LEU A 1 26  ? -3.754  5.656   4.838   1.00 16.59 ? 6    LEU A CD1   1 
ATOM   80   C  CD2   . LEU A 1 26  ? -2.172  4.063   3.720   1.00 19.31 ? 6    LEU A CD2   1 
ATOM   81   N  N     . GLY A 1 27  ? -5.695  0.657   3.346   1.00 14.59 ? 7    GLY A N     1 
ATOM   82   C  CA    . GLY A 1 27  ? -6.848  -0.246  3.408   1.00 15.38 ? 7    GLY A CA    1 
ATOM   83   C  C     . GLY A 1 27  ? -6.474  -1.613  3.887   1.00 14.83 ? 7    GLY A C     1 
ATOM   84   O  O     . GLY A 1 27  ? -5.314  -2.016  3.809   1.00 14.09 ? 7    GLY A O     1 
ATOM   85   N  N     . PRO A 1 28  ? -7.456  -2.339  4.428   1.00 16.10 ? 8    PRO A N     1 
ATOM   86   C  CA    . PRO A 1 28  ? -7.186  -3.662  4.973   1.00 16.42 ? 8    PRO A CA    1 
ATOM   87   C  C     . PRO A 1 28  ? -6.804  -4.645  3.859   1.00 17.10 ? 8    PRO A C     1 
ATOM   88   O  O     . PRO A 1 28  ? -7.084  -4.354  2.672   1.00 17.23 ? 8    PRO A O     1 
ATOM   89   C  CB    . PRO A 1 28  ? -8.529  -4.047  5.605   1.00 16.71 ? 8    PRO A CB    1 
ATOM   90   C  CG    . PRO A 1 28  ? -9.553  -3.251  4.858   1.00 16.63 ? 8    PRO A CG    1 
ATOM   91   C  CD    . PRO A 1 28  ? -8.865  -1.941  4.581   1.00 15.12 ? 8    PRO A CD    1 
ATOM   92   N  N     . PRO A 1 29  ? -6.141  -5.768  4.217   1.00 17.48 ? 9    PRO A N     1 
ATOM   93   C  CA    . PRO A 1 29  ? -5.827  -6.844  3.261   1.00 17.52 ? 9    PRO A CA    1 
ATOM   94   C  C     . PRO A 1 29  ? -7.076  -7.283  2.506   1.00 17.33 ? 9    PRO A C     1 
ATOM   95   O  O     . PRO A 1 29  ? -8.132  -7.515  3.101   1.00 17.04 ? 9    PRO A O     1 
ATOM   96   C  CB    . PRO A 1 29  ? -5.275  -7.968  4.151   1.00 18.12 ? 9    PRO A CB    1 
ATOM   97   C  CG    . PRO A 1 29  ? -5.646  -7.573  5.586   1.00 18.46 ? 9    PRO A CG    1 
ATOM   98   C  CD    . PRO A 1 29  ? -5.610  -6.085  5.564   1.00 18.32 ? 9    PRO A CD    1 
ATOM   99   N  N     . GLY A 1 30  ? -6.966  -7.342  1.197   1.00 16.85 ? 10   GLY A N     1 
ATOM   100  C  CA    . GLY A 1 30  ? -8.101  -7.676  0.364   1.00 16.81 ? 10   GLY A CA    1 
ATOM   101  C  C     . GLY A 1 30  ? -8.915  -6.510  -0.143  1.00 16.37 ? 10   GLY A C     1 
ATOM   102  O  O     . GLY A 1 30  ? -9.873  -6.722  -0.877  1.00 17.00 ? 10   GLY A O     1 
ATOM   103  N  N     . ALA A 1 31  ? -8.560  -5.273  0.243   1.00 16.50 ? 11   ALA A N     1 
ATOM   104  C  CA    . ALA A 1 31  ? -9.396  -4.107  -0.105  1.00 15.25 ? 11   ALA A CA    1 
ATOM   105  C  C     . ALA A 1 31  ? -9.359  -3.776  -1.613  1.00 14.06 ? 11   ALA A C     1 
ATOM   106  O  O     . ALA A 1 31  ? -10.208 -3.028  -2.102  1.00 15.49 ? 11   ALA A O     1 
ATOM   107  C  CB    . ALA A 1 31  ? -8.998  -2.881  0.747   1.00 13.98 ? 11   ALA A CB    1 
ATOM   108  N  N     . GLY A 1 32  ? -8.437  -4.384  -2.355  1.00 13.58 ? 12   GLY A N     1 
ATOM   109  C  CA    . GLY A 1 32  ? -8.272  -4.138  -3.809  1.00 14.03 ? 12   GLY A CA    1 
ATOM   110  C  C     . GLY A 1 32  ? -7.174  -3.134  -4.145  1.00 14.95 ? 12   GLY A C     1 
ATOM   111  O  O     . GLY A 1 32  ? -7.161  -2.561  -5.238  1.00 14.48 ? 12   GLY A O     1 
ATOM   112  N  N     . LYS A 1 33  ? -6.264  -2.918  -3.193  1.00 15.28 ? 13   LYS A N     1 
ATOM   113  C  CA    . LYS A 1 33  ? -5.164  -1.925  -3.337  1.00 16.01 ? 13   LYS A CA    1 
ATOM   114  C  C     . LYS A 1 33  ? -4.205  -2.272  -4.493  1.00 16.03 ? 13   LYS A C     1 
ATOM   115  O  O     . LYS A 1 33  ? -3.900  -1.429  -5.332  1.00 16.49 ? 13   LYS A O     1 
ATOM   116  C  CB    . LYS A 1 33  ? -4.392  -1.801  -2.021  1.00 16.57 ? 13   LYS A CB    1 
ATOM   117  C  CG    . LYS A 1 33  ? -5.204  -1.228  -0.864  1.00 17.44 ? 13   LYS A CG    1 
ATOM   118  C  CD    . LYS A 1 33  ? -4.408  -1.104  0.438   1.00 16.27 ? 13   LYS A CD    1 
ATOM   119  C  CE    . LYS A 1 33  ? -3.655  -2.392  0.858   1.00 17.36 ? 13   LYS A CE    1 
ATOM   120  N  NZ    . LYS A 1 33  ? -4.534  -3.529  1.174   1.00 15.62 ? 13   LYS A NZ    1 
ATOM   121  N  N     . GLY A 1 34  ? -3.732  -3.516  -4.534  1.00 15.79 ? 14   GLY A N     1 
ATOM   122  C  CA    . GLY A 1 34  ? -2.852  -3.975  -5.627  1.00 16.45 ? 14   GLY A CA    1 
ATOM   123  C  C     . GLY A 1 34  ? -3.554  -3.827  -6.950  1.00 16.54 ? 14   GLY A C     1 
ATOM   124  O  O     . GLY A 1 34  ? -2.974  -3.347  -7.907  1.00 17.02 ? 14   GLY A O     1 
ATOM   125  N  N     . THR A 1 35  ? -4.825  -4.222  -6.974  1.00 16.66 ? 15   THR A N     1 
ATOM   126  C  CA    . THR A 1 35  ? -5.670  -4.166  -8.164  1.00 16.87 ? 15   THR A CA    1 
ATOM   127  C  C     . THR A 1 35  ? -5.802  -2.779  -8.769  1.00 16.82 ? 15   THR A C     1 
ATOM   128  O  O     . THR A 1 35  ? -5.581  -2.584  -9.981  1.00 16.79 ? 15   THR A O     1 
ATOM   129  C  CB    . THR A 1 35  ? -7.047  -4.732  -7.850  1.00 17.39 ? 15   THR A CB    1 
ATOM   130  O  OG1   . THR A 1 35  ? -6.917  -6.137  -7.630  1.00 17.85 ? 15   THR A OG1   1 
ATOM   131  C  CG2   . THR A 1 35  ? -8.007  -4.469  -8.987  1.00 19.23 ? 15   THR A CG2   1 
ATOM   132  N  N     . GLN A 1 36  ? -6.156  -1.812  -7.927  1.00 15.91 ? 16   GLN A N     1 
ATOM   133  C  CA    . GLN A 1 36  ? -6.316  -0.427  -8.361  1.00 16.13 ? 16   GLN A CA    1 
ATOM   134  C  C     . GLN A 1 36  ? -4.990  0.300   -8.584  1.00 16.40 ? 16   GLN A C     1 
ATOM   135  O  O     . GLN A 1 36  ? -4.918  1.196   -9.425  1.00 17.85 ? 16   GLN A O     1 
ATOM   136  C  CB    . GLN A 1 36  ? -7.202  0.322   -7.374  1.00 16.03 ? 16   GLN A CB    1 
ATOM   137  C  CG    . GLN A 1 36  ? -8.629  -0.254  -7.286  1.00 16.20 ? 16   GLN A CG    1 
ATOM   138  C  CD    . GLN A 1 36  ? -9.326  -0.203  -8.641  1.00 18.99 ? 16   GLN A CD    1 
ATOM   139  O  OE1   . GLN A 1 36  ? -9.028  0.672   -9.434  1.00 17.90 ? 16   GLN A OE1   1 
ATOM   140  N  NE2   . GLN A 1 36  ? -10.250 -1.141  -8.903  1.00 17.08 ? 16   GLN A NE2   1 
ATOM   141  N  N     . ALA A 1 37  ? -3.946  -0.073  -7.849  1.00 15.59 ? 17   ALA A N     1 
ATOM   142  C  CA    . ALA A 1 37  ? -2.636  0.550   -8.033  1.00 16.34 ? 17   ALA A CA    1 
ATOM   143  C  C     . ALA A 1 37  ? -2.110  0.306   -9.438  1.00 16.57 ? 17   ALA A C     1 
ATOM   144  O  O     . ALA A 1 37  ? -1.496  1.210   -10.026 1.00 17.46 ? 17   ALA A O     1 
ATOM   145  C  CB    . ALA A 1 37  ? -1.628  0.047   -7.007  1.00 14.85 ? 17   ALA A CB    1 
ATOM   146  N  N     . VAL A 1 38  ? -2.331  -0.900  -9.959  1.00 16.27 ? 18   VAL A N     1 
ATOM   147  C  CA    . VAL A 1 38  ? -1.911  -1.224  -11.343 1.00 17.25 ? 18   VAL A CA    1 
ATOM   148  C  C     . VAL A 1 38  ? -2.676  -0.395  -12.352 1.00 18.00 ? 18   VAL A C     1 
ATOM   149  O  O     . VAL A 1 38  ? -2.067  0.165   -13.288 1.00 19.47 ? 18   VAL A O     1 
ATOM   150  C  CB    . VAL A 1 38  ? -2.013  -2.737  -11.642 1.00 17.34 ? 18   VAL A CB    1 
ATOM   151  C  CG1   . VAL A 1 38  ? -1.659  -3.036  -13.094 1.00 18.02 ? 18   VAL A CG1   1 
ATOM   152  C  CG2   . VAL A 1 38  ? -1.035  -3.498  -10.750 1.00 14.83 ? 18   VAL A CG2   1 
ATOM   153  N  N     . LYS A 1 39  ? -3.988  -0.270  -12.136 1.00 17.60 ? 19   LYS A N     1 
ATOM   154  C  CA    . LYS A 1 39  ? -4.860  0.494   -13.035 1.00 18.11 ? 19   LYS A CA    1 
ATOM   155  C  C     . LYS A 1 39  ? -4.542  1.990   -12.978 1.00 17.71 ? 19   LYS A C     1 
ATOM   156  O  O     . LYS A 1 39  ? -4.527  2.670   -14.005 1.00 15.50 ? 19   LYS A O     1 
ATOM   157  C  CB    . LYS A 1 39  ? -6.331  0.241   -12.708 1.00 17.64 ? 19   LYS A CB    1 
ATOM   158  C  CG    . LYS A 1 39  ? -6.823  -1.181  -12.997 1.00 21.64 ? 19   LYS A CG    1 
ATOM   159  C  CD    . LYS A 1 39  ? -8.152  -1.412  -12.270 1.00 28.18 ? 19   LYS A CD    1 
ATOM   160  C  CE    . LYS A 1 39  ? -9.203  -2.101  -13.105 1.00 30.46 ? 19   LYS A CE    1 
ATOM   161  N  NZ    . LYS A 1 39  ? -9.329  -1.447  -14.447 1.00 33.69 ? 19   LYS A NZ    1 
ATOM   162  N  N     . LEU A 1 40  ? -4.276  2.499   -11.776 1.00 17.67 ? 20   LEU A N     1 
ATOM   163  C  CA    . LEU A 1 40  ? -3.962  3.918   -11.606 1.00 18.23 ? 20   LEU A CA    1 
ATOM   164  C  C     . LEU A 1 40  ? -2.588  4.233   -12.154 1.00 18.33 ? 20   LEU A C     1 
ATOM   165  O  O     . LEU A 1 40  ? -2.395  5.312   -12.724 1.00 19.72 ? 20   LEU A O     1 
ATOM   166  C  CB    . LEU A 1 40  ? -4.045  4.322   -10.136 1.00 18.47 ? 20   LEU A CB    1 
ATOM   167  C  CG    . LEU A 1 40  ? -5.453  4.362   -9.525  1.00 20.30 ? 20   LEU A CG    1 
ATOM   168  C  CD1   . LEU A 1 40  ? -5.312  4.426   -7.999  1.00 20.83 ? 20   LEU A CD1   1 
ATOM   169  C  CD2   . LEU A 1 40  ? -6.294  5.520   -10.076 1.00 22.34 ? 20   LEU A CD2   1 
ATOM   170  N  N     . ALA A 1 41  ? -1.643  3.301   -11.996 1.00 19.22 ? 21   ALA A N     1 
ATOM   171  C  CA    . ALA A 1 41  ? -0.290  3.484   -12.515 1.00 19.69 ? 21   ALA A CA    1 
ATOM   172  C  C     . ALA A 1 41  ? -0.338  3.645   -14.032 1.00 20.64 ? 21   ALA A C     1 
ATOM   173  O  O     . ALA A 1 41  ? 0.288   4.553   -14.607 1.00 20.22 ? 21   ALA A O     1 
ATOM   174  C  CB    . ALA A 1 41  ? 0.648   2.296   -12.102 1.00 19.27 ? 21   ALA A CB    1 
ATOM   175  N  N     . GLU A 1 42  ? -1.123  2.798   -14.676 1.00 21.28 ? 22   GLU A N     1 
ATOM   176  C  CA    . GLU A 1 42  ? -1.251  2.862   -16.134 1.00 22.50 ? 22   GLU A CA    1 
ATOM   177  C  C     . GLU A 1 42  ? -1.917  4.171   -16.602 1.00 23.50 ? 22   GLU A C     1 
ATOM   178  O  O     . GLU A 1 42  ? -1.430  4.848   -17.516 1.00 24.50 ? 22   GLU A O     1 
ATOM   179  C  CB    . GLU A 1 42  ? -1.985  1.612   -16.641 1.00 22.11 ? 22   GLU A CB    1 
ATOM   180  N  N     . LYS A 1 43  ? -3.003  4.557   -15.940 1.00 23.59 ? 23   LYS A N     1 
ATOM   181  C  CA    . LYS A 1 43  ? -3.735  5.744   -16.312 1.00 23.18 ? 23   LYS A CA    1 
ATOM   182  C  C     . LYS A 1 43  ? -2.886  7.017   -16.092 1.00 23.41 ? 23   LYS A C     1 
ATOM   183  O  O     . LYS A 1 43  ? -2.872  7.918   -16.939 1.00 22.34 ? 23   LYS A O     1 
ATOM   184  C  CB    . LYS A 1 43  ? -5.041  5.812   -15.514 1.00 23.57 ? 23   LYS A CB    1 
ATOM   185  C  CG    . LYS A 1 43  ? -5.837  7.121   -15.624 1.00 25.70 ? 23   LYS A CG    1 
ATOM   186  C  CD    . LYS A 1 43  ? -6.395  7.342   -17.021 1.00 30.67 ? 23   LYS A CD    1 
ATOM   187  C  CE    . LYS A 1 43  ? -7.616  6.477   -17.312 1.00 33.90 ? 23   LYS A CE    1 
ATOM   188  N  NZ    . LYS A 1 43  ? -7.991  6.510   -18.768 1.00 36.26 ? 23   LYS A NZ    1 
ATOM   189  N  N     . LEU A 1 44  ? -2.173  7.075   -14.965 1.00 21.82 ? 24   LEU A N     1 
ATOM   190  C  CA    . LEU A 1 44  ? -1.448  8.275   -14.576 1.00 21.86 ? 24   LEU A CA    1 
ATOM   191  C  C     . LEU A 1 44  ? -0.005  8.336   -15.115 1.00 21.59 ? 24   LEU A C     1 
ATOM   192  O  O     . LEU A 1 44  ? 0.626   9.395   -15.089 1.00 22.32 ? 24   LEU A O     1 
ATOM   193  C  CB    . LEU A 1 44  ? -1.483  8.421   -13.055 1.00 22.21 ? 24   LEU A CB    1 
ATOM   194  C  CG    . LEU A 1 44  ? -2.876  8.623   -12.442 1.00 22.46 ? 24   LEU A CG    1 
ATOM   195  C  CD1   . LEU A 1 44  ? -2.822  8.601   -10.913 1.00 23.48 ? 24   LEU A CD1   1 
ATOM   196  C  CD2   . LEU A 1 44  ? -3.518  9.915   -12.942 1.00 25.13 ? 24   LEU A CD2   1 
ATOM   197  N  N     . GLY A 1 45  ? 0.513   7.215   -15.592 1.00 21.09 ? 25   GLY A N     1 
ATOM   198  C  CA    . GLY A 1 45  ? 1.878   7.170   -16.149 1.00 21.22 ? 25   GLY A CA    1 
ATOM   199  C  C     . GLY A 1 45  ? 2.955   7.287   -15.079 1.00 21.23 ? 25   GLY A C     1 
ATOM   200  O  O     . GLY A 1 45  ? 3.976   7.949   -15.280 1.00 21.43 ? 25   GLY A O     1 
ATOM   201  N  N     . ILE A 1 46  ? 2.692   6.698   -13.909 1.00 20.37 ? 26   ILE A N     1 
ATOM   202  C  CA    . ILE A 1 46  ? 3.653   6.681   -12.778 1.00 19.47 ? 26   ILE A CA    1 
ATOM   203  C  C     . ILE A 1 46  ? 3.751   5.229   -12.270 1.00 18.61 ? 26   ILE A C     1 
ATOM   204  O  O     . ILE A 1 46  ? 2.800   4.450   -12.442 1.00 18.65 ? 26   ILE A O     1 
ATOM   205  C  CB    . ILE A 1 46  ? 3.215   7.630   -11.587 1.00 19.11 ? 26   ILE A CB    1 
ATOM   206  C  CG1   . ILE A 1 46  ? 1.826   7.275   -11.051 1.00 19.89 ? 26   ILE A CG1   1 
ATOM   207  C  CG2   . ILE A 1 46  ? 3.271   9.127   -11.961 1.00 18.80 ? 26   ILE A CG2   1 
ATOM   208  C  CD1   . ILE A 1 46  ? 1.292   8.254   -9.998  1.00 20.72 ? 26   ILE A CD1   1 
ATOM   209  N  N     . PRO A 1 47  ? 4.880   4.848   -11.630 1.00 17.89 ? 27   PRO A N     1 
ATOM   210  C  CA    . PRO A 1 47  ? 4.984   3.454   -11.199 1.00 17.54 ? 27   PRO A CA    1 
ATOM   211  C  C     . PRO A 1 47  ? 4.150   3.151   -9.949  1.00 17.87 ? 27   PRO A C     1 
ATOM   212  O  O     . PRO A 1 47  ? 3.953   4.023   -9.102  1.00 15.94 ? 27   PRO A O     1 
ATOM   213  C  CB    . PRO A 1 47  ? 6.475   3.276   -10.890 1.00 17.17 ? 27   PRO A CB    1 
ATOM   214  C  CG    . PRO A 1 47  ? 6.965   4.667   -10.559 1.00 18.41 ? 27   PRO A CG    1 
ATOM   215  C  CD    . PRO A 1 47  ? 6.092   5.632   -11.342 1.00 17.45 ? 27   PRO A CD    1 
ATOM   216  N  N     . GLN A 1 48  ? 3.657   1.927   -9.848  1.00 17.56 ? 28   GLN A N     1 
ATOM   217  C  CA    . GLN A 1 48  ? 3.150   1.490   -8.558  1.00 18.42 ? 28   GLN A CA    1 
ATOM   218  C  C     . GLN A 1 48  ? 4.251   0.745   -7.835  1.00 17.63 ? 28   GLN A C     1 
ATOM   219  O  O     . GLN A 1 48  ? 5.110   0.094   -8.465  1.00 17.20 ? 28   GLN A O     1 
ATOM   220  C  CB    . GLN A 1 48  ? 1.832   0.718   -8.684  1.00 20.17 ? 28   GLN A CB    1 
ATOM   221  C  CG    . GLN A 1 48  ? 1.828   -0.451  -9.631  1.00 24.33 ? 28   GLN A CG    1 
ATOM   222  C  CD    . GLN A 1 48  ? 2.302   -1.705  -8.952  1.00 31.95 ? 28   GLN A CD    1 
ATOM   223  O  OE1   . GLN A 1 48  ? 2.290   -1.793  -7.724  1.00 33.86 ? 28   GLN A OE1   1 
ATOM   224  N  NE2   . GLN A 1 48  ? 2.773   -2.672  -9.745  1.00 35.81 ? 28   GLN A NE2   1 
ATOM   225  N  N     . ILE A 1 49  ? 4.288   0.913   -6.523  1.00 16.86 ? 29   ILE A N     1 
ATOM   226  C  CA    . ILE A 1 49  ? 5.323   0.355   -5.660  1.00 17.27 ? 29   ILE A CA    1 
ATOM   227  C  C     . ILE A 1 49  ? 4.599   -0.385  -4.527  1.00 17.14 ? 29   ILE A C     1 
ATOM   228  O  O     . ILE A 1 49  ? 3.888   0.238   -3.730  1.00 15.64 ? 29   ILE A O     1 
ATOM   229  C  CB    . ILE A 1 49  ? 6.260   1.471   -5.074  1.00 17.58 ? 29   ILE A CB    1 
ATOM   230  C  CG1   . ILE A 1 49  ? 7.044   2.156   -6.210  1.00 18.30 ? 29   ILE A CG1   1 
ATOM   231  C  CG2   . ILE A 1 49  ? 7.207   0.908   -3.970  1.00 19.22 ? 29   ILE A CG2   1 
ATOM   232  C  CD1   . ILE A 1 49  ? 7.796   3.437   -5.766  1.00 19.49 ? 29   ILE A CD1   1 
ATOM   233  N  N     . SER A 1 50  ? 4.738   -1.707  -4.514  1.00 16.22 ? 30   SER A N     1 
ATOM   234  C  CA    . SER A 1 50  ? 4.142   -2.535  -3.453  1.00 16.90 ? 30   SER A CA    1 
ATOM   235  C  C     . SER A 1 50  ? 5.248   -3.107  -2.591  1.00 16.81 ? 30   SER A C     1 
ATOM   236  O  O     . SER A 1 50  ? 6.143   -3.833  -3.104  1.00 16.76 ? 30   SER A O     1 
ATOM   237  C  CB    . SER A 1 50  ? 3.323   -3.659  -4.055  1.00 17.32 ? 30   SER A CB    1 
ATOM   238  O  OG    . SER A 1 50  ? 3.042   -4.672  -3.087  1.00 17.23 ? 30   SER A OG    1 
ATOM   239  N  N     . THR A 1 51  ? 5.225   -2.770  -1.301  1.00 15.88 ? 31   THR A N     1 
ATOM   240  C  CA    . THR A 1 51  ? 6.173   -3.339  -0.349  1.00 15.62 ? 31   THR A CA    1 
ATOM   241  C  C     . THR A 1 51  ? 6.030   -4.874  -0.210  1.00 16.07 ? 31   THR A C     1 
ATOM   242  O  O     . THR A 1 51  ? 7.047   -5.574  -0.116  1.00 15.13 ? 31   THR A O     1 
ATOM   243  C  CB    . THR A 1 51  ? 6.096   -2.669  1.037   1.00 16.46 ? 31   THR A CB    1 
ATOM   244  O  OG1   . THR A 1 51  ? 4.752   -2.235  1.276   1.00 15.98 ? 31   THR A OG1   1 
ATOM   245  C  CG2   . THR A 1 51  ? 7.000   -1.464  1.078   1.00 13.62 ? 31   THR A CG2   1 
ATOM   246  N  N     . GLY A 1 52  ? 4.794   -5.382  -0.176  1.00 15.70 ? 32   GLY A N     1 
ATOM   247  C  CA    . GLY A 1 52  ? 4.543   -6.863  -0.256  1.00 17.25 ? 32   GLY A CA    1 
ATOM   248  C  C     . GLY A 1 52  ? 5.239   -7.502  -1.473  1.00 17.87 ? 32   GLY A C     1 
ATOM   249  O  O     . GLY A 1 52  ? 5.963   -8.501  -1.342  1.00 17.59 ? 32   GLY A O     1 
ATOM   250  N  N     . GLU A 1 53  ? 5.052   -6.921  -2.652  1.00 17.79 ? 33   GLU A N     1 
ATOM   251  C  CA    . GLU A 1 53  ? 5.775   -7.392  -3.848  1.00 19.93 ? 33   GLU A CA    1 
ATOM   252  C  C     . GLU A 1 53  ? 7.313   -7.379  -3.723  1.00 19.62 ? 33   GLU A C     1 
ATOM   253  O  O     . GLU A 1 53  ? 7.992   -8.343  -4.122  1.00 19.31 ? 33   GLU A O     1 
ATOM   254  C  CB    . GLU A 1 53  ? 5.309   -6.651  -5.123  1.00 20.93 ? 33   GLU A CB    1 
ATOM   255  C  CG    . GLU A 1 53  ? 5.584   -7.443  -6.415  1.00 28.64 ? 33   GLU A CG    1 
ATOM   256  C  CD    . GLU A 1 53  ? 5.368   -8.963  -6.233  1.00 36.67 ? 33   GLU A CD    1 
ATOM   257  O  OE1   . GLU A 1 53  ? 4.191   -9.399  -6.122  1.00 40.79 ? 33   GLU A OE1   1 
ATOM   258  O  OE2   . GLU A 1 53  ? 6.385   -9.719  -6.172  1.00 40.68 ? 33   GLU A OE2   1 
ATOM   259  N  N     . LEU A 1 54  ? 7.874   -6.310  -3.153  1.00 18.45 ? 34   LEU A N     1 
ATOM   260  C  CA    . LEU A 1 54  ? 9.333   -6.217  -2.971  1.00 18.21 ? 34   LEU A CA    1 
ATOM   261  C  C     . LEU A 1 54  ? 9.879   -7.231  -1.983  1.00 17.80 ? 34   LEU A C     1 
ATOM   262  O  O     . LEU A 1 54  ? 10.974  -7.774  -2.177  1.00 17.79 ? 34   LEU A O     1 
ATOM   263  C  CB    . LEU A 1 54  ? 9.756   -4.818  -2.524  1.00 18.15 ? 34   LEU A CB    1 
ATOM   264  C  CG    . LEU A 1 54  ? 9.551   -3.694  -3.542  1.00 18.04 ? 34   LEU A CG    1 
ATOM   265  C  CD1   . LEU A 1 54  ? 9.844   -2.425  -2.764  1.00 20.76 ? 34   LEU A CD1   1 
ATOM   266  C  CD2   . LEU A 1 54  ? 10.511  -3.881  -4.706  1.00 22.10 ? 34   LEU A CD2   1 
ATOM   267  N  N     . PHE A 1 55  ? 9.139   -7.468  -0.908  1.00 17.75 ? 35   PHE A N     1 
ATOM   268  C  CA    . PHE A 1 55  ? 9.561   -8.502  0.027   1.00 17.44 ? 35   PHE A CA    1 
ATOM   269  C  C     . PHE A 1 55  ? 9.479   -9.862  -0.646  1.00 17.60 ? 35   PHE A C     1 
ATOM   270  O  O     . PHE A 1 55  ? 10.385  -10.683 -0.497  1.00 16.95 ? 35   PHE A O     1 
ATOM   271  C  CB    . PHE A 1 55  ? 8.711   -8.495  1.283   1.00 17.14 ? 35   PHE A CB    1 
ATOM   272  C  CG    . PHE A 1 55  ? 9.064   -7.406  2.261   1.00 17.36 ? 35   PHE A CG    1 
ATOM   273  C  CD1   . PHE A 1 55  ? 10.363  -7.268  2.764   1.00 17.83 ? 35   PHE A CD1   1 
ATOM   274  C  CD2   . PHE A 1 55  ? 8.078   -6.543  2.711   1.00 19.55 ? 35   PHE A CD2   1 
ATOM   275  C  CE1   . PHE A 1 55  ? 10.678  -6.262  3.686   1.00 18.79 ? 35   PHE A CE1   1 
ATOM   276  C  CE2   . PHE A 1 55  ? 8.379   -5.532  3.650   1.00 18.33 ? 35   PHE A CE2   1 
ATOM   277  C  CZ    . PHE A 1 55  ? 9.666   -5.398  4.138   1.00 14.90 ? 35   PHE A CZ    1 
ATOM   278  N  N     . ARG A 1 56  ? 8.395   -10.101 -1.377  1.00 18.08 ? 36   ARG A N     1 
ATOM   279  C  CA    . ARG A 1 56  ? 8.240   -11.401 -2.059  1.00 19.63 ? 36   ARG A CA    1 
ATOM   280  C  C     . ARG A 1 56  ? 9.344   -11.673 -3.098  1.00 20.04 ? 36   ARG A C     1 
ATOM   281  O  O     . ARG A 1 56  ? 9.792   -12.815 -3.249  1.00 20.73 ? 36   ARG A O     1 
ATOM   282  C  CB    . ARG A 1 56  ? 6.824   -11.559 -2.626  1.00 19.42 ? 36   ARG A CB    1 
ATOM   283  C  CG    . ARG A 1 56  ? 5.767   -11.826 -1.483  1.00 19.29 ? 36   ARG A CG    1 
ATOM   284  C  CD    . ARG A 1 56  ? 4.361   -12.246 -2.001  1.00 20.00 ? 36   ARG A CD    1 
ATOM   285  N  NE    . ARG A 1 56  ? 3.775   -11.244 -2.877  1.00 22.99 ? 36   ARG A NE    1 
ATOM   286  C  CZ    . ARG A 1 56  ? 2.969   -10.246 -2.473  1.00 24.79 ? 36   ARG A CZ    1 
ATOM   287  N  NH1   . ARG A 1 56  ? 2.600   -10.129 -1.190  1.00 20.76 ? 36   ARG A NH1   1 
ATOM   288  N  NH2   . ARG A 1 56  ? 2.514   -9.370  -3.365  1.00 21.22 ? 36   ARG A NH2   1 
ATOM   289  N  N     . ARG A 1 57  ? 9.802   -10.634 -3.790  1.00 19.90 ? 37   ARG A N     1 
ATOM   290  C  CA    . ARG A 1 57  ? 10.933  -10.776 -4.710  1.00 20.38 ? 37   ARG A CA    1 
ATOM   291  C  C     . ARG A 1 57  ? 12.227  -11.093 -3.993  1.00 20.35 ? 37   ARG A C     1 
ATOM   292  O  O     . ARG A 1 57  ? 13.047  -11.874 -4.506  1.00 19.15 ? 37   ARG A O     1 
ATOM   293  C  CB    . ARG A 1 57  ? 11.129  -9.527  -5.571  1.00 20.79 ? 37   ARG A CB    1 
ATOM   294  C  CG    . ARG A 1 57  ? 9.919   -9.203  -6.423  1.00 24.99 ? 37   ARG A CG    1 
ATOM   295  C  CD    . ARG A 1 57  ? 10.310  -8.533  -7.751  1.00 33.92 ? 37   ARG A CD    1 
ATOM   296  N  NE    . ARG A 1 57  ? 9.341   -8.855  -8.815  1.00 41.33 ? 37   ARG A NE    1 
ATOM   297  C  CZ    . ARG A 1 57  ? 9.038   -10.091 -9.230  1.00 44.58 ? 37   ARG A CZ    1 
ATOM   298  N  NH1   . ARG A 1 57  ? 9.603   -11.152 -8.673  1.00 46.06 ? 37   ARG A NH1   1 
ATOM   299  N  NH2   . ARG A 1 57  ? 8.158   -10.272 -10.210 1.00 46.32 ? 37   ARG A NH2   1 
ATOM   300  N  N     . ASN A 1 58  ? 12.432  -10.459 -2.835  1.00 20.47 ? 38   ASN A N     1 
ATOM   301  C  CA    . ASN A 1 58  ? 13.618  -10.705 -2.014  1.00 21.73 ? 38   ASN A CA    1 
ATOM   302  C  C     . ASN A 1 58  ? 13.653  -12.142 -1.531  1.00 22.83 ? 38   ASN A C     1 
ATOM   303  O  O     . ASN A 1 58  ? 14.720  -12.810 -1.556  1.00 21.80 ? 38   ASN A O     1 
ATOM   304  C  CB    . ASN A 1 58  ? 13.684  -9.735  -0.833  1.00 21.70 ? 38   ASN A CB    1 
ATOM   305  C  CG    . ASN A 1 58  ? 14.464  -8.485  -1.161  1.00 20.93 ? 38   ASN A CG    1 
ATOM   306  O  OD1   . ASN A 1 58  ? 15.684  -8.462  -1.066  1.00 21.88 ? 38   ASN A OD1   1 
ATOM   307  N  ND2   . ASN A 1 58  ? 13.761  -7.439  -1.552  1.00 21.94 ? 38   ASN A ND2   1 
ATOM   308  N  N     . ILE A 1 59  ? 12.469  -12.608 -1.134  1.00 23.51 ? 39   ILE A N     1 
ATOM   309  C  CA    . ILE A 1 59  ? 12.256  -13.977 -0.696  1.00 25.57 ? 39   ILE A CA    1 
ATOM   310  C  C     . ILE A 1 59  ? 12.616  -14.930 -1.841  1.00 27.20 ? 39   ILE A C     1 
ATOM   311  O  O     . ILE A 1 59  ? 13.449  -15.806 -1.641  1.00 28.21 ? 39   ILE A O     1 
ATOM   312  C  CB    . ILE A 1 59  ? 10.815  -14.204 -0.129  1.00 24.94 ? 39   ILE A CB    1 
ATOM   313  C  CG1   . ILE A 1 59  ? 10.668  -13.536 1.247   1.00 25.21 ? 39   ILE A CG1   1 
ATOM   314  C  CG2   . ILE A 1 59  ? 10.533  -15.700 0.064   1.00 26.34 ? 39   ILE A CG2   1 
ATOM   315  C  CD1   . ILE A 1 59  ? 9.229   -13.260 1.694   1.00 24.85 ? 39   ILE A CD1   1 
ATOM   316  N  N     . GLU A 1 60  ? 12.078  -14.712 -3.045  1.00 28.90 ? 40   GLU A N     1 
ATOM   317  C  CA    . GLU A 1 60  ? 12.313  -15.644 -4.159  1.00 31.10 ? 40   GLU A CA    1 
ATOM   318  C  C     . GLU A 1 60  ? 13.720  -15.611 -4.768  1.00 31.40 ? 40   GLU A C     1 
ATOM   319  O  O     . GLU A 1 60  ? 14.121  -16.574 -5.440  1.00 31.65 ? 40   GLU A O     1 
ATOM   320  C  CB    . GLU A 1 60  ? 11.234  -15.544 -5.249  1.00 30.85 ? 40   GLU A CB    1 
ATOM   321  C  CG    . GLU A 1 60  ? 11.473  -14.467 -6.301  1.00 33.38 ? 40   GLU A CG    1 
ATOM   322  C  CD    . GLU A 1 60  ? 10.593  -14.622 -7.549  1.00 34.19 ? 40   GLU A CD    1 
ATOM   323  O  OE1   . GLU A 1 60  ? 9.636   -15.442 -7.540  1.00 38.76 ? 40   GLU A OE1   1 
ATOM   324  O  OE2   . GLU A 1 60  ? 10.868  -13.913 -8.546  1.00 36.58 ? 40   GLU A OE2   1 
ATOM   325  N  N     . GLU A 1 61  ? 14.457  -14.519 -4.558  1.00 31.20 ? 41   GLU A N     1 
ATOM   326  C  CA    . GLU A 1 61  ? 15.868  -14.480 -4.965  1.00 31.93 ? 41   GLU A CA    1 
ATOM   327  C  C     . GLU A 1 61  ? 16.794  -14.931 -3.814  1.00 31.26 ? 41   GLU A C     1 
ATOM   328  O  O     . GLU A 1 61  ? 18.016  -15.030 -3.988  1.00 31.88 ? 41   GLU A O     1 
ATOM   329  C  CB    . GLU A 1 61  ? 16.267  -13.091 -5.496  1.00 32.22 ? 41   GLU A CB    1 
ATOM   330  C  CG    . GLU A 1 61  ? 15.400  -12.548 -6.666  1.00 34.40 ? 41   GLU A CG    1 
ATOM   331  C  CD    . GLU A 1 61  ? 15.703  -13.162 -8.044  1.00 38.42 ? 41   GLU A CD    1 
ATOM   332  O  OE1   . GLU A 1 61  ? 14.800  -13.121 -8.912  1.00 39.80 ? 41   GLU A OE1   1 
ATOM   333  O  OE2   . GLU A 1 61  ? 16.827  -13.665 -8.281  1.00 38.46 ? 41   GLU A OE2   1 
ATOM   334  N  N     . GLY A 1 62  ? 16.199  -15.192 -2.649  1.00 30.24 ? 42   GLY A N     1 
ATOM   335  C  CA    . GLY A 1 62  ? 16.906  -15.663 -1.465  1.00 29.57 ? 42   GLY A CA    1 
ATOM   336  C  C     . GLY A 1 62  ? 17.975  -14.705 -0.963  1.00 29.42 ? 42   GLY A C     1 
ATOM   337  O  O     . GLY A 1 62  ? 19.089  -15.127 -0.620  1.00 29.08 ? 42   GLY A O     1 
ATOM   338  N  N     . THR A 1 63  ? 17.639  -13.415 -0.925  1.00 28.34 ? 43   THR A N     1 
ATOM   339  C  CA    . THR A 1 63  ? 18.518  -12.410 -0.345  1.00 27.86 ? 43   THR A CA    1 
ATOM   340  C  C     . THR A 1 63  ? 18.513  -12.544 1.187   1.00 27.95 ? 43   THR A C     1 
ATOM   341  O  O     . THR A 1 63  ? 17.650  -13.199 1.754   1.00 27.01 ? 43   THR A O     1 
ATOM   342  C  CB    . THR A 1 63  ? 18.117  -10.966 -0.771  1.00 28.34 ? 43   THR A CB    1 
ATOM   343  O  OG1   . THR A 1 63  ? 16.870  -10.600 -0.153  1.00 28.07 ? 43   THR A OG1   1 
ATOM   344  C  CG2   . THR A 1 63  ? 17.986  -10.854 -2.303  1.00 27.94 ? 43   THR A CG2   1 
ATOM   345  N  N     . LYS A 1 64  ? 19.490  -11.930 1.842   1.00 28.22 ? 44   LYS A N     1 
ATOM   346  C  CA    . LYS A 1 64  ? 19.531  -11.873 3.307   1.00 28.88 ? 44   LYS A CA    1 
ATOM   347  C  C     . LYS A 1 64  ? 18.277  -11.167 3.897   1.00 27.99 ? 44   LYS A C     1 
ATOM   348  O  O     . LYS A 1 64  ? 17.764  -11.575 4.948   1.00 28.11 ? 44   LYS A O     1 
ATOM   349  C  CB    . LYS A 1 64  ? 20.789  -11.142 3.759   1.00 28.95 ? 44   LYS A CB    1 
ATOM   350  C  CG    . LYS A 1 64  ? 22.022  -12.018 3.932   1.00 32.35 ? 44   LYS A CG    1 
ATOM   351  C  CD    . LYS A 1 64  ? 23.211  -11.127 4.327   1.00 34.03 ? 44   LYS A CD    1 
ATOM   352  C  CE    . LYS A 1 64  ? 24.496  -11.934 4.497   1.00 34.60 ? 44   LYS A CE    1 
ATOM   353  N  NZ    . LYS A 1 64  ? 25.690  -11.008 4.491   1.00 35.11 ? 44   LYS A NZ    1 
ATOM   354  N  N     . LEU A 1 65  ? 17.804  -10.112 3.233   1.00 27.38 ? 45   LEU A N     1 
ATOM   355  C  CA    . LEU A 1 65  ? 16.526  -9.468  3.610   1.00 26.71 ? 45   LEU A CA    1 
ATOM   356  C  C     . LEU A 1 65  ? 15.340  -10.428 3.467   1.00 26.35 ? 45   LEU A C     1 
ATOM   357  O  O     . LEU A 1 65  ? 14.495  -10.535 4.384   1.00 25.01 ? 45   LEU A O     1 
ATOM   358  C  CB    . LEU A 1 65  ? 16.290  -8.198  2.802   1.00 26.89 ? 45   LEU A CB    1 
ATOM   359  C  CG    . LEU A 1 65  ? 14.952  -7.456  2.937   1.00 26.59 ? 45   LEU A CG    1 
ATOM   360  C  CD1   . LEU A 1 65  ? 14.722  -6.979  4.378   1.00 27.36 ? 45   LEU A CD1   1 
ATOM   361  C  CD2   . LEU A 1 65  ? 14.957  -6.281  1.978   1.00 28.04 ? 45   LEU A CD2   1 
ATOM   362  N  N     . GLY A 1 66  ? 15.278  -11.118 2.327   1.00 25.91 ? 46   GLY A N     1 
ATOM   363  C  CA    . GLY A 1 66  ? 14.260  -12.144 2.070   1.00 25.65 ? 46   GLY A CA    1 
ATOM   364  C  C     . GLY A 1 66  ? 14.194  -13.199 3.167   1.00 25.59 ? 46   GLY A C     1 
ATOM   365  O  O     . GLY A 1 66  ? 13.130  -13.509 3.716   1.00 25.21 ? 46   GLY A O     1 
ATOM   366  N  N     . VAL A 1 67  ? 15.352  -13.735 3.516   1.00 25.90 ? 47   VAL A N     1 
ATOM   367  C  CA    . VAL A 1 67  ? 15.430  -14.718 4.580   1.00 24.91 ? 47   VAL A CA    1 
ATOM   368  C  C     . VAL A 1 67  ? 14.858  -14.163 5.900   1.00 24.43 ? 47   VAL A C     1 
ATOM   369  O  O     . VAL A 1 67  ? 14.016  -14.805 6.520   1.00 24.62 ? 47   VAL A O     1 
ATOM   370  C  CB    . VAL A 1 67  ? 16.861  -15.250 4.729   1.00 25.47 ? 47   VAL A CB    1 
ATOM   371  C  CG1   . VAL A 1 67  ? 16.994  -16.125 5.986   1.00 26.34 ? 47   VAL A CG1   1 
ATOM   372  C  CG2   . VAL A 1 67  ? 17.267  -16.015 3.450   1.00 25.38 ? 47   VAL A CG2   1 
ATOM   373  N  N     . GLU A 1 68  ? 15.253  -12.957 6.297   1.00 23.73 ? 48   GLU A N     1 
ATOM   374  C  CA    . GLU A 1 68  ? 14.707  -12.393 7.540   1.00 23.35 ? 48   GLU A CA    1 
ATOM   375  C  C     . GLU A 1 68  ? 13.218  -11.953 7.411   1.00 21.61 ? 48   GLU A C     1 
ATOM   376  O  O     . GLU A 1 68  ? 12.445  -12.108 8.357   1.00 21.22 ? 48   GLU A O     1 
ATOM   377  C  CB    . GLU A 1 68  ? 15.569  -11.256 8.064   1.00 23.47 ? 48   GLU A CB    1 
ATOM   378  C  CG    . GLU A 1 68  ? 15.102  -10.781 9.450   1.00 28.02 ? 48   GLU A CG    1 
ATOM   379  C  CD    . GLU A 1 68  ? 16.002  -9.738  10.081  1.00 31.38 ? 48   GLU A CD    1 
ATOM   380  O  OE1   . GLU A 1 68  ? 16.787  -9.093  9.357   1.00 32.89 ? 48   GLU A OE1   1 
ATOM   381  O  OE2   . GLU A 1 68  ? 15.917  -9.554  11.317  1.00 36.79 ? 48   GLU A OE2   1 
ATOM   382  N  N     . ALA A 1 69  ? 12.804  -11.454 6.241   1.00 20.49 ? 49   ALA A N     1 
ATOM   383  C  CA    . ALA A 1 69  ? 11.424  -10.984 6.083   1.00 19.23 ? 49   ALA A CA    1 
ATOM   384  C  C     . ALA A 1 69  ? 10.388  -12.113 6.070   1.00 19.70 ? 49   ALA A C     1 
ATOM   385  O  O     . ALA A 1 69  ? 9.255   -11.926 6.487   1.00 18.40 ? 49   ALA A O     1 
ATOM   386  C  CB    . ALA A 1 69  ? 11.286  -10.121 4.839   1.00 19.99 ? 49   ALA A CB    1 
ATOM   387  N  N     . LYS A 1 70  ? 10.790  -13.289 5.598   1.00 20.24 ? 50   LYS A N     1 
ATOM   388  C  CA    . LYS A 1 70  ? 9.847   -14.400 5.377   1.00 21.06 ? 50   LYS A CA    1 
ATOM   389  C  C     . LYS A 1 70  ? 9.074   -14.866 6.626   1.00 20.14 ? 50   LYS A C     1 
ATOM   390  O  O     . LYS A 1 70  ? 7.912   -15.183 6.530   1.00 20.26 ? 50   LYS A O     1 
ATOM   391  C  CB    . LYS A 1 70  ? 10.558  -15.576 4.694   1.00 21.71 ? 50   LYS A CB    1 
ATOM   392  C  CG    . LYS A 1 70  ? 9.637   -16.717 4.265   1.00 23.61 ? 50   LYS A CG    1 
ATOM   393  C  CD    . LYS A 1 70  ? 10.467  -17.858 3.719   1.00 27.71 ? 50   LYS A CD    1 
ATOM   394  C  CE    . LYS A 1 70  ? 9.694   -19.187 3.783   1.00 29.85 ? 50   LYS A CE    1 
ATOM   395  N  NZ    . LYS A 1 70  ? 8.435   -19.173 3.009   1.00 27.71 ? 50   LYS A NZ    1 
ATOM   396  N  N     . ARG A 1 71  ? 9.728   -14.911 7.778   1.00 19.80 ? 51   ARG A N     1 
ATOM   397  C  CA    . ARG A 1 71  ? 9.057   -15.263 9.030   1.00 19.63 ? 51   ARG A CA    1 
ATOM   398  C  C     . ARG A 1 71  ? 7.859   -14.317 9.271   1.00 19.46 ? 51   ARG A C     1 
ATOM   399  O  O     . ARG A 1 71  ? 6.765   -14.737 9.664   1.00 20.38 ? 51   ARG A O     1 
ATOM   400  C  CB    . ARG A 1 71  ? 10.042  -15.160 10.201  1.00 19.74 ? 51   ARG A CB    1 
ATOM   401  N  N     . TYR A 1 72  ? 8.080   -13.035 9.033   1.00 18.16 ? 52   TYR A N     1 
ATOM   402  C  CA    . TYR A 1 72  ? 7.012   -12.054 9.214   1.00 18.12 ? 52   TYR A CA    1 
ATOM   403  C  C     . TYR A 1 72  ? 5.917   -12.185 8.174   1.00 17.83 ? 52   TYR A C     1 
ATOM   404  O  O     . TYR A 1 72  ? 4.755   -12.269 8.549   1.00 18.04 ? 52   TYR A O     1 
ATOM   405  C  CB    . TYR A 1 72  ? 7.570   -10.635 9.274   1.00 17.63 ? 52   TYR A CB    1 
ATOM   406  C  CG    . TYR A 1 72  ? 8.649   -10.468 10.321  1.00 18.08 ? 52   TYR A CG    1 
ATOM   407  C  CD1   . TYR A 1 72  ? 9.999   -10.614 9.984   1.00 15.89 ? 52   TYR A CD1   1 
ATOM   408  C  CD2   . TYR A 1 72  ? 8.319   -10.157 11.650  1.00 18.16 ? 52   TYR A CD2   1 
ATOM   409  C  CE1   . TYR A 1 72  ? 11.011  -10.459 10.965  1.00 19.42 ? 52   TYR A CE1   1 
ATOM   410  C  CE2   . TYR A 1 72  ? 9.326   -9.988  12.631  1.00 17.79 ? 52   TYR A CE2   1 
ATOM   411  C  CZ    . TYR A 1 72  ? 10.661  -10.146 12.271  1.00 18.47 ? 52   TYR A CZ    1 
ATOM   412  O  OH    . TYR A 1 72  ? 11.640  -9.951  13.228  1.00 16.76 ? 52   TYR A OH    1 
ATOM   413  N  N     . LEU A 1 73  ? 6.257   -12.256 6.883   1.00 17.39 ? 53   LEU A N     1 
ATOM   414  C  CA    . LEU A 1 73  ? 5.214   -12.425 5.870   1.00 18.31 ? 53   LEU A CA    1 
ATOM   415  C  C     . LEU A 1 73  ? 4.370   -13.675 6.070   1.00 18.50 ? 53   LEU A C     1 
ATOM   416  O  O     . LEU A 1 73  ? 3.134   -13.630 5.922   1.00 16.95 ? 53   LEU A O     1 
ATOM   417  C  CB    . LEU A 1 73  ? 5.766   -12.525 4.452   1.00 18.95 ? 53   LEU A CB    1 
ATOM   418  C  CG    . LEU A 1 73  ? 6.577   -11.447 3.747   1.00 22.05 ? 53   LEU A CG    1 
ATOM   419  C  CD1   . LEU A 1 73  ? 5.977   -10.977 2.424   1.00 21.31 ? 53   LEU A CD1   1 
ATOM   420  C  CD2   . LEU A 1 73  ? 7.137   -10.379 4.699   1.00 19.92 ? 53   LEU A CD2   1 
ATOM   421  N  N     . ASP A 1 74  ? 5.034   -14.791 6.394   1.00 18.44 ? 54   ASP A N     1 
ATOM   422  C  CA    . ASP A 1 74  ? 4.302   -16.063 6.522   1.00 19.46 ? 54   ASP A CA    1 
ATOM   423  C  C     . ASP A 1 74  ? 3.235   -16.006 7.605   1.00 18.54 ? 54   ASP A C     1 
ATOM   424  O  O     . ASP A 1 74  ? 2.197   -16.653 7.490   1.00 19.27 ? 54   ASP A O     1 
ATOM   425  C  CB    . ASP A 1 74  ? 5.272   -17.213 6.811   1.00 20.22 ? 54   ASP A CB    1 
ATOM   426  C  CG    . ASP A 1 74  ? 6.028   -17.678 5.550   1.00 23.38 ? 54   ASP A CG    1 
ATOM   427  O  OD1   . ASP A 1 74  ? 5.696   -17.254 4.410   1.00 26.31 ? 54   ASP A OD1   1 
ATOM   428  O  OD2   . ASP A 1 74  ? 6.962   -18.477 5.720   1.00 28.16 ? 54   ASP A OD2   1 
ATOM   429  N  N     . ALA A 1 75  ? 3.505   -15.242 8.661   1.00 18.24 ? 55   ALA A N     1 
ATOM   430  C  CA    . ALA A 1 75  ? 2.626   -15.138 9.827   1.00 17.44 ? 55   ALA A CA    1 
ATOM   431  C  C     . ALA A 1 75  ? 1.592   -14.013 9.720   1.00 17.56 ? 55   ALA A C     1 
ATOM   432  O  O     . ALA A 1 75  ? 0.664   -13.927 10.531  1.00 17.35 ? 55   ALA A O     1 
ATOM   433  C  CB    . ALA A 1 75  ? 3.462   -14.962 11.101  1.00 17.52 ? 55   ALA A CB    1 
ATOM   434  N  N     . GLY A 1 76  ? 1.750   -13.127 8.739   1.00 17.32 ? 56   GLY A N     1 
ATOM   435  C  CA    . GLY A 1 76  ? 0.829   -11.997 8.615   1.00 16.66 ? 56   GLY A CA    1 
ATOM   436  C  C     . GLY A 1 76  ? 1.267   -10.803 9.455   1.00 17.03 ? 56   GLY A C     1 
ATOM   437  O  O     . GLY A 1 76  ? 0.523   -9.831  9.583   1.00 17.94 ? 56   GLY A O     1 
ATOM   438  N  N     . ASP A 1 77  ? 2.456   -10.894 10.055  1.00 16.40 ? 57   ASP A N     1 
ATOM   439  C  CA    . ASP A 1 77  ? 3.029   -9.804  10.852  1.00 16.24 ? 57   ASP A CA    1 
ATOM   440  C  C     . ASP A 1 77  ? 3.666   -8.780  9.932   1.00 15.51 ? 57   ASP A C     1 
ATOM   441  O  O     . ASP A 1 77  ? 4.097   -9.117  8.831   1.00 15.79 ? 57   ASP A O     1 
ATOM   442  C  CB    . ASP A 1 77  ? 4.148   -10.338 11.780  1.00 17.13 ? 57   ASP A CB    1 
ATOM   443  C  CG    . ASP A 1 77  ? 3.612   -11.123 12.992  1.00 20.80 ? 57   ASP A CG    1 
ATOM   444  O  OD1   . ASP A 1 77  ? 2.477   -10.866 13.446  1.00 22.03 ? 57   ASP A OD1   1 
ATOM   445  O  OD2   . ASP A 1 77  ? 4.361   -11.997 13.506  1.00 25.85 ? 57   ASP A OD2   1 
ATOM   446  N  N     . LEU A 1 78  ? 3.804   -7.541  10.402  1.00 15.20 ? 58   LEU A N     1 
ATOM   447  C  CA    . LEU A 1 78  ? 4.619   -6.573  9.664   1.00 14.46 ? 58   LEU A CA    1 
ATOM   448  C  C     . LEU A 1 78  ? 6.095   -6.908  9.820   1.00 14.66 ? 58   LEU A C     1 
ATOM   449  O  O     . LEU A 1 78  ? 6.523   -7.290  10.919  1.00 13.25 ? 58   LEU A O     1 
ATOM   450  C  CB    . LEU A 1 78  ? 4.363   -5.142  10.152  1.00 14.35 ? 58   LEU A CB    1 
ATOM   451  C  CG    . LEU A 1 78  ? 2.949   -4.571  9.973   1.00 15.17 ? 58   LEU A CG    1 
ATOM   452  C  CD1   . LEU A 1 78  ? 2.940   -3.116  10.490  1.00 18.71 ? 58   LEU A CD1   1 
ATOM   453  C  CD2   . LEU A 1 78  ? 2.506   -4.640  8.510   1.00 16.89 ? 58   LEU A CD2   1 
ATOM   454  N  N     . VAL A 1 79  ? 6.861   -6.805  8.724   1.00 13.76 ? 59   VAL A N     1 
ATOM   455  C  CA    . VAL A 1 79  ? 8.322   -6.798  8.798   1.00 13.91 ? 59   VAL A CA    1 
ATOM   456  C  C     . VAL A 1 79  ? 8.755   -5.587  9.617   1.00 15.11 ? 59   VAL A C     1 
ATOM   457  O  O     . VAL A 1 79  ? 8.149   -4.519  9.467   1.00 14.72 ? 59   VAL A O     1 
ATOM   458  C  CB    . VAL A 1 79  ? 8.968   -6.742  7.378   1.00 13.63 ? 59   VAL A CB    1 
ATOM   459  C  CG1   . VAL A 1 79  ? 10.529  -6.747  7.450   1.00 14.26 ? 59   VAL A CG1   1 
ATOM   460  C  CG2   . VAL A 1 79  ? 8.479   -7.913  6.567   1.00 13.61 ? 59   VAL A CG2   1 
ATOM   461  N  N     . PRO A 1 80  ? 9.764   -5.750  10.519  1.00 15.58 ? 60   PRO A N     1 
ATOM   462  C  CA    . PRO A 1 80  ? 10.221  -4.633  11.336  1.00 16.19 ? 60   PRO A CA    1 
ATOM   463  C  C     . PRO A 1 80  ? 10.499  -3.405  10.484  1.00 17.04 ? 60   PRO A C     1 
ATOM   464  O  O     . PRO A 1 80  ? 10.967  -3.520  9.349   1.00 15.59 ? 60   PRO A O     1 
ATOM   465  C  CB    . PRO A 1 80  ? 11.529  -5.162  11.946  1.00 16.72 ? 60   PRO A CB    1 
ATOM   466  C  CG    . PRO A 1 80  ? 11.207  -6.643  12.115  1.00 15.96 ? 60   PRO A CG    1 
ATOM   467  C  CD    . PRO A 1 80  ? 10.493  -6.986  10.854  1.00 16.52 ? 60   PRO A CD    1 
ATOM   468  N  N     . SER A 1 81  ? 10.220  -2.246  11.056  1.00 17.24 ? 61   SER A N     1 
ATOM   469  C  CA    . SER A 1 81  ? 10.251  -0.991  10.329  1.00 18.89 ? 61   SER A CA    1 
ATOM   470  C  C     . SER A 1 81  ? 11.617  -0.538  9.837   1.00 18.75 ? 61   SER A C     1 
ATOM   471  O  O     . SER A 1 81  ? 11.702  0.142   8.831   1.00 18.99 ? 61   SER A O     1 
ATOM   472  C  CB    . SER A 1 81  ? 9.623   0.109   11.160  1.00 19.24 ? 61   SER A CB    1 
ATOM   473  O  OG    . SER A 1 81  ? 8.224   0.065   10.950  1.00 23.45 ? 61   SER A OG    1 
ATOM   474  N  N     . ASP A 1 82  ? 12.678  -0.907  10.534  1.00 19.17 ? 62   ASP A N     1 
ATOM   475  C  CA    . ASP A 1 82  ? 14.023  -0.483  10.098  1.00 20.15 ? 62   ASP A CA    1 
ATOM   476  C  C     . ASP A 1 82  ? 14.317  -1.083  8.714   1.00 19.58 ? 62   ASP A C     1 
ATOM   477  O  O     . ASP A 1 82  ? 14.870  -0.392  7.820   1.00 20.51 ? 62   ASP A O     1 
ATOM   478  C  CB    . ASP A 1 82  ? 15.104  -0.876  11.122  1.00 21.48 ? 62   ASP A CB    1 
ATOM   479  C  CG    . ASP A 1 82  ? 15.053  -2.368  11.483  1.00 24.54 ? 62   ASP A CG    1 
ATOM   480  O  OD1   . ASP A 1 82  ? 13.987  -2.818  11.960  1.00 24.77 ? 62   ASP A OD1   1 
ATOM   481  O  OD2   . ASP A 1 82  ? 16.061  -3.088  11.271  1.00 30.28 ? 62   ASP A OD2   1 
ATOM   482  N  N     . LEU A 1 83  ? 13.896  -2.331  8.521   1.00 17.42 ? 63   LEU A N     1 
ATOM   483  C  CA    . LEU A 1 83  ? 14.133  -3.066  7.263   1.00 16.81 ? 63   LEU A CA    1 
ATOM   484  C  C     . LEU A 1 83  ? 13.202  -2.531  6.177   1.00 15.58 ? 63   LEU A C     1 
ATOM   485  O  O     . LEU A 1 83  ? 13.604  -2.336  5.031   1.00 14.96 ? 63   LEU A O     1 
ATOM   486  C  CB    . LEU A 1 83  ? 13.897  -4.575  7.443   1.00 17.82 ? 63   LEU A CB    1 
ATOM   487  C  CG    . LEU A 1 83  ? 14.732  -5.438  8.409   1.00 17.57 ? 63   LEU A CG    1 
ATOM   488  C  CD1   . LEU A 1 83  ? 14.196  -6.868  8.479   1.00 20.40 ? 63   LEU A CD1   1 
ATOM   489  C  CD2   . LEU A 1 83  ? 16.218  -5.472  8.058   1.00 20.73 ? 63   LEU A CD2   1 
ATOM   490  N  N     . THR A 1 84  ? 11.949  -2.277  6.540   1.00 13.38 ? 64   THR A N     1 
ATOM   491  C  CA    . THR A 1 84  ? 10.990  -1.797  5.557   1.00 13.20 ? 64   THR A CA    1 
ATOM   492  C  C     . THR A 1 84  ? 11.326  -0.373  5.110   1.00 13.19 ? 64   THR A C     1 
ATOM   493  O  O     . THR A 1 84  ? 11.271  -0.068  3.916   1.00 12.96 ? 64   THR A O     1 
ATOM   494  C  CB    . THR A 1 84  ? 9.524   -1.873  6.100   1.00 13.62 ? 64   THR A CB    1 
ATOM   495  O  OG1   . THR A 1 84  ? 9.281   -3.179  6.654   1.00 12.05 ? 64   THR A OG1   1 
ATOM   496  C  CG2   . THR A 1 84  ? 8.527   -1.617  4.962   1.00 11.05 ? 64   THR A CG2   1 
ATOM   497  N  N     . ASN A 1 85  ? 11.649  0.502   6.061   1.00 13.64 ? 65   ASN A N     1 
ATOM   498  C  CA    . ASN A 1 85  ? 11.957  1.917   5.732   1.00 14.70 ? 65   ASN A CA    1 
ATOM   499  C  C     . ASN A 1 85  ? 13.135  1.996   4.757   1.00 15.53 ? 65   ASN A C     1 
ATOM   500  O  O     . ASN A 1 85  ? 13.084  2.749   3.788   1.00 15.24 ? 65   ASN A O     1 
ATOM   501  C  CB    . ASN A 1 85  ? 12.238  2.755   6.988   1.00 14.44 ? 65   ASN A CB    1 
ATOM   502  C  CG    . ASN A 1 85  ? 10.999  2.997   7.851   1.00 13.40 ? 65   ASN A CG    1 
ATOM   503  O  OD1   . ASN A 1 85  ? 9.860   2.992   7.366   1.00 15.73 ? 65   ASN A OD1   1 
ATOM   504  N  ND2   . ASN A 1 85  ? 11.230  3.291   9.132   1.00 13.72 ? 65   ASN A ND2   1 
ATOM   505  N  N     . GLU A 1 86  ? 14.158  1.182   5.004   1.00 16.50 ? 66   GLU A N     1 
ATOM   506  C  CA    . GLU A 1 86  ? 15.385  1.182   4.229   1.00 17.99 ? 66   GLU A CA    1 
ATOM   507  C  C     . GLU A 1 86  ? 15.078  0.724   2.801   1.00 17.71 ? 66   GLU A C     1 
ATOM   508  O  O     . GLU A 1 86  ? 15.473  1.369   1.829   1.00 17.27 ? 66   GLU A O     1 
ATOM   509  C  CB    . GLU A 1 86  ? 16.433  0.277   4.891   1.00 18.97 ? 66   GLU A CB    1 
ATOM   510  C  CG    . GLU A 1 86  ? 17.839  0.469   4.327   1.00 24.68 ? 66   GLU A CG    1 
ATOM   511  C  CD    . GLU A 1 86  ? 17.974  -0.073  2.913   1.00 30.59 ? 66   GLU A CD    1 
ATOM   512  O  OE1   . GLU A 1 86  ? 17.471  -1.193  2.655   1.00 33.85 ? 66   GLU A OE1   1 
ATOM   513  O  OE2   . GLU A 1 86  ? 18.574  0.623   2.060   1.00 35.24 ? 66   GLU A OE2   1 
ATOM   514  N  N     . LEU A 1 87  ? 14.310  -0.361  2.696   1.00 16.98 ? 67   LEU A N     1 
ATOM   515  C  CA    . LEU A 1 87  ? 13.855  -0.910  1.437   1.00 16.01 ? 67   LEU A CA    1 
ATOM   516  C  C     . LEU A 1 87  ? 13.043  0.069   0.578   1.00 15.46 ? 67   LEU A C     1 
ATOM   517  O  O     . LEU A 1 87  ? 13.231  0.137   -0.639  1.00 13.97 ? 67   LEU A O     1 
ATOM   518  C  CB    . LEU A 1 87  ? 13.011  -2.161  1.715   1.00 17.26 ? 67   LEU A CB    1 
ATOM   519  C  CG    . LEU A 1 87  ? 12.379  -2.816  0.504   1.00 19.14 ? 67   LEU A CG    1 
ATOM   520  C  CD1   . LEU A 1 87  ? 13.476  -3.475  -0.284  1.00 24.55 ? 67   LEU A CD1   1 
ATOM   521  C  CD2   . LEU A 1 87  ? 11.412  -3.864  1.005   1.00 24.57 ? 67   LEU A CD2   1 
ATOM   522  N  N     . VAL A 1 88  ? 12.125  0.808   1.201   1.00 15.34 ? 68   VAL A N     1 
ATOM   523  C  CA    . VAL A 1 88  ? 11.357  1.843   0.469   1.00 15.87 ? 68   VAL A CA    1 
ATOM   524  C  C     . VAL A 1 88  ? 12.252  3.019   0.080   1.00 16.36 ? 68   VAL A C     1 
ATOM   525  O  O     . VAL A 1 88  ? 12.170  3.500   -1.033  1.00 16.72 ? 68   VAL A O     1 
ATOM   526  C  CB    . VAL A 1 88  ? 10.120  2.289   1.266   1.00 14.94 ? 68   VAL A CB    1 
ATOM   527  C  CG1   . VAL A 1 88  ? 9.478   3.572   0.654   1.00 15.19 ? 68   VAL A CG1   1 
ATOM   528  C  CG2   . VAL A 1 88  ? 9.108   1.094   1.275   1.00 11.85 ? 68   VAL A CG2   1 
ATOM   529  N  N     . ASP A 1 89  ? 13.123  3.445   0.988   1.00 17.99 ? 69   ASP A N     1 
ATOM   530  C  CA    . ASP A 1 89  ? 14.110  4.513   0.683   1.00 18.10 ? 69   ASP A CA    1 
ATOM   531  C  C     . ASP A 1 89  ? 14.939  4.131   -0.562  1.00 18.75 ? 69   ASP A C     1 
ATOM   532  O  O     . ASP A 1 89  ? 15.165  4.972   -1.475  1.00 18.45 ? 69   ASP A O     1 
ATOM   533  C  CB    . ASP A 1 89  ? 14.992  4.758   1.909   1.00 18.93 ? 69   ASP A CB    1 
ATOM   534  C  CG    . ASP A 1 89  ? 15.732  6.122   1.874   1.00 20.98 ? 69   ASP A CG    1 
ATOM   535  O  OD1   . ASP A 1 89  ? 15.708  6.803   0.832   1.00 21.56 ? 69   ASP A OD1   1 
ATOM   536  O  OD2   . ASP A 1 89  ? 16.330  6.508   2.910   1.00 24.52 ? 69   ASP A OD2   1 
ATOM   537  N  N     . ASP A 1 90  ? 15.348  2.867   -0.641  1.00 18.82 ? 70   ASP A N     1 
ATOM   538  C  CA    . ASP A 1 90  ? 16.160  2.384   -1.778  1.00 19.90 ? 70   ASP A CA    1 
ATOM   539  C  C     . ASP A 1 90  ? 15.367  2.358   -3.080  1.00 18.98 ? 70   ASP A C     1 
ATOM   540  O  O     . ASP A 1 90  ? 15.860  2.789   -4.125  1.00 19.45 ? 70   ASP A O     1 
ATOM   541  C  CB    . ASP A 1 90  ? 16.743  0.985   -1.473  1.00 19.91 ? 70   ASP A CB    1 
ATOM   542  C  CG    . ASP A 1 90  ? 18.116  0.744   -2.107  1.00 27.19 ? 70   ASP A CG    1 
ATOM   543  O  OD1   . ASP A 1 90  ? 18.919  1.706   -2.288  1.00 31.50 ? 70   ASP A OD1   1 
ATOM   544  O  OD2   . ASP A 1 90  ? 18.424  -0.448  -2.370  1.00 32.65 ? 70   ASP A OD2   1 
ATOM   545  N  N     . ARG A 1 91  ? 14.135  1.860   -3.018  1.00 18.65 ? 71   ARG A N     1 
ATOM   546  C  CA    . ARG A 1 91  ? 13.231  1.806   -4.166  1.00 17.05 ? 71   ARG A CA    1 
ATOM   547  C  C     . ARG A 1 91  ? 12.940  3.191   -4.721  1.00 17.37 ? 71   ARG A C     1 
ATOM   548  O  O     . ARG A 1 91  ? 12.827  3.375   -5.929  1.00 15.82 ? 71   ARG A O     1 
ATOM   549  C  CB    . ARG A 1 91  ? 11.897  1.108   -3.775  1.00 16.96 ? 71   ARG A CB    1 
ATOM   550  C  CG    . ARG A 1 91  ? 10.877  0.951   -4.926  1.00 15.78 ? 71   ARG A CG    1 
ATOM   551  C  CD    . ARG A 1 91  ? 11.439  0.150   -6.099  1.00 17.17 ? 71   ARG A CD    1 
ATOM   552  N  NE    . ARG A 1 91  ? 10.538  0.121   -7.256  1.00 19.58 ? 71   ARG A NE    1 
ATOM   553  C  CZ    . ARG A 1 91  ? 10.365  1.107   -8.128  1.00 18.34 ? 71   ARG A CZ    1 
ATOM   554  N  NH1   . ARG A 1 91  ? 11.012  2.270   -7.989  1.00 17.28 ? 71   ARG A NH1   1 
ATOM   555  N  NH2   . ARG A 1 91  ? 9.524   0.931   -9.146  1.00 22.32 ? 71   ARG A NH2   1 
ATOM   556  N  N     . LEU A 1 92  ? 12.753  4.164   -3.827  1.00 16.95 ? 72   LEU A N     1 
ATOM   557  C  CA    . LEU A 1 92  ? 12.455  5.512   -4.250  1.00 18.57 ? 72   LEU A CA    1 
ATOM   558  C  C     . LEU A 1 92  ? 13.665  6.219   -4.858  1.00 19.99 ? 72   LEU A C     1 
ATOM   559  O  O     . LEU A 1 92  ? 13.523  7.321   -5.406  1.00 20.87 ? 72   LEU A O     1 
ATOM   560  C  CB    . LEU A 1 92  ? 11.900  6.329   -3.081  1.00 18.09 ? 72   LEU A CB    1 
ATOM   561  C  CG    . LEU A 1 92  ? 10.494  5.923   -2.641  1.00 17.97 ? 72   LEU A CG    1 
ATOM   562  C  CD1   . LEU A 1 92  ? 10.079  6.724   -1.394  1.00 15.39 ? 72   LEU A CD1   1 
ATOM   563  C  CD2   . LEU A 1 92  ? 9.462   6.061   -3.799  1.00 19.98 ? 72   LEU A CD2   1 
ATOM   564  N  N     . ASN A 1 93  ? 14.836  5.599   -4.735  1.00 21.03 ? 73   ASN A N     1 
ATOM   565  C  CA    . ASN A 1 93  ? 16.049  6.094   -5.409  1.00 22.93 ? 73   ASN A CA    1 
ATOM   566  C  C     . ASN A 1 93  ? 16.104  5.774   -6.915  1.00 22.42 ? 73   ASN A C     1 
ATOM   567  O  O     . ASN A 1 93  ? 16.979  6.292   -7.629  1.00 22.03 ? 73   ASN A O     1 
ATOM   568  C  CB    . ASN A 1 93  ? 17.333  5.613   -4.732  1.00 22.49 ? 73   ASN A CB    1 
ATOM   569  C  CG    . ASN A 1 93  ? 18.485  6.608   -4.907  1.00 27.00 ? 73   ASN A CG    1 
ATOM   570  O  OD1   . ASN A 1 93  ? 18.361  7.801   -4.578  1.00 31.14 ? 73   ASN A OD1   1 
ATOM   571  N  ND2   . ASN A 1 93  ? 19.604  6.125   -5.413  1.00 30.75 ? 73   ASN A ND2   1 
ATOM   572  N  N     . ASN A 1 94  ? 15.197  4.919   -7.381  1.00 21.09 ? 74   ASN A N     1 
ATOM   573  C  CA    . ASN A 1 94  ? 15.104  4.585   -8.797  1.00 22.14 ? 74   ASN A CA    1 
ATOM   574  C  C     . ASN A 1 94  ? 14.583  5.825   -9.507  1.00 22.28 ? 74   ASN A C     1 
ATOM   575  O  O     . ASN A 1 94  ? 13.588  6.399   -9.062  1.00 22.36 ? 74   ASN A O     1 
ATOM   576  C  CB    . ASN A 1 94  ? 14.158  3.374   -9.011  1.00 21.04 ? 74   ASN A CB    1 
ATOM   577  C  CG    . ASN A 1 94  ? 14.172  2.830   -10.456 1.00 23.65 ? 74   ASN A CG    1 
ATOM   578  O  OD1   . ASN A 1 94  ? 14.159  3.586   -11.435 1.00 23.56 ? 74   ASN A OD1   1 
ATOM   579  N  ND2   . ASN A 1 94  ? 14.156  1.512   -10.582 1.00 21.28 ? 74   ASN A ND2   1 
ATOM   580  N  N     . PRO A 1 95  ? 15.280  6.286   -10.581 1.00 22.99 ? 75   PRO A N     1 
ATOM   581  C  CA    . PRO A 1 95  ? 14.750  7.431   -11.303 1.00 22.50 ? 75   PRO A CA    1 
ATOM   582  C  C     . PRO A 1 95  ? 13.334  7.246   -11.860 1.00 22.66 ? 75   PRO A C     1 
ATOM   583  O  O     . PRO A 1 95  ? 12.700  8.248   -12.157 1.00 23.31 ? 75   PRO A O     1 
ATOM   584  C  CB    . PRO A 1 95  ? 15.779  7.635   -12.439 1.00 22.83 ? 75   PRO A CB    1 
ATOM   585  C  CG    . PRO A 1 95  ? 17.062  7.139   -11.857 1.00 22.59 ? 75   PRO A CG    1 
ATOM   586  C  CD    . PRO A 1 95  ? 16.590  5.869   -11.141 1.00 23.30 ? 75   PRO A CD    1 
ATOM   587  N  N     . ASP A 1 96  ? 12.833  6.005   -11.978 1.00 22.25 ? 76   ASP A N     1 
ATOM   588  C  CA    . ASP A 1 96  ? 11.449  5.778   -12.418 1.00 22.07 ? 76   ASP A CA    1 
ATOM   589  C  C     . ASP A 1 96  ? 10.377  6.458   -11.539 1.00 21.09 ? 76   ASP A C     1 
ATOM   590  O  O     . ASP A 1 96  ? 9.277   6.758   -11.989 1.00 21.11 ? 76   ASP A O     1 
ATOM   591  C  CB    . ASP A 1 96  ? 11.162  4.288   -12.641 1.00 22.74 ? 76   ASP A CB    1 
ATOM   592  C  CG    . ASP A 1 96  ? 10.772  3.542   -11.374 1.00 23.87 ? 76   ASP A CG    1 
ATOM   593  O  OD1   . ASP A 1 96  ? 11.153  3.943   -10.240 1.00 24.12 ? 76   ASP A OD1   1 
ATOM   594  O  OD2   . ASP A 1 96  ? 10.075  2.518   -11.532 1.00 26.73 ? 76   ASP A OD2   1 
ATOM   595  N  N     . ALA A 1 97  ? 10.744  6.745   -10.307 1.00 20.98 ? 77   ALA A N     1 
ATOM   596  C  CA    . ALA A 1 97  ? 9.825   7.304   -9.323  1.00 21.45 ? 77   ALA A CA    1 
ATOM   597  C  C     . ALA A 1 97  ? 10.005  8.816   -9.175  1.00 21.63 ? 77   ALA A C     1 
ATOM   598  O  O     . ALA A 1 97  ? 9.400   9.437   -8.306  1.00 20.96 ? 77   ALA A O     1 
ATOM   599  C  CB    . ALA A 1 97  ? 10.035  6.602   -7.996  1.00 21.70 ? 77   ALA A CB    1 
ATOM   600  N  N     . ALA A 1 98  ? 10.806  9.410   -10.060 1.00 22.47 ? 78   ALA A N     1 
ATOM   601  C  CA    . ALA A 1 98  ? 11.144  10.819  -9.936  1.00 23.49 ? 78   ALA A CA    1 
ATOM   602  C  C     . ALA A 1 98  ? 9.976   11.792  -10.189 1.00 23.75 ? 78   ALA A C     1 
ATOM   603  O  O     . ALA A 1 98  ? 9.965   12.881  -9.625  1.00 24.81 ? 78   ALA A O     1 
ATOM   604  C  CB    . ALA A 1 98  ? 12.364  11.169  -10.831 1.00 24.38 ? 78   ALA A CB    1 
ATOM   605  N  N     . ASN A 1 99  ? 9.011   11.422  -11.028 1.00 24.06 ? 79   ASN A N     1 
ATOM   606  C  CA    . ASN A 1 99  ? 7.843   12.262  -11.268 1.00 24.11 ? 79   ASN A CA    1 
ATOM   607  C  C     . ASN A 1 99  ? 6.540   11.736  -10.656 1.00 23.92 ? 79   ASN A C     1 
ATOM   608  O  O     . ASN A 1 99  ? 5.456   11.972  -11.214 1.00 24.66 ? 79   ASN A O     1 
ATOM   609  C  CB    . ASN A 1 99  ? 7.633   12.471  -12.773 1.00 25.63 ? 79   ASN A CB    1 
ATOM   610  C  CG    . ASN A 1 99  ? 8.692   13.382  -13.400 1.00 27.45 ? 79   ASN A CG    1 
ATOM   611  O  OD1   . ASN A 1 99  ? 9.524   13.981  -12.705 1.00 30.26 ? 79   ASN A OD1   1 
ATOM   612  N  ND2   . ASN A 1 99  ? 8.663   13.475  -14.723 1.00 33.08 ? 79   ASN A ND2   1 
ATOM   613  N  N     . GLY A 1 100 ? 6.637   11.008  -9.547  1.00 21.89 ? 80   GLY A N     1 
ATOM   614  C  CA    . GLY A 1 100 ? 5.451   10.458  -8.930  1.00 19.61 ? 80   GLY A CA    1 
ATOM   615  C  C     . GLY A 1 100 ? 5.412   8.948   -8.833  1.00 17.98 ? 80   GLY A C     1 
ATOM   616  O  O     . GLY A 1 100 ? 6.237   8.214   -9.404  1.00 16.50 ? 80   GLY A O     1 
ATOM   617  N  N     . PHE A 1 101 ? 4.443   8.477   -8.052  1.00 17.20 ? 81   PHE A N     1 
ATOM   618  C  CA    . PHE A 1 101 ? 4.300   7.056   -7.796  1.00 15.69 ? 81   PHE A CA    1 
ATOM   619  C  C     . PHE A 1 101 ? 2.953   6.840   -7.109  1.00 14.93 ? 81   PHE A C     1 
ATOM   620  O  O     . PHE A 1 101 ? 2.294   7.797   -6.635  1.00 14.24 ? 81   PHE A O     1 
ATOM   621  C  CB    . PHE A 1 101 ? 5.481   6.526   -6.947  1.00 14.94 ? 81   PHE A CB    1 
ATOM   622  C  CG    . PHE A 1 101 ? 5.708   7.296   -5.661  1.00 15.50 ? 81   PHE A CG    1 
ATOM   623  C  CD1   . PHE A 1 101 ? 4.801   7.184   -4.598  1.00 17.32 ? 81   PHE A CD1   1 
ATOM   624  C  CD2   . PHE A 1 101 ? 6.836   8.130   -5.511  1.00 13.96 ? 81   PHE A CD2   1 
ATOM   625  C  CE1   . PHE A 1 101 ? 4.971   7.904   -3.395  1.00 15.77 ? 81   PHE A CE1   1 
ATOM   626  C  CE2   . PHE A 1 101 ? 7.022   8.847   -4.307  1.00 14.00 ? 81   PHE A CE2   1 
ATOM   627  C  CZ    . PHE A 1 101 ? 6.080   8.733   -3.254  1.00 15.08 ? 81   PHE A CZ    1 
ATOM   628  N  N     . ILE A 1 102 ? 2.548   5.582   -7.099  1.00 16.02 ? 82   ILE A N     1 
ATOM   629  C  CA    . ILE A 1 102 ? 1.463   5.080   -6.230  1.00 16.23 ? 82   ILE A CA    1 
ATOM   630  C  C     . ILE A 1 102 ? 2.073   4.040   -5.296  1.00 16.11 ? 82   ILE A C     1 
ATOM   631  O  O     . ILE A 1 102 ? 2.672   3.043   -5.733  1.00 16.66 ? 82   ILE A O     1 
ATOM   632  C  CB    . ILE A 1 102 ? 0.340   4.405   -7.029  1.00 16.17 ? 82   ILE A CB    1 
ATOM   633  C  CG1   . ILE A 1 102 ? -0.249  5.371   -8.043  1.00 18.74 ? 82   ILE A CG1   1 
ATOM   634  C  CG2   . ILE A 1 102 ? -0.822  3.887   -6.088  1.00 15.27 ? 82   ILE A CG2   1 
ATOM   635  C  CD1   . ILE A 1 102 ? -0.428  4.740   -9.301  1.00 21.41 ? 82   ILE A CD1   1 
ATOM   636  N  N     . LEU A 1 103 ? 1.937   4.286   -4.012  1.00 15.38 ? 83   LEU A N     1 
ATOM   637  C  CA    . LEU A 1 103 ? 2.402   3.348   -3.015  1.00 16.61 ? 83   LEU A CA    1 
ATOM   638  C  C     . LEU A 1 103 ? 1.257   2.455   -2.507  1.00 17.05 ? 83   LEU A C     1 
ATOM   639  O  O     . LEU A 1 103 ? 0.184   2.953   -2.142  1.00 17.41 ? 83   LEU A O     1 
ATOM   640  C  CB    . LEU A 1 103 ? 3.039   4.089   -1.861  1.00 16.66 ? 83   LEU A CB    1 
ATOM   641  C  CG    . LEU A 1 103 ? 4.527   4.393   -1.889  1.00 18.74 ? 83   LEU A CG    1 
ATOM   642  C  CD1   . LEU A 1 103 ? 4.864   5.327   -0.797  1.00 17.58 ? 83   LEU A CD1   1 
ATOM   643  C  CD2   . LEU A 1 103 ? 5.306   3.096   -1.664  1.00 20.19 ? 83   LEU A CD2   1 
ATOM   644  N  N     . ASP A 1 104 ? 1.506   1.144   -2.486  1.00 15.97 ? 84   ASP A N     1 
ATOM   645  C  CA    . ASP A 1 104 ? 0.486   0.135   -2.191  1.00 16.31 ? 84   ASP A CA    1 
ATOM   646  C  C     . ASP A 1 104 ? 1.018   -0.703  -1.011  1.00 15.35 ? 84   ASP A C     1 
ATOM   647  O  O     . ASP A 1 104 ? 1.949   -1.481  -1.190  1.00 18.24 ? 84   ASP A O     1 
ATOM   648  C  CB    . ASP A 1 104 ? 0.259   -0.711  -3.461  1.00 17.04 ? 84   ASP A CB    1 
ATOM   649  C  CG    . ASP A 1 104 ? -0.337  -2.102  -3.190  1.00 21.11 ? 84   ASP A CG    1 
ATOM   650  O  OD1   . ASP A 1 104 ? -1.000  -2.303  -2.155  1.00 24.22 ? 84   ASP A OD1   1 
ATOM   651  O  OD2   . ASP A 1 104 ? -0.119  -3.016  -4.027  1.00 26.15 ? 84   ASP A OD2   1 
ATOM   652  N  N     . GLY A 1 105 ? 0.482   -0.514  0.188   1.00 14.62 ? 85   GLY A N     1 
ATOM   653  C  CA    . GLY A 1 105 ? 0.928   -1.292  1.372   1.00 13.14 ? 85   GLY A CA    1 
ATOM   654  C  C     . GLY A 1 105 ? 2.073   -0.697  2.194   1.00 12.60 ? 85   GLY A C     1 
ATOM   655  O  O     . GLY A 1 105 ? 2.588   -1.342  3.129   1.00 11.17 ? 85   GLY A O     1 
ATOM   656  N  N     . TYR A 1 106 ? 2.485   0.525   1.839   1.00 11.62 ? 86   TYR A N     1 
ATOM   657  C  CA    . TYR A 1 106 ? 3.411   1.325   2.666   1.00 12.02 ? 86   TYR A CA    1 
ATOM   658  C  C     . TYR A 1 106 ? 2.936   2.779   2.587   1.00 10.70 ? 86   TYR A C     1 
ATOM   659  O  O     . TYR A 1 106 ? 2.590   3.247   1.496   1.00 11.78 ? 86   TYR A O     1 
ATOM   660  C  CB    . TYR A 1 106 ? 4.876   1.185   2.197   1.00 12.14 ? 86   TYR A CB    1 
ATOM   661  C  CG    . TYR A 1 106 ? 5.895   1.952   3.019   1.00 11.56 ? 86   TYR A CG    1 
ATOM   662  C  CD1   . TYR A 1 106 ? 6.585   1.323   4.061   1.00 8.83  ? 86   TYR A CD1   1 
ATOM   663  C  CD2   . TYR A 1 106 ? 6.206   3.299   2.722   1.00 11.45 ? 86   TYR A CD2   1 
ATOM   664  C  CE1   . TYR A 1 106 ? 7.547   2.030   4.832   1.00 12.15 ? 86   TYR A CE1   1 
ATOM   665  C  CE2   . TYR A 1 106 ? 7.180   4.008   3.464   1.00 15.76 ? 86   TYR A CE2   1 
ATOM   666  C  CZ    . TYR A 1 106 ? 7.837   3.377   4.507   1.00 12.88 ? 86   TYR A CZ    1 
ATOM   667  O  OH    . TYR A 1 106 ? 8.778   4.062   5.232   1.00 15.07 ? 86   TYR A OH    1 
ATOM   668  N  N     . PRO A 1 107 ? 2.899   3.505   3.726   1.00 11.37 ? 87   PRO A N     1 
ATOM   669  C  CA    . PRO A 1 107 ? 3.221   3.138   5.098   1.00 10.68 ? 87   PRO A CA    1 
ATOM   670  C  C     . PRO A 1 107 ? 2.073   2.325   5.726   1.00 10.80 ? 87   PRO A C     1 
ATOM   671  O  O     . PRO A 1 107 ? 0.933   2.434   5.293   1.00 9.59  ? 87   PRO A O     1 
ATOM   672  C  CB    . PRO A 1 107 ? 3.368   4.492   5.771   1.00 11.77 ? 87   PRO A CB    1 
ATOM   673  C  CG    . PRO A 1 107 ? 2.325   5.341   5.084   1.00 11.23 ? 87   PRO A CG    1 
ATOM   674  C  CD    . PRO A 1 107 ? 2.480   4.929   3.635   1.00 10.47 ? 87   PRO A CD    1 
ATOM   675  N  N     . ARG A 1 108 ? 2.393   1.502   6.706   1.00 10.48 ? 88   ARG A N     1 
ATOM   676  C  CA    . ARG A 1 108 ? 1.381   0.713   7.416   1.00 12.03 ? 88   ARG A CA    1 
ATOM   677  C  C     . ARG A 1 108 ? 1.446   0.980   8.935   1.00 11.90 ? 88   ARG A C     1 
ATOM   678  O  O     . ARG A 1 108 ? 0.851   0.242   9.724   1.00 11.57 ? 88   ARG A O     1 
ATOM   679  C  CB    . ARG A 1 108 ? 1.575   -0.776  7.163   1.00 11.65 ? 88   ARG A CB    1 
ATOM   680  C  CG    . ARG A 1 108 ? 0.923   -1.268  5.858   1.00 13.35 ? 88   ARG A CG    1 
ATOM   681  C  CD    . ARG A 1 108 ? 1.178   -2.754  5.663   1.00 14.07 ? 88   ARG A CD    1 
ATOM   682  N  NE    . ARG A 1 108 ? 0.025   -3.329  4.996   1.00 18.01 ? 88   ARG A NE    1 
ATOM   683  C  CZ    . ARG A 1 108 ? 0.038   -4.004  3.854   1.00 19.18 ? 88   ARG A CZ    1 
ATOM   684  N  NH1   . ARG A 1 108 ? 1.169   -4.208  3.179   1.00 15.86 ? 88   ARG A NH1   1 
ATOM   685  N  NH2   . ARG A 1 108 ? -1.116  -4.455  3.364   1.00 20.61 ? 88   ARG A NH2   1 
ATOM   686  N  N     . SER A 1 109 ? 2.202   2.002   9.341   1.00 12.14 ? 89   SER A N     1 
ATOM   687  C  CA    . SER A 1 109 ? 2.250   2.408   10.767  1.00 13.26 ? 89   SER A CA    1 
ATOM   688  C  C     . SER A 1 109 ? 2.618   3.887   10.775  1.00 13.86 ? 89   SER A C     1 
ATOM   689  O  O     . SER A 1 109 ? 3.121   4.397   9.771   1.00 11.41 ? 89   SER A O     1 
ATOM   690  C  CB    . SER A 1 109 ? 3.292   1.595   11.560  1.00 13.35 ? 89   SER A CB    1 
ATOM   691  O  OG    . SER A 1 109 ? 4.600   1.969   11.122  1.00 14.95 ? 89   SER A OG    1 
ATOM   692  N  N     . VAL A 1 110 ? 2.333   4.576   11.886  1.00 14.39 ? 90   VAL A N     1 
ATOM   693  C  CA    . VAL A 1 110 ? 2.665   5.996   11.983  1.00 14.35 ? 90   VAL A CA    1 
ATOM   694  C  C     . VAL A 1 110 ? 4.194   6.214   11.865  1.00 14.46 ? 90   VAL A C     1 
ATOM   695  O  O     . VAL A 1 110 ? 4.632   7.170   11.242  1.00 14.28 ? 90   VAL A O     1 
ATOM   696  C  CB    . VAL A 1 110 ? 2.057   6.666   13.254  1.00 15.61 ? 90   VAL A CB    1 
ATOM   697  C  CG1   . VAL A 1 110 ? 2.725   8.029   13.506  1.00 16.09 ? 90   VAL A CG1   1 
ATOM   698  C  CG2   . VAL A 1 110 ? 0.534   6.836   13.046  1.00 14.44 ? 90   VAL A CG2   1 
ATOM   699  N  N     . GLU A 1 111 ? 4.986   5.322   12.442  1.00 14.93 ? 91   GLU A N     1 
ATOM   700  C  CA    . GLU A 1 111 ? 6.439   5.366   12.270  1.00 16.29 ? 91   GLU A CA    1 
ATOM   701  C  C     . GLU A 1 111 ? 6.868   5.348   10.802  1.00 15.06 ? 91   GLU A C     1 
ATOM   702  O  O     . GLU A 1 111 ? 7.700   6.166   10.389  1.00 14.50 ? 91   GLU A O     1 
ATOM   703  C  CB    . GLU A 1 111 ? 7.132   4.223   13.041  1.00 17.44 ? 91   GLU A CB    1 
ATOM   704  C  CG    . GLU A 1 111 ? 8.647   4.505   13.320  1.00 24.04 ? 91   GLU A CG    1 
ATOM   705  C  CD    . GLU A 1 111 ? 9.570   4.162   12.167  1.00 30.60 ? 91   GLU A CD    1 
ATOM   706  O  OE1   . GLU A 1 111 ? 9.413   3.053   11.599  1.00 34.06 ? 91   GLU A OE1   1 
ATOM   707  O  OE2   . GLU A 1 111 ? 10.476  4.982   11.842  1.00 28.60 ? 91   GLU A OE2   1 
ATOM   708  N  N     . GLN A 1 112 ? 6.323   4.424   10.019  1.00 13.14 ? 92   GLN A N     1 
ATOM   709  C  CA    . GLN A 1 112 ? 6.565   4.405   8.564   1.00 13.20 ? 92   GLN A CA    1 
ATOM   710  C  C     . GLN A 1 112 ? 6.089   5.681   7.821   1.00 12.80 ? 92   GLN A C     1 
ATOM   711  O  O     . GLN A 1 112 ? 6.796   6.179   6.938   1.00 13.13 ? 92   GLN A O     1 
ATOM   712  C  CB    . GLN A 1 112 ? 5.941   3.151   7.953   1.00 13.01 ? 92   GLN A CB    1 
ATOM   713  C  CG    . GLN A 1 112 ? 6.710   1.891   8.342   1.00 13.53 ? 92   GLN A CG    1 
ATOM   714  C  CD    . GLN A 1 112 ? 6.046   0.633   7.820   1.00 15.24 ? 92   GLN A CD    1 
ATOM   715  O  OE1   . GLN A 1 112 ? 5.134   0.686   6.994   1.00 13.13 ? 92   GLN A OE1   1 
ATOM   716  N  NE2   . GLN A 1 112 ? 6.514   -0.505  8.291   1.00 11.53 ? 92   GLN A NE2   1 
ATOM   717  N  N     . ALA A 1 113 ? 4.938   6.235   8.223   1.00 13.33 ? 93   ALA A N     1 
ATOM   718  C  CA    . ALA A 1 113 ? 4.488   7.532   7.690   1.00 13.56 ? 93   ALA A CA    1 
ATOM   719  C  C     . ALA A 1 113 ? 5.473   8.666   8.010   1.00 13.84 ? 93   ALA A C     1 
ATOM   720  O  O     . ALA A 1 113 ? 5.722   9.530   7.155   1.00 14.55 ? 93   ALA A O     1 
ATOM   721  C  CB    . ALA A 1 113 ? 3.113   7.894   8.191   1.00 13.25 ? 93   ALA A CB    1 
ATOM   722  N  N     . LYS A 1 114 ? 6.056   8.666   9.203   1.00 14.63 ? 94   LYS A N     1 
ATOM   723  C  CA    . LYS A 1 114 ? 7.022   9.730   9.526   1.00 15.33 ? 94   LYS A CA    1 
ATOM   724  C  C     . LYS A 1 114 ? 8.344   9.513   8.796   1.00 14.80 ? 94   LYS A C     1 
ATOM   725  O  O     . LYS A 1 114 ? 8.987   10.469  8.344   1.00 15.28 ? 94   LYS A O     1 
ATOM   726  C  CB    . LYS A 1 114 ? 7.252   9.854   11.025  1.00 15.38 ? 94   LYS A CB    1 
ATOM   727  C  CG    . LYS A 1 114 ? 5.985   10.266  11.815  1.00 18.44 ? 94   LYS A CG    1 
ATOM   728  C  CD    . LYS A 1 114 ? 6.270   10.185  13.288  1.00 21.25 ? 94   LYS A CD    1 
ATOM   729  C  CE    . LYS A 1 114 ? 5.166   10.848  14.098  1.00 26.01 ? 94   LYS A CE    1 
ATOM   730  N  NZ    . LYS A 1 114 ? 5.188   10.330  15.497  1.00 28.37 ? 94   LYS A NZ    1 
ATOM   731  N  N     . ALA A 1 115 ? 8.737   8.255   8.682   1.00 15.70 ? 95   ALA A N     1 
ATOM   732  C  CA    . ALA A 1 115 ? 9.896   7.885   7.878   1.00 14.89 ? 95   ALA A CA    1 
ATOM   733  C  C     . ALA A 1 115 ? 9.733   8.234   6.402   1.00 15.31 ? 95   ALA A C     1 
ATOM   734  O  O     . ALA A 1 115 ? 10.667  8.782   5.781   1.00 13.96 ? 95   ALA A O     1 
ATOM   735  C  CB    . ALA A 1 115 ? 10.243  6.399   8.070   1.00 15.47 ? 95   ALA A CB    1 
ATOM   736  N  N     . LEU A 1 116 ? 8.541   8.005   5.851   1.00 14.21 ? 96   LEU A N     1 
ATOM   737  C  CA    . LEU A 1 116 ? 8.256   8.394   4.481   1.00 14.05 ? 96   LEU A CA    1 
ATOM   738  C  C     . LEU A 1 116 ? 8.355   9.926   4.255   1.00 14.87 ? 96   LEU A C     1 
ATOM   739  O  O     . LEU A 1 116 ? 8.947   10.394  3.268   1.00 13.33 ? 96   LEU A O     1 
ATOM   740  C  CB    . LEU A 1 116 ? 6.916   7.841   4.020   1.00 12.46 ? 96   LEU A CB    1 
ATOM   741  C  CG    . LEU A 1 116 ? 6.437   8.210   2.609   1.00 13.73 ? 96   LEU A CG    1 
ATOM   742  C  CD1   . LEU A 1 116 ? 7.382   7.739   1.492   1.00 12.48 ? 96   LEU A CD1   1 
ATOM   743  C  CD2   . LEU A 1 116 ? 5.038   7.615   2.380   1.00 13.65 ? 96   LEU A CD2   1 
ATOM   744  N  N     . HIS A 1 117 ? 7.779   10.687  5.172   1.00 14.92 ? 97   HIS A N     1 
ATOM   745  C  CA    . HIS A 1 117 ? 7.828   12.122  5.097   1.00 16.67 ? 97   HIS A CA    1 
ATOM   746  C  C     . HIS A 1 117 ? 9.286   12.615  4.970   1.00 17.24 ? 97   HIS A C     1 
ATOM   747  O  O     . HIS A 1 117 ? 9.615   13.450  4.090   1.00 17.14 ? 97   HIS A O     1 
ATOM   748  C  CB    . HIS A 1 117 ? 7.185   12.727  6.361   1.00 16.72 ? 97   HIS A CB    1 
ATOM   749  C  CG    . HIS A 1 117 ? 7.382   14.199  6.443   1.00 20.57 ? 97   HIS A CG    1 
ATOM   750  N  ND1   . HIS A 1 117 ? 6.589   15.086  5.749   1.00 25.68 ? 97   HIS A ND1   1 
ATOM   751  C  CD2   . HIS A 1 117 ? 8.340   14.943  7.051   1.00 23.82 ? 97   HIS A CD2   1 
ATOM   752  C  CE1   . HIS A 1 117 ? 7.018   16.320  5.966   1.00 25.92 ? 97   HIS A CE1   1 
ATOM   753  N  NE2   . HIS A 1 117 ? 8.074   16.259  6.756   1.00 25.82 ? 97   HIS A NE2   1 
ATOM   754  N  N     . GLU A 1 118 ? 10.152  12.090  5.839   1.00 17.68 ? 98   GLU A N     1 
ATOM   755  C  CA    . GLU A 1 118 ? 11.593  12.376  5.786   1.00 20.10 ? 98   GLU A CA    1 
ATOM   756  C  C     . GLU A 1 118 ? 12.259  12.027  4.459   1.00 20.09 ? 98   GLU A C     1 
ATOM   757  O  O     . GLU A 1 118 ? 13.019  12.843  3.913   1.00 20.01 ? 98   GLU A O     1 
ATOM   758  C  CB    . GLU A 1 118 ? 12.311  11.712  6.973   1.00 20.44 ? 98   GLU A CB    1 
ATOM   759  C  CG    . GLU A 1 118 ? 11.862  12.337  8.329   1.00 23.96 ? 98   GLU A CG    1 
ATOM   760  C  CD    . GLU A 1 118 ? 12.465  11.647  9.578   1.00 24.22 ? 98   GLU A CD    1 
ATOM   761  O  OE1   . GLU A 1 118 ? 13.345  10.763  9.419   1.00 30.09 ? 98   GLU A OE1   1 
ATOM   762  O  OE2   . GLU A 1 118 ? 12.029  11.981  10.713  1.00 30.20 ? 98   GLU A OE2   1 
ATOM   763  N  N     . MET A 1 119 ? 11.991  10.825  3.947   1.00 19.19 ? 99   MET A N     1 
ATOM   764  C  CA    . MET A 1 119 ? 12.532  10.381  2.670   1.00 20.10 ? 99   MET A CA    1 
ATOM   765  C  C     . MET A 1 119 ? 12.183  11.299  1.535   1.00 19.81 ? 99   MET A C     1 
ATOM   766  O  O     . MET A 1 119 ? 13.014  11.522  0.635   1.00 19.92 ? 99   MET A O     1 
ATOM   767  C  CB    . MET A 1 119 ? 11.936  9.026   2.287   1.00 20.43 ? 99   MET A CB    1 
ATOM   768  C  CG    . MET A 1 119 ? 12.540  7.886   2.947   1.00 21.91 ? 99   MET A CG    1 
ATOM   769  S  SD    . MET A 1 119 ? 11.568  6.443   2.421   1.00 20.45 ? 99   MET A SD    1 
ATOM   770  C  CE    . MET A 1 119 ? 11.426  5.723   4.032   1.00 19.04 ? 99   MET A CE    1 
ATOM   771  N  N     . LEU A 1 120 ? 10.939  11.782  1.529   1.00 18.50 ? 100  LEU A N     1 
ATOM   772  C  CA    . LEU A 1 120 ? 10.439  12.597  0.425   1.00 19.70 ? 100  LEU A CA    1 
ATOM   773  C  C     . LEU A 1 120 ? 10.932  14.040  0.551   1.00 20.77 ? 100  LEU A C     1 
ATOM   774  O  O     . LEU A 1 120 ? 11.293  14.681  -0.440  1.00 20.45 ? 100  LEU A O     1 
ATOM   775  C  CB    . LEU A 1 120 ? 8.908   12.543  0.361   1.00 18.64 ? 100  LEU A CB    1 
ATOM   776  C  CG    . LEU A 1 120 ? 8.311   11.151  0.108   1.00 19.04 ? 100  LEU A CG    1 
ATOM   777  C  CD1   . LEU A 1 120 ? 6.792   11.243  0.114   1.00 16.90 ? 100  LEU A CD1   1 
ATOM   778  C  CD2   . LEU A 1 120 ? 8.822   10.501  -1.193  1.00 17.78 ? 100  LEU A CD2   1 
ATOM   779  N  N     . GLU A 1 121 ? 10.936  14.534  1.782   1.00 21.74 ? 101  GLU A N     1 
ATOM   780  C  CA    . GLU A 1 121 ? 11.499  15.840  2.083   1.00 25.08 ? 101  GLU A CA    1 
ATOM   781  C  C     . GLU A 1 121 ? 12.965  15.993  1.612   1.00 25.61 ? 101  GLU A C     1 
ATOM   782  O  O     . GLU A 1 121 ? 13.275  16.971  0.962   1.00 25.37 ? 101  GLU A O     1 
ATOM   783  C  CB    . GLU A 1 121 ? 11.361  16.114  3.572   1.00 24.87 ? 101  GLU A CB    1 
ATOM   784  C  CG    . GLU A 1 121 ? 11.788  17.477  3.976   1.00 28.16 ? 101  GLU A CG    1 
ATOM   785  C  CD    . GLU A 1 121 ? 11.657  17.648  5.459   1.00 29.54 ? 101  GLU A CD    1 
ATOM   786  O  OE1   . GLU A 1 121 ? 12.132  16.775  6.225   1.00 33.27 ? 101  GLU A OE1   1 
ATOM   787  O  OE2   . GLU A 1 121 ? 11.046  18.641  5.841   1.00 27.26 ? 101  GLU A OE2   1 
ATOM   788  N  N     . ARG A 1 122 ? 13.832  15.029  1.950   1.00 27.50 ? 102  ARG A N     1 
ATOM   789  C  CA    . ARG A 1 122 ? 15.188  14.879  1.368   1.00 29.83 ? 102  ARG A CA    1 
ATOM   790  C  C     . ARG A 1 122 ? 15.208  15.054  -0.153  1.00 30.73 ? 102  ARG A C     1 
ATOM   791  O  O     . ARG A 1 122 ? 16.090  15.702  -0.718  1.00 31.53 ? 102  ARG A O     1 
ATOM   792  C  CB    . ARG A 1 122 ? 15.749  13.485  1.645   1.00 30.38 ? 102  ARG A CB    1 
ATOM   793  C  CG    . ARG A 1 122 ? 16.373  13.272  3.009   1.00 33.08 ? 102  ARG A CG    1 
ATOM   794  C  CD    . ARG A 1 122 ? 17.591  12.349  2.908   1.00 38.52 ? 102  ARG A CD    1 
ATOM   795  N  NE    . ARG A 1 122 ? 17.451  11.287  1.908   1.00 40.02 ? 102  ARG A NE    1 
ATOM   796  C  CZ    . ARG A 1 122 ? 16.989  10.064  2.168   1.00 40.94 ? 102  ARG A CZ    1 
ATOM   797  N  NH1   . ARG A 1 122 ? 16.617  9.735   3.402   1.00 39.90 ? 102  ARG A NH1   1 
ATOM   798  N  NH2   . ARG A 1 122 ? 16.914  9.162   1.188   1.00 39.02 ? 102  ARG A NH2   1 
ATOM   799  N  N     . ARG A 1 123 ? 14.216  14.490  -0.821  1.00 30.66 ? 103  ARG A N     1 
ATOM   800  C  CA    . ARG A 1 123 ? 14.126  14.618  -2.268  1.00 30.53 ? 103  ARG A CA    1 
ATOM   801  C  C     . ARG A 1 123 ? 13.346  15.838  -2.732  1.00 29.64 ? 103  ARG A C     1 
ATOM   802  O  O     . ARG A 1 123 ? 13.099  15.984  -3.915  1.00 30.64 ? 103  ARG A O     1 
ATOM   803  C  CB    . ARG A 1 123 ? 13.558  13.332  -2.879  1.00 30.32 ? 103  ARG A CB    1 
ATOM   804  C  CG    . ARG A 1 123 ? 14.410  12.105  -2.591  1.00 32.49 ? 103  ARG A CG    1 
ATOM   805  C  CD    . ARG A 1 123 ? 13.618  10.833  -2.806  1.00 34.29 ? 103  ARG A CD    1 
ATOM   806  N  NE    . ARG A 1 123 ? 14.468  9.645   -2.855  1.00 34.95 ? 103  ARG A NE    1 
ATOM   807  C  CZ    . ARG A 1 123 ? 14.633  8.769   -1.862  1.00 34.06 ? 103  ARG A CZ    1 
ATOM   808  N  NH1   . ARG A 1 123 ? 14.025  8.929   -0.693  1.00 33.88 ? 103  ARG A NH1   1 
ATOM   809  N  NH2   . ARG A 1 123 ? 15.410  7.715   -2.046  1.00 32.79 ? 103  ARG A NH2   1 
ATOM   810  N  N     . GLY A 1 124 ? 12.933  16.708  -1.809  1.00 29.10 ? 104  GLY A N     1 
ATOM   811  C  CA    . GLY A 1 124 ? 12.189  17.917  -2.172  1.00 27.32 ? 104  GLY A CA    1 
ATOM   812  C  C     . GLY A 1 124 ? 10.745  17.759  -2.608  1.00 26.88 ? 104  GLY A C     1 
ATOM   813  O  O     . GLY A 1 124 ? 10.237  18.532  -3.424  1.00 26.55 ? 104  GLY A O     1 
ATOM   814  N  N     . THR A 1 125 ? 10.049  16.795  -2.023  1.00 25.90 ? 105  THR A N     1 
ATOM   815  C  CA    . THR A 1 125 ? 8.685   16.488  -2.453  1.00 24.86 ? 105  THR A CA    1 
ATOM   816  C  C     . THR A 1 125 ? 7.859   15.920  -1.279  1.00 23.91 ? 105  THR A C     1 
ATOM   817  O  O     . THR A 1 125 ? 8.358   15.827  -0.152  1.00 22.02 ? 105  THR A O     1 
ATOM   818  C  CB    . THR A 1 125 ? 8.755   15.505  -3.645  1.00 24.44 ? 105  THR A CB    1 
ATOM   819  O  OG1   . THR A 1 125 ? 7.493   15.449  -4.311  1.00 27.82 ? 105  THR A OG1   1 
ATOM   820  C  CG2   . THR A 1 125 ? 9.201   14.111  -3.185  1.00 23.36 ? 105  THR A CG2   1 
ATOM   821  N  N     . ASP A 1 126 ? 6.598   15.569  -1.534  1.00 23.43 ? 106  ASP A N     1 
ATOM   822  C  CA    . ASP A 1 126 ? 5.737   15.014  -0.481  1.00 23.95 ? 106  ASP A CA    1 
ATOM   823  C  C     . ASP A 1 126 ? 4.570   14.286  -1.122  1.00 23.25 ? 106  ASP A C     1 
ATOM   824  O  O     . ASP A 1 126 ? 4.392   14.325  -2.333  1.00 21.95 ? 106  ASP A O     1 
ATOM   825  C  CB    . ASP A 1 126 ? 5.204   16.137  0.433   1.00 24.16 ? 106  ASP A CB    1 
ATOM   826  C  CG    . ASP A 1 126 ? 4.948   15.675  1.897   1.00 28.10 ? 106  ASP A CG    1 
ATOM   827  O  OD1   . ASP A 1 126 ? 5.057   14.447  2.228   1.00 28.39 ? 106  ASP A OD1   1 
ATOM   828  O  OD2   . ASP A 1 126 ? 4.622   16.564  2.724   1.00 27.40 ? 106  ASP A OD2   1 
ATOM   829  N  N     . ILE A 1 127 ? 3.761   13.645  -0.279  1.00 22.34 ? 107  ILE A N     1 
ATOM   830  C  CA    . ILE A 1 127 ? 2.530   12.979  -0.705  1.00 22.01 ? 107  ILE A CA    1 
ATOM   831  C  C     . ILE A 1 127 ? 1.480   14.007  -1.138  1.00 22.57 ? 107  ILE A C     1 
ATOM   832  O  O     . ILE A 1 127 ? 1.349   15.056  -0.497  1.00 24.32 ? 107  ILE A O     1 
ATOM   833  C  CB    . ILE A 1 127 ? 2.025   12.081  0.456   1.00 22.20 ? 107  ILE A CB    1 
ATOM   834  C  CG1   . ILE A 1 127 ? 3.044   10.959  0.712   1.00 20.06 ? 107  ILE A CG1   1 
ATOM   835  C  CG2   . ILE A 1 127 ? 0.617   11.529  0.192   1.00 22.13 ? 107  ILE A CG2   1 
ATOM   836  C  CD1   . ILE A 1 127 ? 3.341   10.106  -0.526  1.00 18.70 ? 107  ILE A CD1   1 
ATOM   837  N  N     . ASP A 1 128 ? 0.772   13.720  -2.232  1.00 22.37 ? 108  ASP A N     1 
ATOM   838  C  CA    . ASP A 1 128 ? -0.321  14.536  -2.761  1.00 21.93 ? 108  ASP A CA    1 
ATOM   839  C  C     . ASP A 1 128 ? -1.712  14.123  -2.281  1.00 21.33 ? 108  ASP A C     1 
ATOM   840  O  O     . ASP A 1 128 ? -2.554  14.974  -2.009  1.00 22.08 ? 108  ASP A O     1 
ATOM   841  C  CB    . ASP A 1 128 ? -0.306  14.481  -4.298  1.00 23.21 ? 108  ASP A CB    1 
ATOM   842  C  CG    . ASP A 1 128 ? 0.886   15.205  -4.886  1.00 26.72 ? 108  ASP A CG    1 
ATOM   843  O  OD1   . ASP A 1 128 ? 1.725   14.572  -5.583  1.00 29.29 ? 108  ASP A OD1   1 
ATOM   844  O  OD2   . ASP A 1 128 ? 1.005   16.418  -4.600  1.00 30.60 ? 108  ASP A OD2   1 
ATOM   845  N  N     . ALA A 1 129 ? -1.966  12.818  -2.229  1.00 19.78 ? 109  ALA A N     1 
ATOM   846  C  CA    . ALA A 1 129 ? -3.290  12.281  -1.956  1.00 17.83 ? 109  ALA A CA    1 
ATOM   847  C  C     . ALA A 1 129 ? -3.201  10.949  -1.207  1.00 16.66 ? 109  ALA A C     1 
ATOM   848  O  O     . ALA A 1 129 ? -2.248  10.194  -1.384  1.00 15.41 ? 109  ALA A O     1 
ATOM   849  C  CB    . ALA A 1 129 ? -4.053  12.075  -3.294  1.00 17.76 ? 109  ALA A CB    1 
ATOM   850  N  N     . VAL A 1 130 ? -4.222  10.668  -0.399  1.00 15.88 ? 110  VAL A N     1 
ATOM   851  C  CA    . VAL A 1 130 ? -4.280  9.472   0.396   1.00 15.81 ? 110  VAL A CA    1 
ATOM   852  C  C     . VAL A 1 130 ? -5.702  8.931   0.255   1.00 16.60 ? 110  VAL A C     1 
ATOM   853  O  O     . VAL A 1 130 ? -6.677  9.617   0.587   1.00 16.11 ? 110  VAL A O     1 
ATOM   854  C  CB    . VAL A 1 130 ? -3.920  9.752   1.875   1.00 15.21 ? 110  VAL A CB    1 
ATOM   855  C  CG1   . VAL A 1 130 ? -4.018  8.466   2.693   1.00 14.05 ? 110  VAL A CG1   1 
ATOM   856  C  CG2   . VAL A 1 130 ? -2.504  10.378  1.993   1.00 15.45 ? 110  VAL A CG2   1 
ATOM   857  N  N     . LEU A 1 131 ? -5.800  7.720   -0.272  1.00 15.61 ? 111  LEU A N     1 
ATOM   858  C  CA    . LEU A 1 131 ? -7.066  7.092   -0.531  1.00 16.88 ? 111  LEU A CA    1 
ATOM   859  C  C     . LEU A 1 131 ? -7.215  5.890   0.376   1.00 16.77 ? 111  LEU A C     1 
ATOM   860  O  O     . LEU A 1 131 ? -6.388  4.960   0.362   1.00 18.09 ? 111  LEU A O     1 
ATOM   861  C  CB    . LEU A 1 131 ? -7.161  6.652   -2.000  1.00 16.12 ? 111  LEU A CB    1 
ATOM   862  C  CG    . LEU A 1 131 ? -6.935  7.693   -3.126  1.00 18.08 ? 111  LEU A CG    1 
ATOM   863  C  CD1   . LEU A 1 131 ? -7.103  7.078   -4.529  1.00 18.51 ? 111  LEU A CD1   1 
ATOM   864  C  CD2   . LEU A 1 131 ? -7.798  8.930   -2.954  1.00 17.82 ? 111  LEU A CD2   1 
ATOM   865  N  N     . GLU A 1 132 ? -8.287  5.901   1.135   1.00 16.65 ? 112  GLU A N     1 
ATOM   866  C  CA    . GLU A 1 132 ? -8.643  4.772   1.995   1.00 17.53 ? 112  GLU A CA    1 
ATOM   867  C  C     . GLU A 1 132 ? -9.646  3.936   1.241   1.00 16.70 ? 112  GLU A C     1 
ATOM   868  O  O     . GLU A 1 132 ? -10.654 4.469   0.779   1.00 15.70 ? 112  GLU A O     1 
ATOM   869  C  CB    . GLU A 1 132 ? -9.275  5.281   3.297   1.00 17.59 ? 112  GLU A CB    1 
ATOM   870  C  CG    . GLU A 1 132 ? -9.809  4.135   4.225   1.00 20.07 ? 112  GLU A CG    1 
ATOM   871  C  CD    . GLU A 1 132 ? -10.870 4.623   5.222   1.00 21.33 ? 112  GLU A CD    1 
ATOM   872  O  OE1   . GLU A 1 132 ? -11.136 5.851   5.263   1.00 20.84 ? 112  GLU A OE1   1 
ATOM   873  O  OE2   . GLU A 1 132 ? -11.415 3.758   5.968   1.00 25.10 ? 112  GLU A OE2   1 
ATOM   874  N  N     . PHE A 1 133 ? -9.353  2.641   1.090   1.00 16.22 ? 113  PHE A N     1 
ATOM   875  C  CA    . PHE A 1 133 ? -10.263 1.715   0.440   1.00 17.70 ? 113  PHE A CA    1 
ATOM   876  C  C     . PHE A 1 133 ? -11.121 1.108   1.537   1.00 18.37 ? 113  PHE A C     1 
ATOM   877  O  O     . PHE A 1 133 ? -10.644 0.287   2.361   1.00 18.71 ? 113  PHE A O     1 
ATOM   878  C  CB    . PHE A 1 133 ? -9.491  0.653   -0.362  1.00 18.03 ? 113  PHE A CB    1 
ATOM   879  C  CG    . PHE A 1 133 ? -9.040  1.132   -1.721  1.00 18.17 ? 113  PHE A CG    1 
ATOM   880  C  CD1   . PHE A 1 133 ? -8.928  2.495   -2.002  1.00 21.72 ? 113  PHE A CD1   1 
ATOM   881  C  CD2   . PHE A 1 133 ? -8.727  0.228   -2.722  1.00 19.40 ? 113  PHE A CD2   1 
ATOM   882  C  CE1   . PHE A 1 133 ? -8.513  2.954   -3.269  1.00 22.82 ? 113  PHE A CE1   1 
ATOM   883  C  CE2   . PHE A 1 133 ? -8.315  0.683   -3.997  1.00 21.80 ? 113  PHE A CE2   1 
ATOM   884  C  CZ    . PHE A 1 133 ? -8.204  2.050   -4.257  1.00 20.57 ? 113  PHE A CZ    1 
ATOM   885  N  N     . ARG A 1 134 ? -12.355 1.592   1.583   1.00 17.69 ? 114  ARG A N     1 
ATOM   886  C  CA    . ARG A 1 134 ? -13.360 1.145   2.557   1.00 17.61 ? 114  ARG A CA    1 
ATOM   887  C  C     . ARG A 1 134 ? -14.103 -0.100  2.056   1.00 16.87 ? 114  ARG A C     1 
ATOM   888  O  O     . ARG A 1 134 ? -14.798 -0.036  1.040   1.00 15.97 ? 114  ARG A O     1 
ATOM   889  C  CB    . ARG A 1 134 ? -14.370 2.275   2.842   1.00 17.38 ? 114  ARG A CB    1 
ATOM   890  C  CG    . ARG A 1 134 ? -15.420 1.906   3.936   1.00 18.06 ? 114  ARG A CG    1 
ATOM   891  C  CD    . ARG A 1 134 ? -16.531 2.947   4.043   1.00 18.83 ? 114  ARG A CD    1 
ATOM   892  N  NE    . ARG A 1 134 ? -17.551 2.667   5.093   1.00 19.54 ? 114  ARG A NE    1 
ATOM   893  C  CZ    . ARG A 1 134 ? -18.609 1.871   4.932   1.00 20.12 ? 114  ARG A CZ    1 
ATOM   894  N  NH1   . ARG A 1 134 ? -18.797 1.211   3.782   1.00 19.87 ? 114  ARG A NH1   1 
ATOM   895  N  NH2   . ARG A 1 134 ? -19.481 1.708   5.932   1.00 22.68 ? 114  ARG A NH2   1 
ATOM   896  N  N     . VAL A 1 135 ? -13.991 -1.208  2.791   1.00 16.70 ? 115  VAL A N     1 
ATOM   897  C  CA    . VAL A 1 135 ? -14.590 -2.485  2.374   1.00 17.94 ? 115  VAL A CA    1 
ATOM   898  C  C     . VAL A 1 135 ? -14.976 -3.293  3.620   1.00 19.28 ? 115  VAL A C     1 
ATOM   899  O  O     . VAL A 1 135 ? -14.133 -3.515  4.499   1.00 19.14 ? 115  VAL A O     1 
ATOM   900  C  CB    . VAL A 1 135 ? -13.563 -3.357  1.572   1.00 17.48 ? 115  VAL A CB    1 
ATOM   901  C  CG1   . VAL A 1 135 ? -14.227 -4.615  1.022   1.00 16.98 ? 115  VAL A CG1   1 
ATOM   902  C  CG2   . VAL A 1 135 ? -12.898 -2.567  0.459   1.00 16.75 ? 115  VAL A CG2   1 
ATOM   903  N  N     . SER A 1 136 ? -16.222 -3.751  3.673   1.00 21.35 ? 116  SER A N     1 
ATOM   904  C  CA    . SER A 1 136 ? -16.699 -4.527  4.831   1.00 23.17 ? 116  SER A CA    1 
ATOM   905  C  C     . SER A 1 136 ? -15.918 -5.828  4.986   1.00 23.71 ? 116  SER A C     1 
ATOM   906  O  O     . SER A 1 136 ? -15.402 -6.389  3.999   1.00 21.73 ? 116  SER A O     1 
ATOM   907  C  CB    . SER A 1 136 ? -18.199 -4.808  4.716   1.00 24.51 ? 116  SER A CB    1 
ATOM   908  O  OG    . SER A 1 136 ? -18.443 -5.720  3.664   1.00 26.22 ? 116  SER A OG    1 
ATOM   909  N  N     . GLU A 1 137 ? -15.834 -6.311  6.223   1.00 24.39 ? 117  GLU A N     1 
ATOM   910  C  CA    . GLU A 1 137 ? -15.012 -7.473  6.496   1.00 26.00 ? 117  GLU A CA    1 
ATOM   911  C  C     . GLU A 1 137 ? -15.502 -8.725  5.765   1.00 25.77 ? 117  GLU A C     1 
ATOM   912  O  O     . GLU A 1 137 ? -14.689 -9.560  5.403   1.00 25.99 ? 117  GLU A O     1 
ATOM   913  C  CB    . GLU A 1 137 ? -14.878 -7.744  7.997   1.00 26.86 ? 117  GLU A CB    1 
ATOM   914  C  CG    . GLU A 1 137 ? -13.658 -8.599  8.282   1.00 30.50 ? 117  GLU A CG    1 
ATOM   915  C  CD    . GLU A 1 137 ? -13.712 -9.325  9.619   1.00 35.95 ? 117  GLU A CD    1 
ATOM   916  O  OE1   . GLU A 1 137 ? -14.813 -9.788  10.025  1.00 37.12 ? 117  GLU A OE1   1 
ATOM   917  O  OE2   . GLU A 1 137 ? -12.628 -9.459  10.228  1.00 36.88 ? 117  GLU A OE2   1 
ATOM   918  N  N     . GLU A 1 138 ? -16.815 -8.835  5.531   1.00 26.08 ? 118  GLU A N     1 
ATOM   919  C  CA    . GLU A 1 138 ? -17.410 -10.008 4.863   1.00 25.87 ? 118  GLU A CA    1 
ATOM   920  C  C     . GLU A 1 138 ? -16.908 -10.106 3.423   1.00 24.37 ? 118  GLU A C     1 
ATOM   921  O  O     . GLU A 1 138 ? -16.566 -11.187 2.922   1.00 23.10 ? 118  GLU A O     1 
ATOM   922  C  CB    . GLU A 1 138 ? -18.953 -9.929  4.876   1.00 27.19 ? 118  GLU A CB    1 
ATOM   923  C  CG    . GLU A 1 138 ? -19.574 -9.694  6.263   1.00 31.03 ? 118  GLU A CG    1 
ATOM   924  C  CD    . GLU A 1 138 ? -19.126 -8.371  6.912   1.00 36.28 ? 118  GLU A CD    1 
ATOM   925  O  OE1   . GLU A 1 138 ? -18.396 -8.416  7.933   1.00 39.94 ? 118  GLU A OE1   1 
ATOM   926  O  OE2   . GLU A 1 138 ? -19.482 -7.291  6.407   1.00 36.79 ? 118  GLU A OE2   1 
ATOM   927  N  N     . VAL A 1 139 ? -16.862 -8.953  2.766   1.00 22.60 ? 119  VAL A N     1 
ATOM   928  C  CA    . VAL A 1 139 ? -16.282 -8.842  1.419   1.00 21.35 ? 119  VAL A CA    1 
ATOM   929  C  C     . VAL A 1 139 ? -14.775 -9.152  1.375   1.00 20.99 ? 119  VAL A C     1 
ATOM   930  O  O     . VAL A 1 139 ? -14.303 -9.848  0.456   1.00 20.93 ? 119  VAL A O     1 
ATOM   931  C  CB    . VAL A 1 139 ? -16.584 -7.425  0.806   1.00 21.23 ? 119  VAL A CB    1 
ATOM   932  C  CG1   . VAL A 1 139 ? -15.991 -7.270  -0.561  1.00 20.07 ? 119  VAL A CG1   1 
ATOM   933  C  CG2   . VAL A 1 139 ? -18.087 -7.180  0.763   1.00 21.57 ? 119  VAL A CG2   1 
ATOM   934  N  N     . LEU A 1 140 ? -14.010 -8.573  2.306   1.00 20.67 ? 120  LEU A N     1 
ATOM   935  C  CA    . LEU A 1 140 ? -12.565 -8.866  2.418   1.00 20.02 ? 120  LEU A CA    1 
ATOM   936  C  C     . LEU A 1 140 ? -12.331 -10.356 2.471   1.00 20.33 ? 120  LEU A C     1 
ATOM   937  O  O     . LEU A 1 140 ? -11.523 -10.882 1.726   1.00 18.58 ? 120  LEU A O     1 
ATOM   938  C  CB    . LEU A 1 140 ? -11.953 -8.242  3.682   1.00 19.26 ? 120  LEU A CB    1 
ATOM   939  C  CG    . LEU A 1 140 ? -11.966 -6.708  3.673   1.00 21.06 ? 120  LEU A CG    1 
ATOM   940  C  CD1   . LEU A 1 140 ? -11.418 -6.202  4.976   1.00 20.82 ? 120  LEU A CD1   1 
ATOM   941  C  CD2   . LEU A 1 140 ? -11.176 -6.139  2.492   1.00 18.75 ? 120  LEU A CD2   1 
ATOM   942  N  N     . LEU A 1 141 ? -13.046 -11.032 3.371   1.00 20.46 ? 121  LEU A N     1 
ATOM   943  C  CA    . LEU A 1 141 ? -12.855 -12.454 3.558   1.00 21.96 ? 121  LEU A CA    1 
ATOM   944  C  C     . LEU A 1 141 ? -13.114 -13.229 2.272   1.00 22.20 ? 121  LEU A C     1 
ATOM   945  O  O     . LEU A 1 141 ? -12.301 -14.063 1.891   1.00 22.38 ? 121  LEU A O     1 
ATOM   946  C  CB    . LEU A 1 141 ? -13.711 -12.979 4.718   1.00 22.83 ? 121  LEU A CB    1 
ATOM   947  C  CG    . LEU A 1 141 ? -13.310 -12.453 6.095   1.00 22.36 ? 121  LEU A CG    1 
ATOM   948  C  CD1   . LEU A 1 141 ? -14.211 -13.044 7.165   1.00 25.90 ? 121  LEU A CD1   1 
ATOM   949  C  CD2   . LEU A 1 141 ? -11.824 -12.708 6.399   1.00 25.36 ? 121  LEU A CD2   1 
ATOM   950  N  N     . GLU A 1 142 ? -14.217 -12.936 1.589   1.00 22.52 ? 122  GLU A N     1 
ATOM   951  C  CA    . GLU A 1 142 ? -14.541 -13.650 0.362   1.00 23.41 ? 122  GLU A CA    1 
ATOM   952  C  C     . GLU A 1 142 ? -13.498 -13.437 -0.742  1.00 23.08 ? 122  GLU A C     1 
ATOM   953  O  O     . GLU A 1 142 ? -13.145 -14.372 -1.482  1.00 21.94 ? 122  GLU A O     1 
ATOM   954  C  CB    . GLU A 1 142 ? -15.923 -13.263 -0.135  1.00 24.69 ? 122  GLU A CB    1 
ATOM   955  C  CG    . GLU A 1 142 ? -16.080 -11.778 -0.372  1.00 30.43 ? 122  GLU A CG    1 
ATOM   956  C  CD    . GLU A 1 142 ? -17.080 -11.460 -1.457  1.00 38.28 ? 122  GLU A CD    1 
ATOM   957  O  OE1   . GLU A 1 142 ? -18.261 -11.884 -1.301  1.00 40.43 ? 122  GLU A OE1   1 
ATOM   958  O  OE2   . GLU A 1 142 ? -16.671 -10.797 -2.456  1.00 38.83 ? 122  GLU A OE2   1 
ATOM   959  N  N     . ARG A 1 143 ? -12.990 -12.204 -0.840  1.00 21.88 ? 123  ARG A N     1 
ATOM   960  C  CA    . ARG A 1 143 ? -11.912 -11.883 -1.770  1.00 20.67 ? 123  ARG A CA    1 
ATOM   961  C  C     . ARG A 1 143 ? -10.599 -12.610 -1.484  1.00 21.32 ? 123  ARG A C     1 
ATOM   962  O  O     . ARG A 1 143 ? -9.963  -13.129 -2.423  1.00 21.46 ? 123  ARG A O     1 
ATOM   963  C  CB    . ARG A 1 143 ? -11.648 -10.377 -1.762  1.00 20.90 ? 123  ARG A CB    1 
ATOM   964  C  CG    . ARG A 1 143 ? -12.731 -9.565  -2.478  1.00 20.09 ? 123  ARG A CG    1 
ATOM   965  C  CD    . ARG A 1 143 ? -12.380 -8.137  -2.333  1.00 20.62 ? 123  ARG A CD    1 
ATOM   966  N  NE    . ARG A 1 143 ? -13.326 -7.260  -2.979  1.00 18.75 ? 123  ARG A NE    1 
ATOM   967  C  CZ    . ARG A 1 143 ? -13.170 -5.947  -3.036  1.00 20.87 ? 123  ARG A CZ    1 
ATOM   968  N  NH1   . ARG A 1 143 ? -12.073 -5.406  -2.528  1.00 18.33 ? 123  ARG A NH1   1 
ATOM   969  N  NH2   . ARG A 1 143 ? -14.093 -5.188  -3.634  1.00 21.14 ? 123  ARG A NH2   1 
ATOM   970  N  N     . LEU A 1 144 ? -10.168 -12.604 -0.220  1.00 20.56 ? 124  LEU A N     1 
ATOM   971  C  CA    . LEU A 1 144 ? -8.923  -13.262 0.164   1.00 21.87 ? 124  LEU A CA    1 
ATOM   972  C  C     . LEU A 1 144 ? -8.998  -14.759 -0.021  1.00 22.95 ? 124  LEU A C     1 
ATOM   973  O  O     . LEU A 1 144 ? -8.035  -15.373 -0.485  1.00 22.86 ? 124  LEU A O     1 
ATOM   974  C  CB    . LEU A 1 144 ? -8.526  -12.932 1.601   1.00 20.80 ? 124  LEU A CB    1 
ATOM   975  C  CG    . LEU A 1 144 ? -8.213  -11.446 1.837   1.00 20.34 ? 124  LEU A CG    1 
ATOM   976  C  CD1   . LEU A 1 144 ? -7.991  -11.215 3.323   1.00 20.66 ? 124  LEU A CD1   1 
ATOM   977  C  CD2   . LEU A 1 144 ? -7.012  -11.016 0.991   1.00 19.98 ? 124  LEU A CD2   1 
ATOM   978  N  N     . LYS A 1 145 ? -10.146 -15.336 0.337   1.00 25.01 ? 125  LYS A N     1 
ATOM   979  C  CA    . LYS A 1 145 ? -10.390 -16.759 0.099   1.00 27.17 ? 125  LYS A CA    1 
ATOM   980  C  C     . LYS A 1 145 ? -10.360 -17.108 -1.389  1.00 27.49 ? 125  LYS A C     1 
ATOM   981  O  O     . LYS A 1 145 ? -9.867  -18.161 -1.740  1.00 29.42 ? 125  LYS A O     1 
ATOM   982  C  CB    . LYS A 1 145 ? -11.706 -17.204 0.746   1.00 27.60 ? 125  LYS A CB    1 
ATOM   983  C  CG    . LYS A 1 145 ? -11.530 -17.807 2.142   1.00 30.45 ? 125  LYS A CG    1 
ATOM   984  C  CD    . LYS A 1 145 ? -10.252 -17.322 2.837   1.00 31.44 ? 125  LYS A CD    1 
ATOM   985  C  CE    . LYS A 1 145 ? -10.565 -16.848 4.242   1.00 33.72 ? 125  LYS A CE    1 
ATOM   986  N  NZ    . LYS A 1 145 ? -11.287 -15.545 4.199   1.00 34.54 ? 125  LYS A NZ    1 
ATOM   987  N  N     . GLY A 1 146 ? -10.873 -16.229 -2.249  1.00 27.88 ? 126  GLY A N     1 
ATOM   988  C  CA    . GLY A 1 146 ? -10.758 -16.392 -3.702  1.00 27.53 ? 126  GLY A CA    1 
ATOM   989  C  C     . GLY A 1 146 ? -9.355  -16.157 -4.257  1.00 28.27 ? 126  GLY A C     1 
ATOM   990  O  O     . GLY A 1 146 ? -8.978  -16.730 -5.291  1.00 27.63 ? 126  GLY A O     1 
ATOM   991  N  N     . ARG A 1 147 ? -8.557  -15.335 -3.571  1.00 27.96 ? 127  ARG A N     1 
ATOM   992  C  CA    . ARG A 1 147 ? -7.190  -15.057 -4.035  1.00 27.22 ? 127  ARG A CA    1 
ATOM   993  C  C     . ARG A 1 147 ? -6.253  -16.252 -3.870  1.00 27.22 ? 127  ARG A C     1 
ATOM   994  O  O     . ARG A 1 147 ? -5.571  -16.644 -4.820  1.00 26.99 ? 127  ARG A O     1 
ATOM   995  C  CB    . ARG A 1 147 ? -6.608  -13.821 -3.365  1.00 26.98 ? 127  ARG A CB    1 
ATOM   996  C  CG    . ARG A 1 147 ? -5.331  -13.324 -4.028  1.00 26.49 ? 127  ARG A CG    1 
ATOM   997  C  CD    . ARG A 1 147 ? -4.919  -11.979 -3.465  1.00 23.87 ? 127  ARG A CD    1 
ATOM   998  N  NE    . ARG A 1 147 ? -4.538  -12.036 -2.052  1.00 22.33 ? 127  ARG A NE    1 
ATOM   999  C  CZ    . ARG A 1 147 ? -4.162  -10.971 -1.361  1.00 25.09 ? 127  ARG A CZ    1 
ATOM   1000 N  NH1   . ARG A 1 147 ? -4.146  -9.772  -1.954  1.00 25.53 ? 127  ARG A NH1   1 
ATOM   1001 N  NH2   . ARG A 1 147 ? -3.809  -11.094 -0.091  1.00 23.46 ? 127  ARG A NH2   1 
ATOM   1002 N  N     . GLY A 1 148 ? -6.206  -16.826 -2.671  1.00 27.55 ? 128  GLY A N     1 
ATOM   1003 C  CA    . GLY A 1 148 ? -5.400  -18.022 -2.424  1.00 28.10 ? 128  GLY A CA    1 
ATOM   1004 C  C     . GLY A 1 148 ? -3.900  -17.848 -2.440  1.00 28.88 ? 128  GLY A C     1 
ATOM   1005 O  O     . GLY A 1 148 ? -3.158  -18.781 -2.774  1.00 28.98 ? 128  GLY A O     1 
ATOM   1006 N  N     . ARG A 1 149 ? -3.422  -16.658 -2.082  1.00 27.81 ? 129  ARG A N     1 
ATOM   1007 C  CA    . ARG A 1 149 ? -1.992  -16.467 -1.932  1.00 27.16 ? 129  ARG A CA    1 
ATOM   1008 C  C     . ARG A 1 149 ? -1.608  -17.251 -0.671  1.00 27.16 ? 129  ARG A C     1 
ATOM   1009 O  O     . ARG A 1 149 ? -2.499  -17.660 0.092   1.00 27.67 ? 129  ARG A O     1 
ATOM   1010 C  CB    . ARG A 1 149 ? -1.680  -14.960 -1.822  1.00 26.98 ? 129  ARG A CB    1 
ATOM   1011 C  CG    . ARG A 1 149 ? -0.240  -14.536 -2.098  1.00 25.48 ? 129  ARG A CG    1 
ATOM   1012 C  CD    . ARG A 1 149 ? -0.183  -13.011 -2.130  1.00 24.92 ? 129  ARG A CD    1 
ATOM   1013 N  NE    . ARG A 1 149 ? -0.337  -12.442 -0.790  1.00 20.22 ? 129  ARG A NE    1 
ATOM   1014 C  CZ    . ARG A 1 149 ? -0.576  -11.159 -0.547  1.00 21.97 ? 129  ARG A CZ    1 
ATOM   1015 N  NH1   . ARG A 1 149 ? -0.741  -10.318 -1.560  1.00 22.41 ? 129  ARG A NH1   1 
ATOM   1016 N  NH2   . ARG A 1 149 ? -0.659  -10.710 0.711   1.00 17.77 ? 129  ARG A NH2   1 
ATOM   1017 N  N     . ALA A 1 150 ? -0.311  -17.476 -0.451  1.00 27.29 ? 130  ALA A N     1 
ATOM   1018 C  CA    . ALA A 1 150 ? 0.167   -18.294 0.674   1.00 27.74 ? 130  ALA A CA    1 
ATOM   1019 C  C     . ALA A 1 150 ? -0.326  -17.848 2.047   1.00 27.90 ? 130  ALA A C     1 
ATOM   1020 O  O     . ALA A 1 150 ? -0.651  -18.707 2.903   1.00 28.08 ? 130  ALA A O     1 
ATOM   1021 C  CB    . ALA A 1 150 ? 1.674   -18.397 0.679   1.00 28.56 ? 130  ALA A CB    1 
ATOM   1022 N  N     . ASP A 1 151 ? -0.374  -16.523 2.256   1.00 26.48 ? 131  ASP A N     1 
ATOM   1023 C  CA    . ASP A 1 151 ? -0.840  -15.929 3.517   1.00 24.82 ? 131  ASP A CA    1 
ATOM   1024 C  C     . ASP A 1 151 ? -2.361  -15.755 3.620   1.00 23.62 ? 131  ASP A C     1 
ATOM   1025 O  O     . ASP A 1 151 ? -2.872  -15.185 4.586   1.00 22.39 ? 131  ASP A O     1 
ATOM   1026 C  CB    . ASP A 1 151 ? -0.113  -14.603 3.828   1.00 25.00 ? 131  ASP A CB    1 
ATOM   1027 C  CG    . ASP A 1 151 ? -0.169  -13.572 2.678   1.00 25.64 ? 131  ASP A CG    1 
ATOM   1028 O  OD1   . ASP A 1 151 ? -0.430  -13.950 1.505   1.00 27.17 ? 131  ASP A OD1   1 
ATOM   1029 O  OD2   . ASP A 1 151 ? 0.102   -12.359 2.960   1.00 25.99 ? 131  ASP A OD2   1 
ATOM   1030 N  N     . ASP A 1 152 ? -3.103  -16.233 2.636   1.00 23.51 ? 132  ASP A N     1 
ATOM   1031 C  CA    . ASP A 1 152 ? -4.560  -16.081 2.682   1.00 23.08 ? 132  ASP A CA    1 
ATOM   1032 C  C     . ASP A 1 152 ? -5.284  -17.247 3.412   1.00 23.65 ? 132  ASP A C     1 
ATOM   1033 O  O     . ASP A 1 152 ? -6.286  -17.740 2.939   1.00 23.98 ? 132  ASP A O     1 
ATOM   1034 C  CB    . ASP A 1 152 ? -5.128  -15.885 1.277   1.00 23.00 ? 132  ASP A CB    1 
ATOM   1035 C  CG    . ASP A 1 152 ? -4.633  -14.595 0.599   1.00 24.13 ? 132  ASP A CG    1 
ATOM   1036 O  OD1   . ASP A 1 152 ? -4.335  -13.587 1.290   1.00 22.75 ? 132  ASP A OD1   1 
ATOM   1037 O  OD2   . ASP A 1 152 ? -4.580  -14.589 -0.644  1.00 23.85 ? 132  ASP A OD2   1 
ATOM   1038 N  N     . THR A 1 153 ? -4.783  -17.655 4.576   1.00 23.56 ? 133  THR A N     1 
ATOM   1039 C  CA    . THR A 1 153 ? -5.444  -18.694 5.390   1.00 23.65 ? 133  THR A CA    1 
ATOM   1040 C  C     . THR A 1 153 ? -6.173  -18.079 6.599   1.00 23.48 ? 133  THR A C     1 
ATOM   1041 O  O     . THR A 1 153 ? -5.847  -16.959 7.005   1.00 21.77 ? 133  THR A O     1 
ATOM   1042 C  CB    . THR A 1 153 ? -4.431  -19.744 5.843   1.00 24.38 ? 133  THR A CB    1 
ATOM   1043 O  OG1   . THR A 1 153 ? -3.465  -19.126 6.709   1.00 26.08 ? 133  THR A OG1   1 
ATOM   1044 C  CG2   . THR A 1 153 ? -3.712  -20.394 4.607   1.00 24.13 ? 133  THR A CG2   1 
ATOM   1045 N  N     . ASP A 1 154 ? -7.160  -18.788 7.169   1.00 23.10 ? 134  ASP A N     1 
ATOM   1046 C  CA    . ASP A 1 154 ? -8.009  -18.215 8.222   1.00 23.28 ? 134  ASP A CA    1 
ATOM   1047 C  C     . ASP A 1 154 ? -7.238  -17.568 9.391   1.00 22.50 ? 134  ASP A C     1 
ATOM   1048 O  O     . ASP A 1 154 ? -7.594  -16.459 9.802   1.00 21.20 ? 134  ASP A O     1 
ATOM   1049 C  CB    . ASP A 1 154 ? -9.021  -19.221 8.787   1.00 24.71 ? 134  ASP A CB    1 
ATOM   1050 C  CG    . ASP A 1 154 ? -10.058 -19.667 7.776   1.00 28.58 ? 134  ASP A CG    1 
ATOM   1051 O  OD1   . ASP A 1 154 ? -10.533 -18.845 6.952   1.00 29.99 ? 134  ASP A OD1   1 
ATOM   1052 O  OD2   . ASP A 1 154 ? -10.412 -20.873 7.812   1.00 33.98 ? 134  ASP A OD2   1 
ATOM   1053 N  N     . ASP A 1 155 ? -6.214  -18.241 9.929   1.00 21.33 ? 135  ASP A N     1 
ATOM   1054 C  CA    . ASP A 1 155 ? -5.508  -17.726 11.116  1.00 21.67 ? 135  ASP A CA    1 
ATOM   1055 C  C     . ASP A 1 155 ? -4.594  -16.540 10.751  1.00 20.15 ? 135  ASP A C     1 
ATOM   1056 O  O     . ASP A 1 155 ? -4.460  -15.550 11.517  1.00 18.11 ? 135  ASP A O     1 
ATOM   1057 C  CB    . ASP A 1 155 ? -4.666  -18.828 11.770  1.00 23.61 ? 135  ASP A CB    1 
ATOM   1058 C  CG    . ASP A 1 155 ? -5.511  -19.988 12.294  1.00 28.75 ? 135  ASP A CG    1 
ATOM   1059 O  OD1   . ASP A 1 155 ? -6.717  -19.772 12.605  1.00 31.65 ? 135  ASP A OD1   1 
ATOM   1060 O  OD2   . ASP A 1 155 ? -4.953  -21.114 12.398  1.00 34.91 ? 135  ASP A OD2   1 
ATOM   1061 N  N     . VAL A 1 156 ? -3.988  -16.639 9.573   1.00 18.07 ? 136  VAL A N     1 
ATOM   1062 C  CA    . VAL A 1 156 ? -3.090  -15.576 9.107   1.00 18.12 ? 136  VAL A CA    1 
ATOM   1063 C  C     . VAL A 1 156 ? -3.925  -14.350 8.773   1.00 17.62 ? 136  VAL A C     1 
ATOM   1064 O  O     . VAL A 1 156 ? -3.561  -13.251 9.163   1.00 17.97 ? 136  VAL A O     1 
ATOM   1065 C  CB    . VAL A 1 156 ? -2.143  -16.047 7.975   1.00 18.33 ? 136  VAL A CB    1 
ATOM   1066 C  CG1   . VAL A 1 156 ? -1.372  -14.839 7.341   1.00 18.46 ? 136  VAL A CG1   1 
ATOM   1067 C  CG2   . VAL A 1 156 ? -1.160  -17.085 8.556   1.00 16.63 ? 136  VAL A CG2   1 
ATOM   1068 N  N     . ILE A 1 157 ? -5.082  -14.552 8.139   1.00 16.17 ? 137  ILE A N     1 
ATOM   1069 C  CA    . ILE A 1 157 ? -5.931  -13.420 7.778   1.00 15.90 ? 137  ILE A CA    1 
ATOM   1070 C  C     . ILE A 1 157 ? -6.391  -12.711 9.051   1.00 15.53 ? 137  ILE A C     1 
ATOM   1071 O  O     . ILE A 1 157 ? -6.295  -11.492 9.142   1.00 14.93 ? 137  ILE A O     1 
ATOM   1072 C  CB    . ILE A 1 157 ? -7.099  -13.817 6.900   1.00 16.03 ? 137  ILE A CB    1 
ATOM   1073 C  CG1   . ILE A 1 157 ? -6.595  -14.124 5.484   1.00 15.87 ? 137  ILE A CG1   1 
ATOM   1074 C  CG2   . ILE A 1 157 ? -8.208  -12.695 6.870   1.00 15.27 ? 137  ILE A CG2   1 
ATOM   1075 C  CD1   . ILE A 1 157 ? -7.626  -14.849 4.650   1.00 17.69 ? 137  ILE A CD1   1 
ATOM   1076 N  N     . LEU A 1 158 ? -6.819  -13.483 10.043  1.00 15.49 ? 138  LEU A N     1 
ATOM   1077 C  CA    . LEU A 1 158 ? -7.146  -12.882 11.369  1.00 16.68 ? 138  LEU A CA    1 
ATOM   1078 C  C     . LEU A 1 158 ? -6.004  -12.008 11.915  1.00 15.86 ? 138  LEU A C     1 
ATOM   1079 O  O     . LEU A 1 158 ? -6.236  -10.855 12.358  1.00 15.39 ? 138  LEU A O     1 
ATOM   1080 C  CB    . LEU A 1 158 ? -7.513  -13.946 12.402  1.00 16.22 ? 138  LEU A CB    1 
ATOM   1081 C  CG    . LEU A 1 158 ? -7.833  -13.435 13.803  1.00 17.11 ? 138  LEU A CG    1 
ATOM   1082 C  CD1   . LEU A 1 158 ? -8.890  -12.332 13.785  1.00 17.19 ? 138  LEU A CD1   1 
ATOM   1083 C  CD2   . LEU A 1 158 ? -8.261  -14.590 14.705  1.00 18.87 ? 138  LEU A CD2   1 
ATOM   1084 N  N     . ASN A 1 159 ? -4.787  -12.546 11.932  1.00 15.08 ? 139  ASN A N     1 
ATOM   1085 C  CA    . ASN A 1 159 ? -3.662  -11.746 12.369  1.00 15.59 ? 139  ASN A CA    1 
ATOM   1086 C  C     . ASN A 1 159 ? -3.449  -10.484 11.545  1.00 15.74 ? 139  ASN A C     1 
ATOM   1087 O  O     . ASN A 1 159 ? -3.198  -9.402  12.098  1.00 15.75 ? 139  ASN A O     1 
ATOM   1088 C  CB    . ASN A 1 159 ? -2.343  -12.547 12.435  1.00 16.66 ? 139  ASN A CB    1 
ATOM   1089 C  CG    . ASN A 1 159 ? -1.254  -11.750 13.118  1.00 17.62 ? 139  ASN A CG    1 
ATOM   1090 O  OD1   . ASN A 1 159 ? -1.421  -11.326 14.271  1.00 18.07 ? 139  ASN A OD1   1 
ATOM   1091 N  ND2   . ASN A 1 159 ? -0.153  -11.495 12.405  1.00 18.96 ? 139  ASN A ND2   1 
ATOM   1092 N  N     . ARG A 1 160 ? -3.556  -10.605 10.226  1.00 16.16 ? 140  ARG A N     1 
ATOM   1093 C  CA    . ARG A 1 160 ? -3.400  -9.415  9.344   1.00 16.10 ? 140  ARG A CA    1 
ATOM   1094 C  C     . ARG A 1 160 ? -4.476  -8.318  9.617   1.00 15.92 ? 140  ARG A C     1 
ATOM   1095 O  O     . ARG A 1 160 ? -4.202  -7.106  9.563   1.00 13.92 ? 140  ARG A O     1 
ATOM   1096 C  CB    . ARG A 1 160 ? -3.448  -9.852  7.885   1.00 15.92 ? 140  ARG A CB    1 
ATOM   1097 C  CG    . ARG A 1 160 ? -2.166  -10.547 7.436   1.00 17.82 ? 140  ARG A CG    1 
ATOM   1098 C  CD    . ARG A 1 160 ? -2.412  -11.363 6.203   1.00 23.50 ? 140  ARG A CD    1 
ATOM   1099 N  NE    . ARG A 1 160 ? -2.438  -10.622 4.949   1.00 26.76 ? 140  ARG A NE    1 
ATOM   1100 C  CZ    . ARG A 1 160 ? -2.998  -11.103 3.838   1.00 30.20 ? 140  ARG A CZ    1 
ATOM   1101 N  NH1   . ARG A 1 160 ? -3.606  -12.316 3.826   1.00 28.43 ? 140  ARG A NH1   1 
ATOM   1102 N  NH2   . ARG A 1 160 ? -2.956  -10.376 2.740   1.00 30.67 ? 140  ARG A NH2   1 
ATOM   1103 N  N     . MET A 1 161 ? -5.686  -8.759  9.905   1.00 15.38 ? 141  MET A N     1 
ATOM   1104 C  CA    . MET A 1 161 ? -6.762  -7.845  10.282  1.00 16.08 ? 141  MET A CA    1 
ATOM   1105 C  C     . MET A 1 161 ? -6.489  -7.082  11.582  1.00 15.15 ? 141  MET A C     1 
ATOM   1106 O  O     . MET A 1 161 ? -6.789  -5.852  11.685  1.00 13.98 ? 141  MET A O     1 
ATOM   1107 C  CB    . MET A 1 161 ? -8.106  -8.607  10.349  1.00 17.56 ? 141  MET A CB    1 
ATOM   1108 C  CG    . MET A 1 161 ? -8.613  -9.054  8.971   1.00 20.23 ? 141  MET A CG    1 
ATOM   1109 S  SD    . MET A 1 161 ? -8.594  -7.786  7.656   1.00 25.98 ? 141  MET A SD    1 
ATOM   1110 C  CE    . MET A 1 161 ? -9.058  -8.765  6.213   1.00 23.78 ? 141  MET A CE    1 
ATOM   1111 N  N     . LYS A 1 162 ? -5.929  -7.795  12.570  1.00 15.13 ? 142  LYS A N     1 
ATOM   1112 C  CA    . LYS A 1 162 ? -5.524  -7.182  13.850  1.00 14.54 ? 142  LYS A CA    1 
ATOM   1113 C  C     . LYS A 1 162 ? -4.354  -6.222  13.641  1.00 14.78 ? 142  LYS A C     1 
ATOM   1114 O  O     . LYS A 1 162 ? -4.306  -5.149  14.229  1.00 14.01 ? 142  LYS A O     1 
ATOM   1115 C  CB    . LYS A 1 162 ? -5.134  -8.248  14.881  1.00 15.10 ? 142  LYS A CB    1 
ATOM   1116 C  CG    . LYS A 1 162 ? -6.358  -9.136  15.332  1.00 15.29 ? 142  LYS A CG    1 
ATOM   1117 C  CD    . LYS A 1 162 ? -5.934  -10.277 16.208  1.00 16.40 ? 142  LYS A CD    1 
ATOM   1118 C  CE    . LYS A 1 162 ? -7.146  -10.804 17.016  1.00 25.71 ? 142  LYS A CE    1 
ATOM   1119 N  NZ    . LYS A 1 162 ? -6.892  -12.171 17.533  1.00 28.13 ? 142  LYS A NZ    1 
ATOM   1120 N  N     . VAL A 1 163 ? -3.382  -6.661  12.843  1.00 14.02 ? 143  VAL A N     1 
ATOM   1121 C  CA    . VAL A 1 163 ? -2.281  -5.789  12.418  1.00 13.90 ? 143  VAL A CA    1 
ATOM   1122 C  C     . VAL A 1 163 ? -2.795  -4.494  11.820  1.00 14.12 ? 143  VAL A C     1 
ATOM   1123 O  O     . VAL A 1 163 ? -2.345  -3.410  12.218  1.00 14.85 ? 143  VAL A O     1 
ATOM   1124 C  CB    . VAL A 1 163 ? -1.318  -6.495  11.414  1.00 14.01 ? 143  VAL A CB    1 
ATOM   1125 C  CG1   . VAL A 1 163 ? -0.352  -5.422  10.820  1.00 12.78 ? 143  VAL A CG1   1 
ATOM   1126 C  CG2   . VAL A 1 163 ? -0.533  -7.573  12.143  1.00 12.05 ? 143  VAL A CG2   1 
ATOM   1127 N  N     . TYR A 1 164 ? -3.740  -4.597  10.879  1.00 13.84 ? 144  TYR A N     1 
ATOM   1128 C  CA    . TYR A 1 164 ? -4.332  -3.439  10.235  1.00 13.80 ? 144  TYR A CA    1 
ATOM   1129 C  C     . TYR A 1 164 ? -4.989  -2.535  11.271  1.00 14.09 ? 144  TYR A C     1 
ATOM   1130 O  O     . TYR A 1 164 ? -4.730  -1.333  11.325  1.00 13.73 ? 144  TYR A O     1 
ATOM   1131 C  CB    . TYR A 1 164 ? -5.367  -3.827  9.160   1.00 14.17 ? 144  TYR A CB    1 
ATOM   1132 C  CG    . TYR A 1 164 ? -5.994  -2.611  8.507   1.00 15.08 ? 144  TYR A CG    1 
ATOM   1133 C  CD1   . TYR A 1 164 ? -5.272  -1.830  7.586   1.00 18.38 ? 144  TYR A CD1   1 
ATOM   1134 C  CD2   . TYR A 1 164 ? -7.279  -2.183  8.859   1.00 17.66 ? 144  TYR A CD2   1 
ATOM   1135 C  CE1   . TYR A 1 164 ? -5.834  -0.675  7.017   1.00 16.77 ? 144  TYR A CE1   1 
ATOM   1136 C  CE2   . TYR A 1 164 ? -7.840  -1.044  8.276   1.00 18.30 ? 144  TYR A CE2   1 
ATOM   1137 C  CZ    . TYR A 1 164 ? -7.111  -0.303  7.361   1.00 17.17 ? 144  TYR A CZ    1 
ATOM   1138 O  OH    . TYR A 1 164 ? -7.646  0.828   6.799   1.00 17.89 ? 144  TYR A OH    1 
ATOM   1139 N  N     . ARG A 1 165 ? -5.837  -3.115  12.100  1.00 13.14 ? 145  ARG A N     1 
ATOM   1140 C  CA    . ARG A 1 165 ? -6.536  -2.317  13.113  1.00 14.95 ? 145  ARG A CA    1 
ATOM   1141 C  C     . ARG A 1 165 ? -5.565  -1.609  14.071  1.00 14.82 ? 145  ARG A C     1 
ATOM   1142 O  O     . ARG A 1 165 ? -5.751  -0.415  14.398  1.00 15.90 ? 145  ARG A O     1 
ATOM   1143 C  CB    . ARG A 1 165 ? -7.462  -3.192  13.947  1.00 13.52 ? 145  ARG A CB    1 
ATOM   1144 C  CG    . ARG A 1 165 ? -8.115  -2.358  15.107  1.00 18.21 ? 145  ARG A CG    1 
ATOM   1145 C  CD    . ARG A 1 165 ? -8.788  -3.234  16.107  1.00 20.15 ? 145  ARG A CD    1 
ATOM   1146 N  NE    . ARG A 1 165 ? -7.872  -4.150  16.747  1.00 23.42 ? 145  ARG A NE    1 
ATOM   1147 C  CZ    . ARG A 1 165 ? -8.244  -5.339  17.218  1.00 24.92 ? 145  ARG A CZ    1 
ATOM   1148 N  NH1   . ARG A 1 165 ? -9.505  -5.722  17.108  1.00 26.50 ? 145  ARG A NH1   1 
ATOM   1149 N  NH2   . ARG A 1 165 ? -7.374  -6.130  17.806  1.00 23.41 ? 145  ARG A NH2   1 
ATOM   1150 N  N     . ASP A 1 166 ? -4.552  -2.340  14.540  1.00 14.54 ? 146  ASP A N     1 
ATOM   1151 C  CA    . ASP A 1 166 ? -3.648  -1.819  15.559  1.00 15.21 ? 146  ASP A CA    1 
ATOM   1152 C  C     . ASP A 1 166 ? -2.661  -0.805  15.002  1.00 14.86 ? 146  ASP A C     1 
ATOM   1153 O  O     . ASP A 1 166 ? -2.418  0.216   15.624  1.00 14.85 ? 146  ASP A O     1 
ATOM   1154 C  CB    . ASP A 1 166 ? -2.836  -2.942  16.233  1.00 15.07 ? 146  ASP A CB    1 
ATOM   1155 C  CG    . ASP A 1 166 ? -3.684  -3.841  17.160  1.00 20.21 ? 146  ASP A CG    1 
ATOM   1156 O  OD1   . ASP A 1 166 ? -4.873  -3.504  17.449  1.00 18.44 ? 146  ASP A OD1   1 
ATOM   1157 O  OD2   . ASP A 1 166 ? -3.118  -4.874  17.617  1.00 20.05 ? 146  ASP A OD2   1 
ATOM   1158 N  N     . GLU A 1 167 ? -2.064  -1.107  13.847  1.00 14.26 ? 147  GLU A N     1 
ATOM   1159 C  CA    . GLU A 1 167 ? -0.905  -0.337  13.376  1.00 15.23 ? 147  GLU A CA    1 
ATOM   1160 C  C     . GLU A 1 167 ? -1.297  0.659   12.293  1.00 14.00 ? 147  GLU A C     1 
ATOM   1161 O  O     . GLU A 1 167 ? -0.786  1.781   12.262  1.00 14.31 ? 147  GLU A O     1 
ATOM   1162 C  CB    . GLU A 1 167 ? 0.172   -1.281  12.780  1.00 14.51 ? 147  GLU A CB    1 
ATOM   1163 C  CG    . GLU A 1 167 ? 0.666   -2.403  13.693  1.00 18.86 ? 147  GLU A CG    1 
ATOM   1164 C  CD    . GLU A 1 167 ? 1.893   -2.028  14.552  1.00 23.34 ? 147  GLU A CD    1 
ATOM   1165 O  OE1   . GLU A 1 167 ? 2.489   -0.918  14.409  1.00 24.47 ? 147  GLU A OE1   1 
ATOM   1166 O  OE2   . GLU A 1 167 ? 2.265   -2.876  15.389  1.00 24.24 ? 147  GLU A OE2   1 
ATOM   1167 N  N     . THR A 1 168 ? -2.126  0.193   11.361  1.00 13.24 ? 148  THR A N     1 
ATOM   1168 C  CA    . THR A 1 168 ? -2.387  0.883   10.103  1.00 14.13 ? 148  THR A CA    1 
ATOM   1169 C  C     . THR A 1 168 ? -3.583  1.842   10.171  1.00 14.42 ? 148  THR A C     1 
ATOM   1170 O  O     . THR A 1 168 ? -3.502  2.967   9.675   1.00 15.07 ? 148  THR A O     1 
ATOM   1171 C  CB    . THR A 1 168 ? -2.548  -0.119  8.946   1.00 13.75 ? 148  THR A CB    1 
ATOM   1172 O  OG1   . THR A 1 168 ? -1.480  -1.074  8.960   1.00 13.43 ? 148  THR A OG1   1 
ATOM   1173 C  CG2   . THR A 1 168 ? -2.582  0.605   7.617   1.00 15.69 ? 148  THR A CG2   1 
ATOM   1174 N  N     . ALA A 1 169 ? -4.669  1.435   10.836  1.00 15.69 ? 149  ALA A N     1 
ATOM   1175 C  CA    . ALA A 1 169 ? -5.867  2.295   10.959  1.00 16.00 ? 149  ALA A CA    1 
ATOM   1176 C  C     . ALA A 1 169 ? -5.601  3.692   11.582  1.00 15.37 ? 149  ALA A C     1 
ATOM   1177 O  O     . ALA A 1 169 ? -6.262  4.645   11.197  1.00 15.59 ? 149  ALA A O     1 
ATOM   1178 C  CB    . ALA A 1 169 ? -7.015  1.560   11.709  1.00 16.48 ? 149  ALA A CB    1 
ATOM   1179 N  N     . PRO A 1 170 ? -4.635  3.821   12.528  1.00 15.32 ? 150  PRO A N     1 
ATOM   1180 C  CA    . PRO A 1 170 ? -4.263  5.159   13.007  1.00 15.68 ? 150  PRO A CA    1 
ATOM   1181 C  C     . PRO A 1 170 ? -3.788  6.147   11.924  1.00 15.18 ? 150  PRO A C     1 
ATOM   1182 O  O     . PRO A 1 170 ? -3.821  7.354   12.147  1.00 14.87 ? 150  PRO A O     1 
ATOM   1183 C  CB    . PRO A 1 170 ? -3.129  4.851   13.984  1.00 16.08 ? 150  PRO A CB    1 
ATOM   1184 C  CG    . PRO A 1 170 ? -3.531  3.546   14.572  1.00 15.60 ? 150  PRO A CG    1 
ATOM   1185 C  CD    . PRO A 1 170 ? -3.909  2.793   13.311  1.00 15.42 ? 150  PRO A CD    1 
ATOM   1186 N  N     . LEU A 1 171 ? -3.342  5.645   10.779  1.00 13.42 ? 151  LEU A N     1 
ATOM   1187 C  CA    . LEU A 1 171 ? -2.949  6.518   9.676   1.00 14.09 ? 151  LEU A CA    1 
ATOM   1188 C  C     . LEU A 1 171 ? -4.114  7.326   9.102   1.00 14.79 ? 151  LEU A C     1 
ATOM   1189 O  O     . LEU A 1 171 ? -3.914  8.407   8.525   1.00 15.01 ? 151  LEU A O     1 
ATOM   1190 C  CB    . LEU A 1 171 ? -2.285  5.682   8.563   1.00 13.64 ? 151  LEU A CB    1 
ATOM   1191 C  CG    . LEU A 1 171 ? -0.895  5.146   8.933   1.00 14.21 ? 151  LEU A CG    1 
ATOM   1192 C  CD1   . LEU A 1 171 ? -0.362  4.324   7.743   1.00 16.35 ? 151  LEU A CD1   1 
ATOM   1193 C  CD2   . LEU A 1 171 ? 0.009   6.340   9.226   1.00 16.06 ? 151  LEU A CD2   1 
ATOM   1194 N  N     . LEU A 1 172 ? -5.331  6.809   9.241   1.00 15.68 ? 152  LEU A N     1 
ATOM   1195 C  CA    . LEU A 1 172 ? -6.512  7.554   8.792   1.00 18.04 ? 152  LEU A CA    1 
ATOM   1196 C  C     . LEU A 1 172 ? -6.608  8.909   9.514   1.00 19.44 ? 152  LEU A C     1 
ATOM   1197 O  O     . LEU A 1 172 ? -6.955  9.927   8.912   1.00 19.23 ? 152  LEU A O     1 
ATOM   1198 C  CB    . LEU A 1 172 ? -7.803  6.734   8.967   1.00 17.84 ? 152  LEU A CB    1 
ATOM   1199 C  CG    . LEU A 1 172 ? -7.836  5.342   8.310   1.00 18.40 ? 152  LEU A CG    1 
ATOM   1200 C  CD1   . LEU A 1 172 ? -9.085  4.508   8.694   1.00 21.71 ? 152  LEU A CD1   1 
ATOM   1201 C  CD2   . LEU A 1 172 ? -7.658  5.400   6.804   1.00 21.88 ? 152  LEU A CD2   1 
ATOM   1202 N  N     . GLU A 1 173 ? -6.284  8.923   10.807  1.00 20.92 ? 153  GLU A N     1 
ATOM   1203 C  CA    . GLU A 1 173 ? -6.187  10.181  11.538  1.00 21.95 ? 153  GLU A CA    1 
ATOM   1204 C  C     . GLU A 1 173 ? -4.929  10.953  11.142  1.00 21.55 ? 153  GLU A C     1 
ATOM   1205 O  O     . GLU A 1 173 ? -5.002  12.147  10.931  1.00 21.23 ? 153  GLU A O     1 
ATOM   1206 C  CB    . GLU A 1 173 ? -6.258  9.956   13.056  1.00 23.24 ? 153  GLU A CB    1 
ATOM   1207 C  CG    . GLU A 1 173 ? -7.320  10.834  13.734  1.00 29.94 ? 153  GLU A CG    1 
ATOM   1208 C  CD    . GLU A 1 173 ? -8.720  10.710  13.084  1.00 36.76 ? 153  GLU A CD    1 
ATOM   1209 O  OE1   . GLU A 1 173 ? -9.285  9.582   13.036  1.00 38.89 ? 153  GLU A OE1   1 
ATOM   1210 O  OE2   . GLU A 1 173 ? -9.260  11.745  12.618  1.00 40.04 ? 153  GLU A OE2   1 
ATOM   1211 N  N     . TYR A 1 174 ? -3.782  10.268  11.023  1.00 20.91 ? 154  TYR A N     1 
ATOM   1212 C  CA    . TYR A 1 174 ? -2.526  10.926  10.682  1.00 20.27 ? 154  TYR A CA    1 
ATOM   1213 C  C     . TYR A 1 174 ? -2.651  11.710  9.372   1.00 20.13 ? 154  TYR A C     1 
ATOM   1214 O  O     . TYR A 1 174 ? -2.146  12.849  9.245   1.00 18.99 ? 154  TYR A O     1 
ATOM   1215 C  CB    . TYR A 1 174 ? -1.385  9.902   10.562  1.00 19.91 ? 154  TYR A CB    1 
ATOM   1216 C  CG    . TYR A 1 174 ? -0.011  10.498  10.319  1.00 21.37 ? 154  TYR A CG    1 
ATOM   1217 C  CD1   . TYR A 1 174 ? 0.800   10.910  11.390  1.00 22.13 ? 154  TYR A CD1   1 
ATOM   1218 C  CD2   . TYR A 1 174 ? 0.488   10.635  9.026   1.00 20.55 ? 154  TYR A CD2   1 
ATOM   1219 C  CE1   . TYR A 1 174 ? 2.088   11.453  11.167  1.00 23.80 ? 154  TYR A CE1   1 
ATOM   1220 C  CE2   . TYR A 1 174 ? 1.764   11.157  8.787   1.00 23.46 ? 154  TYR A CE2   1 
ATOM   1221 C  CZ    . TYR A 1 174 ? 2.553   11.567  9.860   1.00 23.75 ? 154  TYR A CZ    1 
ATOM   1222 O  OH    . TYR A 1 174 ? 3.793   12.085  9.578   1.00 25.09 ? 154  TYR A OH    1 
ATOM   1223 N  N     . TYR A 1 175 ? -3.292  11.092  8.382   1.00 18.69 ? 155  TYR A N     1 
ATOM   1224 C  CA    . TYR A 1 175 ? -3.403  11.734  7.080   1.00 18.89 ? 155  TYR A CA    1 
ATOM   1225 C  C     . TYR A 1 175 ? -4.761  12.402  6.880   1.00 19.58 ? 155  TYR A C     1 
ATOM   1226 O  O     . TYR A 1 175 ? -5.173  12.638  5.737   1.00 18.26 ? 155  TYR A O     1 
ATOM   1227 C  CB    . TYR A 1 175 ? -3.178  10.717  5.966   1.00 17.60 ? 155  TYR A CB    1 
ATOM   1228 C  CG    . TYR A 1 175 ? -1.753  10.237  5.790   1.00 17.60 ? 155  TYR A CG    1 
ATOM   1229 C  CD1   . TYR A 1 175 ? -0.738  11.104  5.339   1.00 15.35 ? 155  TYR A CD1   1 
ATOM   1230 C  CD2   . TYR A 1 175 ? -1.429  8.898   6.002   1.00 15.09 ? 155  TYR A CD2   1 
ATOM   1231 C  CE1   . TYR A 1 175 ? 0.585   10.635  5.131   1.00 15.50 ? 155  TYR A CE1   1 
ATOM   1232 C  CE2   . TYR A 1 175 ? -0.132  8.421   5.807   1.00 13.37 ? 155  TYR A CE2   1 
ATOM   1233 C  CZ    . TYR A 1 175 ? 0.879   9.289   5.367   1.00 15.81 ? 155  TYR A CZ    1 
ATOM   1234 O  OH    . TYR A 1 175 ? 2.171   8.792   5.180   1.00 17.34 ? 155  TYR A OH    1 
ATOM   1235 N  N     . ARG A 1 176 ? -5.445  12.721  7.972   1.00 21.21 ? 156  ARG A N     1 
ATOM   1236 C  CA    . ARG A 1 176 ? -6.821  13.228  7.892   1.00 24.92 ? 156  ARG A CA    1 
ATOM   1237 C  C     . ARG A 1 176 ? -6.999  14.408  6.919   1.00 25.53 ? 156  ARG A C     1 
ATOM   1238 O  O     . ARG A 1 176 ? -8.044  14.523  6.278   1.00 27.13 ? 156  ARG A O     1 
ATOM   1239 C  CB    . ARG A 1 176 ? -7.368  13.571  9.295   1.00 25.50 ? 156  ARG A CB    1 
ATOM   1240 C  CG    . ARG A 1 176 ? -7.019  14.957  9.809   1.00 29.01 ? 156  ARG A CG    1 
ATOM   1241 C  CD    . ARG A 1 176 ? -6.918  15.014  11.340  1.00 36.80 ? 156  ARG A CD    1 
ATOM   1242 N  NE    . ARG A 1 176 ? -5.503  15.064  11.741  1.00 42.78 ? 156  ARG A NE    1 
ATOM   1243 C  CZ    . ARG A 1 176 ? -5.014  14.723  12.937  1.00 44.74 ? 156  ARG A CZ    1 
ATOM   1244 N  NH1   . ARG A 1 176 ? -5.812  14.284  13.911  1.00 45.42 ? 156  ARG A NH1   1 
ATOM   1245 N  NH2   . ARG A 1 176 ? -3.706  14.820  13.156  1.00 46.09 ? 156  ARG A NH2   1 
ATOM   1246 N  N     . ASP A 1 177 ? -5.983  15.259  6.795   1.00 26.70 ? 157  ASP A N     1 
ATOM   1247 C  CA    . ASP A 1 177 ? -6.068  16.443  5.934   1.00 27.90 ? 157  ASP A CA    1 
ATOM   1248 C  C     . ASP A 1 177 ? -5.955  16.161  4.430   1.00 27.90 ? 157  ASP A C     1 
ATOM   1249 O  O     . ASP A 1 177 ? -6.304  17.016  3.603   1.00 29.19 ? 157  ASP A O     1 
ATOM   1250 C  CB    . ASP A 1 177 ? -5.022  17.476  6.363   1.00 28.70 ? 157  ASP A CB    1 
ATOM   1251 C  CG    . ASP A 1 177 ? -5.423  18.199  7.644   1.00 31.91 ? 157  ASP A CG    1 
ATOM   1252 O  OD1   . ASP A 1 177 ? -6.639  18.318  7.899   1.00 32.10 ? 157  ASP A OD1   1 
ATOM   1253 O  OD2   . ASP A 1 177 ? -4.521  18.620  8.408   1.00 36.19 ? 157  ASP A OD2   1 
ATOM   1254 N  N     . GLN A 1 178 ? -5.457  14.983  4.079   1.00 25.63 ? 158  GLN A N     1 
ATOM   1255 C  CA    . GLN A 1 178 ? -5.299  14.597  2.686   1.00 25.97 ? 158  GLN A CA    1 
ATOM   1256 C  C     . GLN A 1 178 ? -6.188  13.408  2.318   1.00 24.65 ? 158  GLN A C     1 
ATOM   1257 O  O     . GLN A 1 178 ? -6.143  12.947  1.172   1.00 25.72 ? 158  GLN A O     1 
ATOM   1258 C  CB    . GLN A 1 178 ? -3.884  14.118  2.462   1.00 26.20 ? 158  GLN A CB    1 
ATOM   1259 C  CG    . GLN A 1 178 ? -2.845  15.163  2.407   1.00 29.49 ? 158  GLN A CG    1 
ATOM   1260 C  CD    . GLN A 1 178 ? -1.709  14.791  3.312   1.00 34.73 ? 158  GLN A CD    1 
ATOM   1261 O  OE1   . GLN A 1 178 ? -0.701  14.261  2.858   1.00 37.84 ? 158  GLN A OE1   1 
ATOM   1262 N  NE2   . GLN A 1 178 ? -1.890  15.008  4.631   1.00 36.21 ? 158  GLN A NE2   1 
ATOM   1263 N  N     . LEU A 1 179 ? -6.913  12.873  3.299   1.00 21.92 ? 159  LEU A N     1 
ATOM   1264 C  CA    . LEU A 1 179 ? -7.605  11.584  3.146   1.00 21.03 ? 159  LEU A CA    1 
ATOM   1265 C  C     . LEU A 1 179 ? -8.892  11.740  2.360   1.00 19.97 ? 159  LEU A C     1 
ATOM   1266 O  O     . LEU A 1 179 ? -9.670  12.643  2.645   1.00 18.40 ? 159  LEU A O     1 
ATOM   1267 C  CB    . LEU A 1 179 ? -7.930  10.954  4.513   1.00 20.19 ? 159  LEU A CB    1 
ATOM   1268 C  CG    . LEU A 1 179 ? -8.629  9.582   4.580   1.00 21.47 ? 159  LEU A CG    1 
ATOM   1269 C  CD1   . LEU A 1 179 ? -7.680  8.531   4.082   1.00 21.99 ? 159  LEU A CD1   1 
ATOM   1270 C  CD2   . LEU A 1 179 ? -9.045  9.240   6.006   1.00 22.26 ? 159  LEU A CD2   1 
ATOM   1271 N  N     . LYS A 1 180 ? -9.084  10.839  1.391   1.00 19.10 ? 160  LYS A N     1 
ATOM   1272 C  CA    . LYS A 1 180 ? -10.351 10.629  0.699   1.00 19.62 ? 160  LYS A CA    1 
ATOM   1273 C  C     . LYS A 1 180 ? -10.709 9.146   0.903   1.00 18.80 ? 160  LYS A C     1 
ATOM   1274 O  O     . LYS A 1 180 ? -9.884  8.274   0.634   1.00 18.97 ? 160  LYS A O     1 
ATOM   1275 C  CB    . LYS A 1 180 ? -10.187 10.882  -0.818  1.00 19.17 ? 160  LYS A CB    1 
ATOM   1276 C  CG    . LYS A 1 180 ? -9.827  12.312  -1.240  1.00 21.89 ? 160  LYS A CG    1 
ATOM   1277 C  CD    . LYS A 1 180 ? -10.773 13.347  -0.674  1.00 26.83 ? 160  LYS A CD    1 
ATOM   1278 C  CE    . LYS A 1 180 ? -12.144 13.288  -1.277  1.00 32.26 ? 160  LYS A CE    1 
ATOM   1279 N  NZ    . LYS A 1 180 ? -13.116 13.987  -0.378  1.00 37.57 ? 160  LYS A NZ    1 
ATOM   1280 N  N     . THR A 1 181 ? -11.944 8.869   1.316   1.00 18.05 ? 161  THR A N     1 
ATOM   1281 C  CA    . THR A 1 181 ? -12.421 7.500   1.474   1.00 18.23 ? 161  THR A CA    1 
ATOM   1282 C  C     . THR A 1 181 ? -13.179 7.073   0.231   1.00 18.82 ? 161  THR A C     1 
ATOM   1283 O  O     . THR A 1 181 ? -14.038 7.797   -0.267  1.00 19.86 ? 161  THR A O     1 
ATOM   1284 C  CB    . THR A 1 181 ? -13.319 7.327   2.731   1.00 18.16 ? 161  THR A CB    1 
ATOM   1285 O  OG1   . THR A 1 181 ? -12.588 7.744   3.893   1.00 18.91 ? 161  THR A OG1   1 
ATOM   1286 C  CG2   . THR A 1 181 ? -13.704 5.833   2.915   1.00 18.84 ? 161  THR A CG2   1 
ATOM   1287 N  N     . VAL A 1 182 ? -12.842 5.894   -0.272  1.00 18.13 ? 162  VAL A N     1 
ATOM   1288 C  CA    . VAL A 1 182 ? -13.432 5.364   -1.494  1.00 17.95 ? 162  VAL A CA    1 
ATOM   1289 C  C     . VAL A 1 182 ? -14.312 4.173   -1.098  1.00 16.92 ? 162  VAL A C     1 
ATOM   1290 O  O     . VAL A 1 182 ? -13.882 3.327   -0.321  1.00 16.39 ? 162  VAL A O     1 
ATOM   1291 C  CB    . VAL A 1 182 ? -12.315 4.867   -2.453  1.00 17.58 ? 162  VAL A CB    1 
ATOM   1292 C  CG1   . VAL A 1 182 ? -12.926 4.118   -3.638  1.00 19.31 ? 162  VAL A CG1   1 
ATOM   1293 C  CG2   . VAL A 1 182 ? -11.424 6.016   -2.902  1.00 17.00 ? 162  VAL A CG2   1 
ATOM   1294 N  N     . ASP A 1 183 ? -15.560 4.147   -1.575  1.00 16.75 ? 163  ASP A N     1 
ATOM   1295 C  CA    . ASP A 1 183 ? -16.427 2.962   -1.434  1.00 15.28 ? 163  ASP A CA    1 
ATOM   1296 C  C     . ASP A 1 183 ? -15.873 1.894   -2.381  1.00 15.65 ? 163  ASP A C     1 
ATOM   1297 O  O     . ASP A 1 183 ? -16.188 1.881   -3.567  1.00 15.36 ? 163  ASP A O     1 
ATOM   1298 C  CB    . ASP A 1 183 ? -17.886 3.324   -1.773  1.00 15.29 ? 163  ASP A CB    1 
ATOM   1299 C  CG    . ASP A 1 183 ? -18.865 2.137   -1.636  1.00 15.24 ? 163  ASP A CG    1 
ATOM   1300 O  OD1   . ASP A 1 183 ? -18.480 1.025   -1.170  1.00 12.96 ? 163  ASP A OD1   1 
ATOM   1301 O  OD2   . ASP A 1 183 ? -20.054 2.347   -1.971  1.00 15.82 ? 163  ASP A OD2   1 
ATOM   1302 N  N     . ALA A 1 184 ? -15.102 0.963   -1.824  1.00 15.07 ? 164  ALA A N     1 
ATOM   1303 C  CA    . ALA A 1 184 ? -14.247 0.069   -2.584  1.00 16.00 ? 164  ALA A CA    1 
ATOM   1304 C  C     . ALA A 1 184 ? -14.934 -1.296  -2.862  1.00 16.43 ? 164  ALA A C     1 
ATOM   1305 O  O     . ALA A 1 184 ? -14.302 -2.278  -3.267  1.00 17.55 ? 164  ALA A O     1 
ATOM   1306 C  CB    . ALA A 1 184 ? -12.881 -0.085  -1.849  1.00 15.97 ? 164  ALA A CB    1 
ATOM   1307 N  N     . VAL A 1 185 ? -16.248 -1.315  -2.681  1.00 17.36 ? 165  VAL A N     1 
ATOM   1308 C  CA    . VAL A 1 185 ? -17.086 -2.480  -2.982  1.00 17.20 ? 165  VAL A CA    1 
ATOM   1309 C  C     . VAL A 1 185 ? -17.883 -2.151  -4.220  1.00 16.78 ? 165  VAL A C     1 
ATOM   1310 O  O     . VAL A 1 185 ? -18.673 -1.215  -4.241  1.00 16.21 ? 165  VAL A O     1 
ATOM   1311 C  CB    . VAL A 1 185 ? -18.072 -2.828  -1.853  1.00 17.48 ? 165  VAL A CB    1 
ATOM   1312 C  CG1   . VAL A 1 185 ? -18.942 -4.013  -2.282  1.00 18.24 ? 165  VAL A CG1   1 
ATOM   1313 C  CG2   . VAL A 1 185 ? -17.309 -3.130  -0.539  1.00 19.29 ? 165  VAL A CG2   1 
ATOM   1314 N  N     . GLY A 1 186 ? -17.654 -2.944  -5.256  1.00 17.52 ? 166  GLY A N     1 
ATOM   1315 C  CA    . GLY A 1 186 ? -18.241 -2.728  -6.560  1.00 16.83 ? 166  GLY A CA    1 
ATOM   1316 C  C     . GLY A 1 186 ? -17.378 -3.427  -7.577  1.00 17.13 ? 166  GLY A C     1 
ATOM   1317 O  O     . GLY A 1 186 ? -16.471 -4.167  -7.220  1.00 17.27 ? 166  GLY A O     1 
ATOM   1318 N  N     . THR A 1 187 ? -17.641 -3.193  -8.859  1.00 17.31 ? 167  THR A N     1 
ATOM   1319 C  CA    . THR A 1 187 ? -16.800 -3.819  -9.871  1.00 17.68 ? 167  THR A CA    1 
ATOM   1320 C  C     . THR A 1 187 ? -15.443 -3.110  -9.869  1.00 18.33 ? 167  THR A C     1 
ATOM   1321 O  O     . THR A 1 187 ? -15.327 -1.973  -9.384  1.00 18.03 ? 167  THR A O     1 
ATOM   1322 C  CB    . THR A 1 187 ? -17.417 -3.749  -11.286 1.00 17.03 ? 167  THR A CB    1 
ATOM   1323 O  OG1   . THR A 1 187 ? -17.434 -2.395  -11.742 1.00 15.92 ? 167  THR A OG1   1 
ATOM   1324 C  CG2   . THR A 1 187 ? -18.836 -4.381  -11.330 1.00 19.31 ? 167  THR A CG2   1 
ATOM   1325 N  N     . MET A 1 188 ? -14.434 -3.772  -10.422 1.00 18.99 ? 168  MET A N     1 
ATOM   1326 C  CA    . MET A 1 188 ? -13.113 -3.155  -10.601 1.00 21.50 ? 168  MET A CA    1 
ATOM   1327 C  C     . MET A 1 188 ? -13.165 -1.793  -11.315 1.00 20.92 ? 168  MET A C     1 
ATOM   1328 O  O     . MET A 1 188 ? -12.520 -0.813  -10.902 1.00 21.23 ? 168  MET A O     1 
ATOM   1329 C  CB    . MET A 1 188 ? -12.190 -4.127  -11.329 1.00 20.82 ? 168  MET A CB    1 
ATOM   1330 C  CG    . MET A 1 188 ? -11.664 -5.229  -10.390 1.00 24.04 ? 168  MET A CG    1 
ATOM   1331 S  SD    . MET A 1 188 ? -10.577 -6.480  -11.127 1.00 24.77 ? 168  MET A SD    1 
ATOM   1332 C  CE    . MET A 1 188 ? -9.464  -5.472  -12.117 1.00 29.74 ? 168  MET A CE    1 
ATOM   1333 N  N     . ASP A 1 189 ? -13.923 -1.748  -12.404 1.00 21.35 ? 169  ASP A N     1 
ATOM   1334 C  CA    . ASP A 1 189 ? -14.176 -0.511  -13.137 1.00 21.77 ? 169  ASP A CA    1 
ATOM   1335 C  C     . ASP A 1 189 ? -14.871 0.541   -12.273 1.00 19.96 ? 169  ASP A C     1 
ATOM   1336 O  O     . ASP A 1 189 ? -14.505 1.716   -12.336 1.00 18.82 ? 169  ASP A O     1 
ATOM   1337 C  CB    . ASP A 1 189 ? -15.025 -0.795  -14.386 1.00 22.45 ? 169  ASP A CB    1 
ATOM   1338 C  CG    . ASP A 1 189 ? -14.224 -1.534  -15.502 1.00 26.52 ? 169  ASP A CG    1 
ATOM   1339 O  OD1   . ASP A 1 189 ? -12.987 -1.719  -15.397 1.00 27.57 ? 169  ASP A OD1   1 
ATOM   1340 O  OD2   . ASP A 1 189 ? -14.848 -1.914  -16.509 1.00 33.23 ? 169  ASP A OD2   1 
ATOM   1341 N  N     . GLU A 1 190 ? -15.887 0.132   -11.513 1.00 18.96 ? 170  GLU A N     1 
ATOM   1342 C  CA    . GLU A 1 190 ? -16.586 1.053   -10.578 1.00 19.03 ? 170  GLU A CA    1 
ATOM   1343 C  C     . GLU A 1 190 ? -15.635 1.681   -9.562  1.00 17.30 ? 170  GLU A C     1 
ATOM   1344 O  O     . GLU A 1 190 ? -15.633 2.903   -9.368  1.00 16.84 ? 170  GLU A O     1 
ATOM   1345 C  CB    . GLU A 1 190 ? -17.746 0.350   -9.827  1.00 19.59 ? 170  GLU A CB    1 
ATOM   1346 C  CG    . GLU A 1 190 ? -19.061 0.354   -10.632 1.00 21.89 ? 170  GLU A CG    1 
ATOM   1347 C  CD    . GLU A 1 190 ? -20.153 -0.591  -10.080 1.00 22.40 ? 170  GLU A CD    1 
ATOM   1348 O  OE1   . GLU A 1 190 ? -19.901 -1.370  -9.119  1.00 20.24 ? 170  GLU A OE1   1 
ATOM   1349 O  OE2   . GLU A 1 190 ? -21.253 -0.572  -10.686 1.00 26.56 ? 170  GLU A OE2   1 
ATOM   1350 N  N     . VAL A 1 191 ? -14.822 0.844   -8.927  1.00 15.98 ? 171  VAL A N     1 
ATOM   1351 C  CA    . VAL A 1 191 ? -13.904 1.313   -7.885  1.00 15.18 ? 171  VAL A CA    1 
ATOM   1352 C  C     . VAL A 1 191 ? -12.810 2.199   -8.501  1.00 14.55 ? 171  VAL A C     1 
ATOM   1353 O  O     . VAL A 1 191 ? -12.479 3.251   -7.949  1.00 14.11 ? 171  VAL A O     1 
ATOM   1354 C  CB    . VAL A 1 191 ? -13.342 0.137   -7.096  1.00 16.22 ? 171  VAL A CB    1 
ATOM   1355 C  CG1   . VAL A 1 191 ? -12.264 0.593   -6.068  1.00 13.79 ? 171  VAL A CG1   1 
ATOM   1356 C  CG2   . VAL A 1 191 ? -14.494 -0.639  -6.394  1.00 14.82 ? 171  VAL A CG2   1 
ATOM   1357 N  N     . PHE A 1 192 ? -12.307 1.801   -9.670  1.00 13.60 ? 172  PHE A N     1 
ATOM   1358 C  CA    . PHE A 1 192 ? -11.354 2.638   -10.450 1.00 15.55 ? 172  PHE A CA    1 
ATOM   1359 C  C     . PHE A 1 192 ? -11.893 4.049   -10.705 1.00 14.75 ? 172  PHE A C     1 
ATOM   1360 O  O     . PHE A 1 192 ? -11.198 5.076   -10.458 1.00 14.77 ? 172  PHE A O     1 
ATOM   1361 C  CB    . PHE A 1 192 ? -10.970 1.931   -11.772 1.00 15.68 ? 172  PHE A CB    1 
ATOM   1362 C  CG    . PHE A 1 192 ? -9.929  2.672   -12.604 1.00 19.24 ? 172  PHE A CG    1 
ATOM   1363 C  CD1   . PHE A 1 192 ? -8.683  3.019   -12.059 1.00 20.71 ? 172  PHE A CD1   1 
ATOM   1364 C  CD2   . PHE A 1 192 ? -10.167 2.953   -13.937 1.00 23.54 ? 172  PHE A CD2   1 
ATOM   1365 C  CE1   . PHE A 1 192 ? -7.712  3.689   -12.828 1.00 21.15 ? 172  PHE A CE1   1 
ATOM   1366 C  CE2   . PHE A 1 192 ? -9.187  3.617   -14.722 1.00 24.89 ? 172  PHE A CE2   1 
ATOM   1367 C  CZ    . PHE A 1 192 ? -7.972  3.988   -14.153 1.00 20.38 ? 172  PHE A CZ    1 
ATOM   1368 N  N     . ALA A 1 193 ? -13.149 4.131   -11.168 1.00 14.85 ? 173  ALA A N     1 
ATOM   1369 C  CA    . ALA A 1 193 ? -13.755 5.429   -11.387 1.00 14.56 ? 173  ALA A CA    1 
ATOM   1370 C  C     . ALA A 1 193 ? -13.931 6.202   -10.093 1.00 14.03 ? 173  ALA A C     1 
ATOM   1371 O  O     . ALA A 1 193 ? -13.795 7.409   -10.085 1.00 12.34 ? 173  ALA A O     1 
ATOM   1372 C  CB    . ALA A 1 193 ? -15.092 5.339   -12.169 1.00 16.05 ? 173  ALA A CB    1 
ATOM   1373 N  N     . ARG A 1 194 ? -14.232 5.512   -9.000  1.00 13.87 ? 174  ARG A N     1 
ATOM   1374 C  CA    . ARG A 1 194 ? -14.367 6.195   -7.709  1.00 14.45 ? 174  ARG A CA    1 
ATOM   1375 C  C     . ARG A 1 194 ? -13.011 6.731   -7.192  1.00 14.38 ? 174  ARG A C     1 
ATOM   1376 O  O     . ARG A 1 194 ? -12.935 7.820   -6.618  1.00 14.90 ? 174  ARG A O     1 
ATOM   1377 C  CB    . ARG A 1 194 ? -14.999 5.252   -6.651  1.00 12.76 ? 174  ARG A CB    1 
ATOM   1378 C  CG    . ARG A 1 194 ? -16.490 4.950   -6.937  1.00 14.68 ? 174  ARG A CG    1 
ATOM   1379 C  CD    . ARG A 1 194 ? -17.035 3.816   -6.094  1.00 15.26 ? 174  ARG A CD    1 
ATOM   1380 N  NE    . ARG A 1 194 ? -18.352 3.394   -6.578  1.00 14.17 ? 174  ARG A NE    1 
ATOM   1381 C  CZ    . ARG A 1 194 ? -18.934 2.235   -6.276  1.00 17.83 ? 174  ARG A CZ    1 
ATOM   1382 N  NH1   . ARG A 1 194 ? -18.349 1.374   -5.455  1.00 17.37 ? 174  ARG A NH1   1 
ATOM   1383 N  NH2   . ARG A 1 194 ? -20.115 1.935   -6.790  1.00 15.31 ? 174  ARG A NH2   1 
ATOM   1384 N  N     . ALA A 1 195 ? -11.959 5.932   -7.352  1.00 14.60 ? 175  ALA A N     1 
ATOM   1385 C  CA    . ALA A 1 195 ? -10.623 6.362   -6.964  1.00 14.99 ? 175  ALA A CA    1 
ATOM   1386 C  C     . ALA A 1 195 ? -10.181 7.586   -7.803  1.00 15.75 ? 175  ALA A C     1 
ATOM   1387 O  O     . ALA A 1 195 ? -9.606  8.508   -7.279  1.00 15.88 ? 175  ALA A O     1 
ATOM   1388 C  CB    . ALA A 1 195 ? -9.630  5.220   -7.096  1.00 14.22 ? 175  ALA A CB    1 
ATOM   1389 N  N     . LEU A 1 196 ? -10.482 7.584   -9.102  1.00 16.46 ? 176  LEU A N     1 
ATOM   1390 C  CA    . LEU A 1 196 ? -10.181 8.742   -9.970  1.00 16.63 ? 176  LEU A CA    1 
ATOM   1391 C  C     . LEU A 1 196 ? -10.959 10.001  -9.590  1.00 17.25 ? 176  LEU A C     1 
ATOM   1392 O  O     . LEU A 1 196 ? -10.375 11.114  -9.591  1.00 16.09 ? 176  LEU A O     1 
ATOM   1393 C  CB    . LEU A 1 196 ? -10.368 8.395   -11.458 1.00 16.17 ? 176  LEU A CB    1 
ATOM   1394 C  CG    . LEU A 1 196 ? -9.418  7.336   -12.051 1.00 16.68 ? 176  LEU A CG    1 
ATOM   1395 C  CD1   . LEU A 1 196 ? -9.953  6.875   -13.415 1.00 17.19 ? 176  LEU A CD1   1 
ATOM   1396 C  CD2   . LEU A 1 196 ? -8.006  7.896   -12.196 1.00 18.06 ? 176  LEU A CD2   1 
ATOM   1397 N  N     . ARG A 1 197 ? -12.251 9.858   -9.250  1.00 16.55 ? 177  ARG A N     1 
ATOM   1398 C  CA    . ARG A 1 197 ? -13.003 11.021  -8.751  1.00 16.93 ? 177  ARG A CA    1 
ATOM   1399 C  C     . ARG A 1 197 ? -12.396 11.580  -7.457  1.00 15.97 ? 177  ARG A C     1 
ATOM   1400 O  O     . ARG A 1 197 ? -12.327 12.789  -7.275  1.00 15.42 ? 177  ARG A O     1 
ATOM   1401 C  CB    . ARG A 1 197 ? -14.488 10.718  -8.498  1.00 17.23 ? 177  ARG A CB    1 
ATOM   1402 C  CG    . ARG A 1 197 ? -15.261 10.462  -9.797  1.00 17.66 ? 177  ARG A CG    1 
ATOM   1403 C  CD    . ARG A 1 197 ? -16.740 10.578  -9.598  1.00 16.11 ? 177  ARG A CD    1 
ATOM   1404 N  NE    . ARG A 1 197 ? -17.298 9.675   -8.594  1.00 15.40 ? 177  ARG A NE    1 
ATOM   1405 C  CZ    . ARG A 1 197 ? -17.698 8.424   -8.847  1.00 18.66 ? 177  ARG A CZ    1 
ATOM   1406 N  NH1   . ARG A 1 197 ? -17.535 7.899   -10.053 1.00 17.33 ? 177  ARG A NH1   1 
ATOM   1407 N  NH2   . ARG A 1 197 ? -18.250 7.688   -7.889  1.00 17.41 ? 177  ARG A NH2   1 
ATOM   1408 N  N     . ALA A 1 198 ? -11.943 10.689  -6.591  1.00 16.15 ? 178  ALA A N     1 
ATOM   1409 C  CA    . ALA A 1 198 ? -11.314 11.081  -5.321  1.00 16.42 ? 178  ALA A CA    1 
ATOM   1410 C  C     . ALA A 1 198 ? -10.005 11.861  -5.543  1.00 17.17 ? 178  ALA A C     1 
ATOM   1411 O  O     . ALA A 1 198 ? -9.657  12.731  -4.738  1.00 17.25 ? 178  ALA A O     1 
ATOM   1412 C  CB    . ALA A 1 198 ? -11.074 9.841   -4.428  1.00 16.07 ? 178  ALA A CB    1 
ATOM   1413 N  N     . LEU A 1 199 ? -9.322  11.557  -6.647  1.00 17.40 ? 179  LEU A N     1 
ATOM   1414 C  CA    . LEU A 1 199 ? -8.084  12.243  -7.054  1.00 19.32 ? 179  LEU A CA    1 
ATOM   1415 C  C     . LEU A 1 199 ? -8.327  13.497  -7.884  1.00 21.23 ? 179  LEU A C     1 
ATOM   1416 O  O     . LEU A 1 199 ? -7.361  14.163  -8.326  1.00 21.12 ? 179  LEU A O     1 
ATOM   1417 C  CB    . LEU A 1 199 ? -7.203  11.286  -7.869  1.00 18.44 ? 179  LEU A CB    1 
ATOM   1418 C  CG    . LEU A 1 199 ? -6.639  10.124  -7.077  1.00 18.83 ? 179  LEU A CG    1 
ATOM   1419 C  CD1   . LEU A 1 199 ? -5.876  9.197   -8.001  1.00 17.23 ? 179  LEU A CD1   1 
ATOM   1420 C  CD2   . LEU A 1 199 ? -5.740  10.675  -5.974  1.00 18.95 ? 179  LEU A CD2   1 
ATOM   1421 N  N     . GLY A 1 200 ? -9.604  13.808  -8.099  1.00 22.94 ? 180  GLY A N     1 
ATOM   1422 C  CA    . GLY A 1 200 ? -10.030 14.864  -9.017  1.00 25.21 ? 180  GLY A CA    1 
ATOM   1423 C  C     . GLY A 1 200 ? -9.752  14.605  -10.492 1.00 27.24 ? 180  GLY A C     1 
ATOM   1424 O  O     . GLY A 1 200 ? -9.615  15.561  -11.266 1.00 28.15 ? 180  GLY A O     1 
ATOM   1425 N  N     . LYS A 1 201 ? -9.695  13.334  -10.893 1.00 28.59 ? 181  LYS A N     1 
ATOM   1426 C  CA    . LYS A 1 201 ? -9.357  12.935  -12.271 1.00 30.66 ? 181  LYS A CA    1 
ATOM   1427 C  C     . LYS A 1 201 ? -10.475 12.138  -12.978 1.00 31.91 ? 181  LYS A C     1 
ATOM   1428 O  O     . LYS A 1 201 ? -10.197 11.545  -14.039 1.00 32.92 ? 181  LYS A O     1 
ATOM   1429 C  CB    . LYS A 1 201 ? -8.068  12.089  -12.306 1.00 30.67 ? 181  LYS A CB    1 
ATOM   1430 C  CG    . LYS A 1 201 ? -6.827  12.744  -11.712 1.00 31.98 ? 181  LYS A CG    1 
ATOM   1431 C  CD    . LYS A 1 201 ? -6.413  13.983  -12.467 1.00 35.10 ? 181  LYS A CD    1 
ATOM   1432 C  CE    . LYS A 1 201 ? -5.269  13.698  -13.413 1.00 36.09 ? 181  LYS A CE    1 
ATOM   1433 N  NZ    . LYS A 1 201 ? -4.564  14.973  -13.735 1.00 37.16 ? 181  LYS A NZ    1 
ATOM   1434 O  OXT   . LYS A 1 201 ? -11.641 12.028  -12.523 1.00 32.16 ? 181  LYS A OXT   1 
HETATM 1435 MG MG    . MG  B 2 .   ? -1.924  -6.753  -2.804  1.00 40.72 ? 200  MG  A MG    1 
HETATM 1436 P  PB    . ADP C 3 .   ? -2.097  -7.537  0.638   0.50 22.86 ? 201  ADP A PB    1 
HETATM 1437 O  O1B   . ADP C 3 .   ? -3.058  -8.658  1.022   0.50 16.58 ? 201  ADP A O1B   1 
HETATM 1438 O  O2B   . ADP C 3 .   ? -1.845  -7.578  -0.862  0.50 19.71 ? 201  ADP A O2B   1 
HETATM 1439 O  O3B   . ADP C 3 .   ? -2.520  -6.165  1.147   0.50 19.39 ? 201  ADP A O3B   1 
HETATM 1440 P  PA    . ADP C 3 .   ? 0.717   -7.129  0.874   1.00 17.76 ? 201  ADP A PA    1 
HETATM 1441 O  O1A   . ADP C 3 .   ? 1.221   -7.760  -0.416  1.00 16.36 ? 201  ADP A O1A   1 
HETATM 1442 O  O2A   . ADP C 3 .   ? 0.619   -5.632  0.929   1.00 18.73 ? 201  ADP A O2A   1 
HETATM 1443 O  O3A   . ADP C 3 .   ? -0.637  -7.848  1.313   1.00 17.17 ? 201  ADP A O3A   1 
HETATM 1444 O  "O5'" . ADP C 3 .   ? 1.788   -7.488  1.996   1.00 16.29 ? 201  ADP A "O5'" 1 
HETATM 1445 C  "C5'" . ADP C 3 .   ? 2.200   -8.833  2.272   1.00 16.19 ? 201  ADP A "C5'" 1 
HETATM 1446 C  "C4'" . ADP C 3 .   ? 3.036   -8.838  3.549   1.00 16.22 ? 201  ADP A "C4'" 1 
HETATM 1447 O  "O4'" . ADP C 3 .   ? 4.253   -8.136  3.316   1.00 14.81 ? 201  ADP A "O4'" 1 
HETATM 1448 C  "C3'" . ADP C 3 .   ? 2.447   -8.163  4.792   1.00 15.64 ? 201  ADP A "C3'" 1 
HETATM 1449 O  "O3'" . ADP C 3 .   ? 1.510   -8.975  5.511   1.00 16.76 ? 201  ADP A "O3'" 1 
HETATM 1450 C  "C2'" . ADP C 3 .   ? 3.709   -7.941  5.600   1.00 17.16 ? 201  ADP A "C2'" 1 
HETATM 1451 O  "O2'" . ADP C 3 .   ? 4.110   -9.187  6.240   1.00 16.17 ? 201  ADP A "O2'" 1 
HETATM 1452 C  "C1'" . ADP C 3 .   ? 4.730   -7.542  4.513   1.00 14.62 ? 201  ADP A "C1'" 1 
HETATM 1453 N  N9    . ADP C 3 .   ? 4.629   -6.078  4.311   1.00 13.82 ? 201  ADP A N9    1 
HETATM 1454 C  C8    . ADP C 3 .   ? 4.071   -5.441  3.248   1.00 13.29 ? 201  ADP A C8    1 
HETATM 1455 N  N7    . ADP C 3 .   ? 4.132   -4.096  3.435   1.00 14.39 ? 201  ADP A N7    1 
HETATM 1456 C  C5    . ADP C 3 .   ? 4.709   -3.873  4.613   1.00 10.35 ? 201  ADP A C5    1 
HETATM 1457 C  C6    . ADP C 3 .   ? 5.015   -2.685  5.421   1.00 11.92 ? 201  ADP A C6    1 
HETATM 1458 N  N6    . ADP C 3 .   ? 4.707   -1.443  4.961   1.00 13.65 ? 201  ADP A N6    1 
HETATM 1459 N  N1    . ADP C 3 .   ? 5.642   -2.883  6.592   1.00 12.24 ? 201  ADP A N1    1 
HETATM 1460 C  C2    . ADP C 3 .   ? 5.920   -4.110  7.069   1.00 14.57 ? 201  ADP A C2    1 
HETATM 1461 N  N3    . ADP C 3 .   ? 5.640   -5.241  6.399   1.00 12.31 ? 201  ADP A N3    1 
HETATM 1462 C  C4    . ADP C 3 .   ? 5.028   -5.177  5.197   1.00 13.19 ? 201  ADP A C4    1 
HETATM 1463 P  PB    . ADP D 3 .   ? -4.980  -5.851  -1.576  1.00 15.92 ? 202  ADP A PB    1 
HETATM 1464 O  O1B   . ADP D 3 .   ? -5.752  -4.628  -1.102  1.00 15.42 ? 202  ADP A O1B   1 
HETATM 1465 O  O2B   . ADP D 3 .   ? -3.772  -5.502  -2.417  1.00 15.82 ? 202  ADP A O2B   1 
HETATM 1466 O  O3B   . ADP D 3 .   ? -4.787  -6.924  -0.535  1.00 15.59 ? 202  ADP A O3B   1 
HETATM 1467 P  PA    . ADP D 3 .   ? -5.989  -7.135  -4.051  1.00 16.99 ? 202  ADP A PA    1 
HETATM 1468 O  O1A   . ADP D 3 .   ? -5.949  -6.021  -5.053  1.00 18.46 ? 202  ADP A O1A   1 
HETATM 1469 O  O2A   . ADP D 3 .   ? -4.905  -8.158  -4.097  1.00 18.76 ? 202  ADP A O2A   1 
HETATM 1470 O  O3A   . ADP D 3 .   ? -6.096  -6.478  -2.561  1.00 16.71 ? 202  ADP A O3A   1 
HETATM 1471 O  "O5'" . ADP D 3 .   ? -7.385  -7.859  -4.253  1.00 18.51 ? 202  ADP A "O5'" 1 
HETATM 1472 C  "C5'" . ADP D 3 .   ? -7.778  -8.939  -3.416  1.00 21.15 ? 202  ADP A "C5'" 1 
HETATM 1473 C  "C4'" . ADP D 3 .   ? -8.501  -9.964  -4.296  1.00 20.84 ? 202  ADP A "C4'" 1 
HETATM 1474 O  "O4'" . ADP D 3 .   ? -9.762  -9.430  -4.670  1.00 21.33 ? 202  ADP A "O4'" 1 
HETATM 1475 C  "C3'" . ADP D 3 .   ? -7.800  -10.312 -5.597  1.00 23.23 ? 202  ADP A "C3'" 1 
HETATM 1476 O  "O3'" . ADP D 3 .   ? -8.122  -11.708 -5.854  1.00 24.69 ? 202  ADP A "O3'" 1 
HETATM 1477 C  "C2'" . ADP D 3 .   ? -8.434  -9.380  -6.605  1.00 22.96 ? 202  ADP A "C2'" 1 
HETATM 1478 O  "O2'" . ADP D 3 .   ? -8.365  -9.872  -7.950  1.00 25.65 ? 202  ADP A "O2'" 1 
HETATM 1479 C  "C1'" . ADP D 3 .   ? -9.856  -9.221  -6.078  1.00 22.33 ? 202  ADP A "C1'" 1 
HETATM 1480 N  N9    . ADP D 3 .   ? -10.460 -7.885  -6.330  1.00 23.07 ? 202  ADP A N9    1 
HETATM 1481 C  C8    . ADP D 3 .   ? -9.849  -6.689  -6.405  1.00 22.34 ? 202  ADP A C8    1 
HETATM 1482 N  N7    . ADP D 3 .   ? -10.746 -5.705  -6.652  1.00 21.29 ? 202  ADP A N7    1 
HETATM 1483 C  C5    . ADP D 3 .   ? -11.954 -6.269  -6.738  1.00 22.34 ? 202  ADP A C5    1 
HETATM 1484 C  C6    . ADP D 3 .   ? -13.351 -5.827  -6.998  1.00 22.57 ? 202  ADP A C6    1 
HETATM 1485 N  N6    . ADP D 3 .   ? -13.688 -4.529  -7.197  1.00 22.75 ? 202  ADP A N6    1 
HETATM 1486 N  N1    . ADP D 3 .   ? -14.314 -6.778  -6.993  1.00 23.86 ? 202  ADP A N1    1 
HETATM 1487 C  C2    . ADP D 3 .   ? -14.052 -8.087  -6.797  1.00 23.17 ? 202  ADP A C2    1 
HETATM 1488 N  N3    . ADP D 3 .   ? -12.817 -8.563  -6.555  1.00 23.71 ? 202  ADP A N3    1 
HETATM 1489 C  C4    . ADP D 3 .   ? -11.754 -7.708  -6.526  1.00 22.78 ? 202  ADP A C4    1 
HETATM 1490 O  O     . HOH E 4 .   ? 0.831   15.640  -16.512 1.00 29.29 ? 2001 HOH A O     1 
HETATM 1491 O  O     . HOH E 4 .   ? 0.536   20.489  -11.684 1.00 36.84 ? 2002 HOH A O     1 
HETATM 1492 O  O     . HOH E 4 .   ? -7.133  21.123  -11.431 1.00 66.99 ? 2003 HOH A O     1 
HETATM 1493 O  O     . HOH E 4 .   ? 2.568   17.842  -15.080 1.00 40.99 ? 2004 HOH A O     1 
HETATM 1494 O  O     . HOH E 4 .   ? 4.035   13.302  -18.418 1.00 36.41 ? 2005 HOH A O     1 
HETATM 1495 O  O     . HOH E 4 .   ? -3.767  -6.722  -10.850 1.00 40.43 ? 2006 HOH A O     1 
HETATM 1496 O  O     . HOH E 4 .   ? 2.414   0.810   -15.459 1.00 46.20 ? 2007 HOH A O     1 
HETATM 1497 O  O     . HOH E 4 .   ? -1.093  -2.001  -16.577 1.00 39.43 ? 2008 HOH A O     1 
HETATM 1498 O  O     . HOH E 4 .   ? 18.750  1.767   8.584   1.00 44.01 ? 2009 HOH A O     1 
HETATM 1499 O  O     . HOH E 4 .   ? -0.160  2.416   0.911   1.00 31.43 ? 2010 HOH A O     1 
HETATM 1500 O  O     . HOH E 4 .   ? -2.820  -0.235  4.105   1.00 24.38 ? 2011 HOH A O     1 
HETATM 1501 O  O     . HOH E 4 .   ? -3.192  -3.221  4.796   1.00 23.29 ? 2012 HOH A O     1 
HETATM 1502 O  O     . HOH E 4 .   ? -11.830 -2.697  -4.089  1.00 16.20 ? 2013 HOH A O     1 
HETATM 1503 O  O     . HOH E 4 .   ? -6.830  -8.140  -9.339  1.00 30.45 ? 2014 HOH A O     1 
HETATM 1504 O  O     . HOH E 4 .   ? -5.504  -4.611  -11.818 1.00 22.25 ? 2015 HOH A O     1 
HETATM 1505 O  O     . HOH E 4 .   ? 0.321   -0.564  -14.357 1.00 27.78 ? 2016 HOH A O     1 
HETATM 1506 O  O     . HOH E 4 .   ? -5.773  2.035   -16.368 1.00 28.98 ? 2017 HOH A O     1 
HETATM 1507 O  O     . HOH E 4 .   ? 16.666  3.613   10.194  1.00 42.20 ? 2018 HOH A O     1 
HETATM 1508 O  O     . HOH E 4 .   ? 6.411   9.091   -14.481 1.00 27.99 ? 2019 HOH A O     1 
HETATM 1509 O  O     . HOH E 4 .   ? 0.695   -3.337  -6.706  1.00 34.06 ? 2020 HOH A O     1 
HETATM 1510 O  O     . HOH E 4 .   ? 4.432   0.288   -12.198 1.00 26.19 ? 2021 HOH A O     1 
HETATM 1511 O  O     . HOH E 4 .   ? 6.262   -2.929  -6.615  1.00 30.78 ? 2022 HOH A O     1 
HETATM 1512 O  O     . HOH E 4 .   ? 13.539  8.514   14.157  1.00 28.90 ? 2023 HOH A O     1 
HETATM 1513 O  O     . HOH E 4 .   ? 2.740   -12.022 1.151   1.00 24.42 ? 2024 HOH A O     1 
HETATM 1514 O  O     . HOH E 4 .   ? 14.840  -17.578 -7.924  1.00 43.83 ? 2025 HOH A O     1 
HETATM 1515 O  O     . HOH E 4 .   ? 16.454  -18.708 -5.104  1.00 37.48 ? 2026 HOH A O     1 
HETATM 1516 O  O     . HOH E 4 .   ? 20.639  -10.818 -9.276  1.00 43.65 ? 2027 HOH A O     1 
HETATM 1517 O  O     . HOH E 4 .   ? 18.857  -12.865 6.970   1.00 30.57 ? 2028 HOH A O     1 
HETATM 1518 O  O     . HOH E 4 .   ? 12.529  -15.405 8.401   1.00 27.06 ? 2029 HOH A O     1 
HETATM 1519 O  O     . HOH E 4 .   ? 18.209  -8.670  7.136   1.00 40.21 ? 2030 HOH A O     1 
HETATM 1520 O  O     . HOH E 4 .   ? 18.343  -7.717  10.846  1.00 31.58 ? 2031 HOH A O     1 
HETATM 1521 O  O     . HOH E 4 .   ? 6.556   -17.705 10.418  1.00 30.14 ? 2032 HOH A O     1 
HETATM 1522 O  O     . HOH E 4 .   ? -0.341  4.766   16.159  1.00 30.50 ? 2033 HOH A O     1 
HETATM 1523 O  O     . HOH E 4 .   ? 13.987  -11.048 12.645  1.00 25.38 ? 2034 HOH A O     1 
HETATM 1524 O  O     . HOH E 4 .   ? -1.551  7.161   16.122  1.00 39.56 ? 2035 HOH A O     1 
HETATM 1525 O  O     . HOH E 4 .   ? 4.046   -16.089 2.897   1.00 35.64 ? 2036 HOH A O     1 
HETATM 1526 O  O     . HOH E 4 .   ? 7.982   -18.869 8.402   1.00 36.80 ? 2037 HOH A O     1 
HETATM 1527 O  O     . HOH E 4 .   ? 1.411   -17.962 5.424   1.00 32.58 ? 2038 HOH A O     1 
HETATM 1528 O  O     . HOH E 4 .   ? -0.288  -15.708 12.505  1.00 33.11 ? 2039 HOH A O     1 
HETATM 1529 O  O     . HOH E 4 .   ? 6.809   -13.468 12.761  1.00 40.01 ? 2040 HOH A O     1 
HETATM 1530 O  O     . HOH E 4 .   ? 2.112   -8.679  14.807  1.00 16.90 ? 2041 HOH A O     1 
HETATM 1531 O  O     . HOH E 4 .   ? 5.155   -11.450 16.121  1.00 27.27 ? 2042 HOH A O     1 
HETATM 1532 O  O     . HOH E 4 .   ? 1.585   -13.603 15.250  1.00 45.42 ? 2043 HOH A O     1 
HETATM 1533 O  O     . HOH E 4 .   ? 5.823   -6.342  13.332  1.00 19.96 ? 2044 HOH A O     1 
HETATM 1534 O  O     . HOH E 4 .   ? 3.064   -6.735  13.155  1.00 20.18 ? 2045 HOH A O     1 
HETATM 1535 O  O     . HOH E 4 .   ? 7.004   -2.519  10.698  1.00 22.33 ? 2046 HOH A O     1 
HETATM 1536 O  O     . HOH E 4 .   ? 12.316  -1.757  13.554  1.00 19.64 ? 2047 HOH A O     1 
HETATM 1537 O  O     . HOH E 4 .   ? 17.863  -1.740  7.580   1.00 35.52 ? 2048 HOH A O     1 
HETATM 1538 O  O     . HOH E 4 .   ? -21.567 -3.815  -5.116  1.00 35.14 ? 2049 HOH A O     1 
HETATM 1539 O  O     . HOH E 4 .   ? 13.985  3.625   9.708   1.00 26.28 ? 2050 HOH A O     1 
HETATM 1540 O  O     . HOH E 4 .   ? 17.638  -1.698  0.019   1.00 44.36 ? 2051 HOH A O     1 
HETATM 1541 O  O     . HOH E 4 .   ? 16.246  -3.277  4.136   1.00 30.21 ? 2052 HOH A O     1 
HETATM 1542 O  O     . HOH E 4 .   ? 16.597  1.659   -7.043  1.00 47.47 ? 2053 HOH A O     1 
HETATM 1543 O  O     . HOH E 4 .   ? -2.735  -7.318  -7.651  1.00 41.30 ? 2054 HOH A O     1 
HETATM 1544 O  O     . HOH E 4 .   ? -8.981  -11.160 -11.453 1.00 37.74 ? 2055 HOH A O     1 
HETATM 1545 O  O     . HOH E 4 .   ? 8.048   -1.584  -7.933  1.00 35.63 ? 2056 HOH A O     1 
HETATM 1546 O  O     . HOH E 4 .   ? 13.325  8.529   -7.692  1.00 31.59 ? 2057 HOH A O     1 
HETATM 1547 O  O     . HOH E 4 .   ? 14.669  -0.039  -7.867  1.00 34.54 ? 2058 HOH A O     1 
HETATM 1548 O  O     . HOH E 4 .   ? 7.686   8.869   -11.921 1.00 21.89 ? 2059 HOH A O     1 
HETATM 1549 O  O     . HOH E 4 .   ? 8.661   1.695   -13.554 1.00 34.50 ? 2060 HOH A O     1 
HETATM 1550 O  O     . HOH E 4 .   ? 9.608   10.660  -5.948  1.00 29.94 ? 2061 HOH A O     1 
HETATM 1551 O  O     . HOH E 4 .   ? -1.446  -4.544  -1.225  1.00 25.16 ? 2062 HOH A O     1 
HETATM 1552 O  O     . HOH E 4 .   ? -0.698  0.904   3.474   1.00 21.92 ? 2063 HOH A O     1 
HETATM 1553 O  O     . HOH E 4 .   ? 6.194   0.480   12.611  1.00 32.38 ? 2064 HOH A O     1 
HETATM 1554 O  O     . HOH E 4 .   ? 9.734   7.902   14.117  1.00 37.55 ? 2065 HOH A O     1 
HETATM 1555 O  O     . HOH E 4 .   ? 13.412  8.281   6.361   1.00 26.82 ? 2066 HOH A O     1 
HETATM 1556 O  O     . HOH E 4 .   ? 12.153  9.000   11.591  1.00 34.58 ? 2067 HOH A O     1 
HETATM 1557 O  O     . HOH E 4 .   ? 12.629  12.139  14.611  1.00 41.99 ? 2068 HOH A O     1 
HETATM 1558 O  O     . HOH E 4 .   ? 14.331  15.431  5.734   1.00 43.78 ? 2069 HOH A O     1 
HETATM 1559 O  O     . HOH E 4 .   ? 15.578  18.885  0.888   1.00 38.00 ? 2070 HOH A O     1 
HETATM 1560 O  O     . HOH E 4 .   ? 3.856   12.949  4.330   1.00 28.36 ? 2071 HOH A O     1 
HETATM 1561 O  O     . HOH E 4 .   ? 4.158   15.193  -5.118  1.00 23.34 ? 2072 HOH A O     1 
HETATM 1562 O  O     . HOH E 4 .   ? -10.521 1.327   6.403   1.00 27.38 ? 2073 HOH A O     1 
HETATM 1563 O  O     . HOH E 4 .   ? -17.400 0.550   1.333   1.00 21.66 ? 2074 HOH A O     1 
HETATM 1564 O  O     . HOH E 4 .   ? -13.113 -3.664  7.402   1.00 41.57 ? 2075 HOH A O     1 
HETATM 1565 O  O     . HOH E 4 .   ? -12.672 -0.653  5.503   1.00 33.65 ? 2076 HOH A O     1 
HETATM 1566 O  O     . HOH E 4 .   ? -18.198 -1.955  2.584   1.00 19.56 ? 2077 HOH A O     1 
HETATM 1567 O  O     . HOH E 4 .   ? -16.718 -4.874  8.474   1.00 32.31 ? 2078 HOH A O     1 
HETATM 1568 O  O     . HOH E 4 .   ? -15.932 -8.517  -3.861  1.00 27.21 ? 2079 HOH A O     1 
HETATM 1569 O  O     . HOH E 4 .   ? -15.076 -11.965 -4.376  1.00 36.53 ? 2080 HOH A O     1 
HETATM 1570 O  O     . HOH E 4 .   ? -14.197 -16.510 -2.683  1.00 43.83 ? 2081 HOH A O     1 
HETATM 1571 O  O     . HOH E 4 .   ? -16.637 -5.934  -4.644  1.00 23.29 ? 2082 HOH A O     1 
HETATM 1572 O  O     . HOH E 4 .   ? -10.507 -12.936 -5.037  1.00 23.65 ? 2083 HOH A O     1 
HETATM 1573 O  O     . HOH E 4 .   ? -0.928  -10.277 -4.609  1.00 29.11 ? 2084 HOH A O     1 
HETATM 1574 O  O     . HOH E 4 .   ? 1.402   -17.343 -2.756  1.00 38.21 ? 2085 HOH A O     1 
HETATM 1575 O  O     . HOH E 4 .   ? -1.602  -21.256 2.119   1.00 35.12 ? 2086 HOH A O     1 
HETATM 1576 O  O     . HOH E 4 .   ? -6.313  -19.160 0.642   1.00 36.36 ? 2087 HOH A O     1 
HETATM 1577 O  O     . HOH E 4 .   ? -9.941  -15.149 9.096   1.00 18.71 ? 2088 HOH A O     1 
HETATM 1578 O  O     . HOH E 4 .   ? -5.705  -21.258 9.333   1.00 30.11 ? 2089 HOH A O     1 
HETATM 1579 O  O     . HOH E 4 .   ? -2.587  -12.247 16.395  1.00 22.09 ? 2090 HOH A O     1 
HETATM 1580 O  O     . HOH E 4 .   ? -1.274  -8.200  4.149   1.00 24.90 ? 2091 HOH A O     1 
HETATM 1581 O  O     . HOH E 4 .   ? -2.103  -6.076  7.952   1.00 16.98 ? 2092 HOH A O     1 
HETATM 1582 O  O     . HOH E 4 .   ? -9.234  -4.674  10.957  1.00 28.28 ? 2093 HOH A O     1 
HETATM 1583 O  O     . HOH E 4 .   ? -4.624  -13.666 15.887  1.00 23.38 ? 2094 HOH A O     1 
HETATM 1584 O  O     . HOH E 4 .   ? -11.519 -4.898  17.611  1.00 42.60 ? 2095 HOH A O     1 
HETATM 1585 O  O     . HOH E 4 .   ? -3.864  1.621   17.501  1.00 35.29 ? 2096 HOH A O     1 
HETATM 1586 O  O     . HOH E 4 .   ? 2.023   1.487   15.133  1.00 27.45 ? 2097 HOH A O     1 
HETATM 1587 O  O     . HOH E 4 .   ? 0.667   3.236   13.827  1.00 14.40 ? 2098 HOH A O     1 
HETATM 1588 O  O     . HOH E 4 .   ? 0.736   -2.320  17.549  1.00 23.24 ? 2099 HOH A O     1 
HETATM 1589 O  O     . HOH E 4 .   ? -1.837  -3.324  7.514   1.00 15.80 ? 2100 HOH A O     1 
HETATM 1590 O  O     . HOH E 4 .   ? -3.093  8.614   14.533  1.00 37.42 ? 2101 HOH A O     1 
HETATM 1591 O  O     . HOH E 4 .   ? -9.754  11.038  8.951   1.00 35.56 ? 2102 HOH A O     1 
HETATM 1592 O  O     . HOH E 4 .   ? 6.472   14.160  10.445  1.00 39.71 ? 2103 HOH A O     1 
HETATM 1593 O  O     . HOH E 4 .   ? 4.121   10.515  5.138   1.00 23.97 ? 2104 HOH A O     1 
HETATM 1594 O  O     . HOH E 4 .   ? -10.292 12.834  7.108   1.00 38.98 ? 2105 HOH A O     1 
HETATM 1595 O  O     . HOH E 4 .   ? -3.531  15.227  8.321   1.00 26.05 ? 2106 HOH A O     1 
HETATM 1596 O  O     . HOH E 4 .   ? 1.646   14.284  3.985   1.00 40.52 ? 2107 HOH A O     1 
HETATM 1597 O  O     . HOH E 4 .   ? -13.763 11.176  2.212   1.00 28.20 ? 2108 HOH A O     1 
HETATM 1598 O  O     . HOH E 4 .   ? -13.728 9.722   5.463   1.00 45.75 ? 2109 HOH A O     1 
HETATM 1599 O  O     . HOH E 4 .   ? -20.832 4.371   -3.489  1.00 22.58 ? 2110 HOH A O     1 
HETATM 1600 O  O     . HOH E 4 .   ? -16.376 6.354   -3.322  1.00 17.59 ? 2111 HOH A O     1 
HETATM 1601 O  O     . HOH E 4 .   ? -20.983 -0.406  -3.245  1.00 24.45 ? 2112 HOH A O     1 
HETATM 1602 O  O     . HOH E 4 .   ? -18.914 -2.148  -13.955 1.00 26.79 ? 2113 HOH A O     1 
HETATM 1603 O  O     . HOH E 4 .   ? -15.016 -6.642  -11.649 1.00 35.73 ? 2114 HOH A O     1 
HETATM 1604 O  O     . HOH E 4 .   ? -14.834 -4.312  -13.920 1.00 30.54 ? 2115 HOH A O     1 
HETATM 1605 O  O     . HOH E 4 .   ? -13.998 2.882   -15.035 1.00 28.25 ? 2116 HOH A O     1 
HETATM 1606 O  O     . HOH E 4 .   ? -23.383 0.014   -8.822  1.00 20.57 ? 2117 HOH A O     1 
HETATM 1607 O  O     . HOH E 4 .   ? -23.032 -2.800  -11.044 1.00 41.85 ? 2118 HOH A O     1 
HETATM 1608 O  O     . HOH E 4 .   ? -21.695 -0.285  -5.819  1.00 37.44 ? 2119 HOH A O     1 
HETATM 1609 O  O     . HOH E 4 .   ? -15.088 8.357   -4.667  1.00 17.88 ? 2120 HOH A O     1 
HETATM 1610 O  O     . HOH E 4 .   ? -7.197  13.418  -3.358  1.00 31.52 ? 2121 HOH A O     1 
HETATM 1611 O  O     . HOH E 4 .   ? -13.525 10.947  -13.400 1.00 34.05 ? 2122 HOH A O     1 
HETATM 1612 O  O     . HOH E 4 .   ? -9.137  12.220  -16.483 1.00 48.12 ? 2123 HOH A O     1 
HETATM 1613 O  O     . HOH E 4 .   ? -12.684 13.739  -11.526 1.00 36.37 ? 2124 HOH A O     1 
HETATM 1614 O  O     . HOH E 4 .   ? 0.056   -7.881  7.611   1.00 20.53 ? 2125 HOH A O     1 
HETATM 1615 O  O     . HOH E 4 .   ? 0.706   -6.809  -2.662  1.00 26.50 ? 2126 HOH A O     1 
HETATM 1616 O  O     . HOH E 4 .   ? 2.161   -4.187  -0.471  1.00 18.35 ? 2127 HOH A O     1 
HETATM 1617 O  O     . HOH E 4 .   ? 1.340   -11.575 5.226   1.00 13.15 ? 2128 HOH A O     1 
HETATM 1618 O  O     . HOH E 4 .   ? -11.227 -2.986  -6.840  1.00 16.01 ? 2129 HOH A O     1 
HETATM 1619 O  O     . HOH E 4 .   ? -12.960 -11.389 -5.801  1.00 31.41 ? 2130 HOH A O     1 
HETATM 1620 O  O     . HOH E 4 .   ? -10.264 -11.391 -9.097  1.00 31.80 ? 2131 HOH A O     1 
HETATM 1621 O  O     . HOH E 4 .   ? -16.760 -7.501  -8.484  1.00 37.90 ? 2132 HOH A O     1 
HETATM 1622 O  O     . HOH E 4 .   ? -4.169  -9.322  -6.588  1.00 38.11 ? 2133 HOH A O     1 
HETATM 1623 O  O     . HOH E 4 .   ? -6.347  -12.674 -7.741  1.00 29.79 ? 2134 HOH A O     1 
HETATM 1624 O  O     . HOH E 4 .   ? -13.084 -11.175 -9.040  1.00 43.33 ? 2135 HOH A O     1 
# 
loop_
_pdbx_poly_seq_scheme.asym_id 
_pdbx_poly_seq_scheme.entity_id 
_pdbx_poly_seq_scheme.seq_id 
_pdbx_poly_seq_scheme.mon_id 
_pdbx_poly_seq_scheme.ndb_seq_num 
_pdbx_poly_seq_scheme.pdb_seq_num 
_pdbx_poly_seq_scheme.auth_seq_num 
_pdbx_poly_seq_scheme.pdb_mon_id 
_pdbx_poly_seq_scheme.auth_mon_id 
_pdbx_poly_seq_scheme.pdb_strand_id 
_pdbx_poly_seq_scheme.pdb_ins_code 
_pdbx_poly_seq_scheme.hetero 
A 1 1   MET 1   -19 ?   ?   ?   A . n 
A 1 2   GLY 2   -18 ?   ?   ?   A . n 
A 1 3   SER 3   -17 ?   ?   ?   A . n 
A 1 4   SER 4   -16 ?   ?   ?   A . n 
A 1 5   HIS 5   -15 ?   ?   ?   A . n 
A 1 6   HIS 6   -14 ?   ?   ?   A . n 
A 1 7   HIS 7   -13 ?   ?   ?   A . n 
A 1 8   HIS 8   -12 ?   ?   ?   A . n 
A 1 9   HIS 9   -11 ?   ?   ?   A . n 
A 1 10  HIS 10  -10 ?   ?   ?   A . n 
A 1 11  SER 11  -9  ?   ?   ?   A . n 
A 1 12  SER 12  -8  ?   ?   ?   A . n 
A 1 13  GLY 13  -7  ?   ?   ?   A . n 
A 1 14  LEU 14  -6  ?   ?   ?   A . n 
A 1 15  VAL 15  -5  ?   ?   ?   A . n 
A 1 16  PRO 16  -4  -4  PRO PRO A . n 
A 1 17  ARG 17  -3  -3  ARG ARG A . n 
A 1 18  GLY 18  -2  -2  GLY GLY A . n 
A 1 19  SER 19  -1  -1  SER SER A . n 
A 1 20  HIS 20  0   0   HIS HIS A . n 
A 1 21  MET 21  1   1   MET MET A . n 
A 1 22  ARG 22  2   2   ARG ARG A . n 
A 1 23  VAL 23  3   3   VAL VAL A . n 
A 1 24  LEU 24  4   4   LEU LEU A . n 
A 1 25  LEU 25  5   5   LEU LEU A . n 
A 1 26  LEU 26  6   6   LEU LEU A . n 
A 1 27  GLY 27  7   7   GLY GLY A . n 
A 1 28  PRO 28  8   8   PRO PRO A . n 
A 1 29  PRO 29  9   9   PRO PRO A . n 
A 1 30  GLY 30  10  10  GLY GLY A . n 
A 1 31  ALA 31  11  11  ALA ALA A . n 
A 1 32  GLY 32  12  12  GLY GLY A . n 
A 1 33  LYS 33  13  13  LYS LYS A . n 
A 1 34  GLY 34  14  14  GLY GLY A . n 
A 1 35  THR 35  15  15  THR THR A . n 
A 1 36  GLN 36  16  16  GLN GLN A . n 
A 1 37  ALA 37  17  17  ALA ALA A . n 
A 1 38  VAL 38  18  18  VAL VAL A . n 
A 1 39  LYS 39  19  19  LYS LYS A . n 
A 1 40  LEU 40  20  20  LEU LEU A . n 
A 1 41  ALA 41  21  21  ALA ALA A . n 
A 1 42  GLU 42  22  22  GLU GLU A . n 
A 1 43  LYS 43  23  23  LYS LYS A . n 
A 1 44  LEU 44  24  24  LEU LEU A . n 
A 1 45  GLY 45  25  25  GLY GLY A . n 
A 1 46  ILE 46  26  26  ILE ILE A . n 
A 1 47  PRO 47  27  27  PRO PRO A . n 
A 1 48  GLN 48  28  28  GLN GLN A . n 
A 1 49  ILE 49  29  29  ILE ILE A . n 
A 1 50  SER 50  30  30  SER SER A . n 
A 1 51  THR 51  31  31  THR THR A . n 
A 1 52  GLY 52  32  32  GLY GLY A . n 
A 1 53  GLU 53  33  33  GLU GLU A . n 
A 1 54  LEU 54  34  34  LEU LEU A . n 
A 1 55  PHE 55  35  35  PHE PHE A . n 
A 1 56  ARG 56  36  36  ARG ARG A . n 
A 1 57  ARG 57  37  37  ARG ARG A . n 
A 1 58  ASN 58  38  38  ASN ASN A . n 
A 1 59  ILE 59  39  39  ILE ILE A . n 
A 1 60  GLU 60  40  40  GLU GLU A . n 
A 1 61  GLU 61  41  41  GLU GLU A . n 
A 1 62  GLY 62  42  42  GLY GLY A . n 
A 1 63  THR 63  43  43  THR THR A . n 
A 1 64  LYS 64  44  44  LYS LYS A . n 
A 1 65  LEU 65  45  45  LEU LEU A . n 
A 1 66  GLY 66  46  46  GLY GLY A . n 
A 1 67  VAL 67  47  47  VAL VAL A . n 
A 1 68  GLU 68  48  48  GLU GLU A . n 
A 1 69  ALA 69  49  49  ALA ALA A . n 
A 1 70  LYS 70  50  50  LYS LYS A . n 
A 1 71  ARG 71  51  51  ARG ARG A . n 
A 1 72  TYR 72  52  52  TYR TYR A . n 
A 1 73  LEU 73  53  53  LEU LEU A . n 
A 1 74  ASP 74  54  54  ASP ASP A . n 
A 1 75  ALA 75  55  55  ALA ALA A . n 
A 1 76  GLY 76  56  56  GLY GLY A . n 
A 1 77  ASP 77  57  57  ASP ASP A . n 
A 1 78  LEU 78  58  58  LEU LEU A . n 
A 1 79  VAL 79  59  59  VAL VAL A . n 
A 1 80  PRO 80  60  60  PRO PRO A . n 
A 1 81  SER 81  61  61  SER SER A . n 
A 1 82  ASP 82  62  62  ASP ASP A . n 
A 1 83  LEU 83  63  63  LEU LEU A . n 
A 1 84  THR 84  64  64  THR THR A . n 
A 1 85  ASN 85  65  65  ASN ASN A . n 
A 1 86  GLU 86  66  66  GLU GLU A . n 
A 1 87  LEU 87  67  67  LEU LEU A . n 
A 1 88  VAL 88  68  68  VAL VAL A . n 
A 1 89  ASP 89  69  69  ASP ASP A . n 
A 1 90  ASP 90  70  70  ASP ASP A . n 
A 1 91  ARG 91  71  71  ARG ARG A . n 
A 1 92  LEU 92  72  72  LEU LEU A . n 
A 1 93  ASN 93  73  73  ASN ASN A . n 
A 1 94  ASN 94  74  74  ASN ASN A . n 
A 1 95  PRO 95  75  75  PRO PRO A . n 
A 1 96  ASP 96  76  76  ASP ASP A . n 
A 1 97  ALA 97  77  77  ALA ALA A . n 
A 1 98  ALA 98  78  78  ALA ALA A . n 
A 1 99  ASN 99  79  79  ASN ASN A . n 
A 1 100 GLY 100 80  80  GLY GLY A . n 
A 1 101 PHE 101 81  81  PHE PHE A . n 
A 1 102 ILE 102 82  82  ILE ILE A . n 
A 1 103 LEU 103 83  83  LEU LEU A . n 
A 1 104 ASP 104 84  84  ASP ASP A . n 
A 1 105 GLY 105 85  85  GLY GLY A . n 
A 1 106 TYR 106 86  86  TYR TYR A . n 
A 1 107 PRO 107 87  87  PRO PRO A . n 
A 1 108 ARG 108 88  88  ARG ARG A . n 
A 1 109 SER 109 89  89  SER SER A . n 
A 1 110 VAL 110 90  90  VAL VAL A . n 
A 1 111 GLU 111 91  91  GLU GLU A . n 
A 1 112 GLN 112 92  92  GLN GLN A . n 
A 1 113 ALA 113 93  93  ALA ALA A . n 
A 1 114 LYS 114 94  94  LYS LYS A . n 
A 1 115 ALA 115 95  95  ALA ALA A . n 
A 1 116 LEU 116 96  96  LEU LEU A . n 
A 1 117 HIS 117 97  97  HIS HIS A . n 
A 1 118 GLU 118 98  98  GLU GLU A . n 
A 1 119 MET 119 99  99  MET MET A . n 
A 1 120 LEU 120 100 100 LEU LEU A . n 
A 1 121 GLU 121 101 101 GLU GLU A . n 
A 1 122 ARG 122 102 102 ARG ARG A . n 
A 1 123 ARG 123 103 103 ARG ARG A . n 
A 1 124 GLY 124 104 104 GLY GLY A . n 
A 1 125 THR 125 105 105 THR THR A . n 
A 1 126 ASP 126 106 106 ASP ASP A . n 
A 1 127 ILE 127 107 107 ILE ILE A . n 
A 1 128 ASP 128 108 108 ASP ASP A . n 
A 1 129 ALA 129 109 109 ALA ALA A . n 
A 1 130 VAL 130 110 110 VAL VAL A . n 
A 1 131 LEU 131 111 111 LEU LEU A . n 
A 1 132 GLU 132 112 112 GLU GLU A . n 
A 1 133 PHE 133 113 113 PHE PHE A . n 
A 1 134 ARG 134 114 114 ARG ARG A . n 
A 1 135 VAL 135 115 115 VAL VAL A . n 
A 1 136 SER 136 116 116 SER SER A . n 
A 1 137 GLU 137 117 117 GLU GLU A . n 
A 1 138 GLU 138 118 118 GLU GLU A . n 
A 1 139 VAL 139 119 119 VAL VAL A . n 
A 1 140 LEU 140 120 120 LEU LEU A . n 
A 1 141 LEU 141 121 121 LEU LEU A . n 
A 1 142 GLU 142 122 122 GLU GLU A . n 
A 1 143 ARG 143 123 123 ARG ARG A . n 
A 1 144 LEU 144 124 124 LEU LEU A . n 
A 1 145 LYS 145 125 125 LYS LYS A . n 
A 1 146 GLY 146 126 126 GLY GLY A . n 
A 1 147 ARG 147 127 127 ARG ARG A . n 
A 1 148 GLY 148 128 128 GLY GLY A . n 
A 1 149 ARG 149 129 129 ARG ARG A . n 
A 1 150 ALA 150 130 130 ALA ALA A . n 
A 1 151 ASP 151 131 131 ASP ASP A . n 
A 1 152 ASP 152 132 132 ASP ASP A . n 
A 1 153 THR 153 133 133 THR THR A . n 
A 1 154 ASP 154 134 134 ASP ASP A . n 
A 1 155 ASP 155 135 135 ASP ASP A . n 
A 1 156 VAL 156 136 136 VAL VAL A . n 
A 1 157 ILE 157 137 137 ILE ILE A . n 
A 1 158 LEU 158 138 138 LEU LEU A . n 
A 1 159 ASN 159 139 139 ASN ASN A . n 
A 1 160 ARG 160 140 140 ARG ARG A . n 
A 1 161 MET 161 141 141 MET MET A . n 
A 1 162 LYS 162 142 142 LYS LYS A . n 
A 1 163 VAL 163 143 143 VAL VAL A . n 
A 1 164 TYR 164 144 144 TYR TYR A . n 
A 1 165 ARG 165 145 145 ARG ARG A . n 
A 1 166 ASP 166 146 146 ASP ASP A . n 
A 1 167 GLU 167 147 147 GLU GLU A . n 
A 1 168 THR 168 148 148 THR THR A . n 
A 1 169 ALA 169 149 149 ALA ALA A . n 
A 1 170 PRO 170 150 150 PRO PRO A . n 
A 1 171 LEU 171 151 151 LEU LEU A . n 
A 1 172 LEU 172 152 152 LEU LEU A . n 
A 1 173 GLU 173 153 153 GLU GLU A . n 
A 1 174 TYR 174 154 154 TYR TYR A . n 
A 1 175 TYR 175 155 155 TYR TYR A . n 
A 1 176 ARG 176 156 156 ARG ARG A . n 
A 1 177 ASP 177 157 157 ASP ASP A . n 
A 1 178 GLN 178 158 158 GLN GLN A . n 
A 1 179 LEU 179 159 159 LEU LEU A . n 
A 1 180 LYS 180 160 160 LYS LYS A . n 
A 1 181 THR 181 161 161 THR THR A . n 
A 1 182 VAL 182 162 162 VAL VAL A . n 
A 1 183 ASP 183 163 163 ASP ASP A . n 
A 1 184 ALA 184 164 164 ALA ALA A . n 
A 1 185 VAL 185 165 165 VAL VAL A . n 
A 1 186 GLY 186 166 166 GLY GLY A . n 
A 1 187 THR 187 167 167 THR THR A . n 
A 1 188 MET 188 168 168 MET MET A . n 
A 1 189 ASP 189 169 169 ASP ASP A . n 
A 1 190 GLU 190 170 170 GLU GLU A . n 
A 1 191 VAL 191 171 171 VAL VAL A . n 
A 1 192 PHE 192 172 172 PHE PHE A . n 
A 1 193 ALA 193 173 173 ALA ALA A . n 
A 1 194 ARG 194 174 174 ARG ARG A . n 
A 1 195 ALA 195 175 175 ALA ALA A . n 
A 1 196 LEU 196 176 176 LEU LEU A . n 
A 1 197 ARG 197 177 177 ARG ARG A . n 
A 1 198 ALA 198 178 178 ALA ALA A . n 
A 1 199 LEU 199 179 179 LEU LEU A . n 
A 1 200 GLY 200 180 180 GLY GLY A . n 
A 1 201 LYS 201 181 181 LYS LYS A . n 
# 
loop_
_pdbx_nonpoly_scheme.asym_id 
_pdbx_nonpoly_scheme.entity_id 
_pdbx_nonpoly_scheme.mon_id 
_pdbx_nonpoly_scheme.ndb_seq_num 
_pdbx_nonpoly_scheme.pdb_seq_num 
_pdbx_nonpoly_scheme.auth_seq_num 
_pdbx_nonpoly_scheme.pdb_mon_id 
_pdbx_nonpoly_scheme.auth_mon_id 
_pdbx_nonpoly_scheme.pdb_strand_id 
_pdbx_nonpoly_scheme.pdb_ins_code 
B 2 MG  1   200  200  MG  MG  A . 
C 3 ADP 1   201  201  ADP ADP A . 
D 3 ADP 1   202  202  ADP ADP A . 
E 4 HOH 1   2001 2001 HOH HOH A . 
E 4 HOH 2   2002 2002 HOH HOH A . 
E 4 HOH 3   2003 2003 HOH HOH A . 
E 4 HOH 4   2004 2004 HOH HOH A . 
E 4 HOH 5   2005 2005 HOH HOH A . 
E 4 HOH 6   2006 2006 HOH HOH A . 
E 4 HOH 7   2007 2007 HOH HOH A . 
E 4 HOH 8   2008 2008 HOH HOH A . 
E 4 HOH 9   2009 2009 HOH HOH A . 
E 4 HOH 10  2010 2010 HOH HOH A . 
E 4 HOH 11  2011 2011 HOH HOH A . 
E 4 HOH 12  2012 2012 HOH HOH A . 
E 4 HOH 13  2013 2013 HOH HOH A . 
E 4 HOH 14  2014 2014 HOH HOH A . 
E 4 HOH 15  2015 2015 HOH HOH A . 
E 4 HOH 16  2016 2016 HOH HOH A . 
E 4 HOH 17  2017 2017 HOH HOH A . 
E 4 HOH 18  2018 2018 HOH HOH A . 
E 4 HOH 19  2019 2019 HOH HOH A . 
E 4 HOH 20  2020 2020 HOH HOH A . 
E 4 HOH 21  2021 2021 HOH HOH A . 
E 4 HOH 22  2022 2022 HOH HOH A . 
E 4 HOH 23  2023 2023 HOH HOH A . 
E 4 HOH 24  2024 2024 HOH HOH A . 
E 4 HOH 25  2025 2025 HOH HOH A . 
E 4 HOH 26  2026 2026 HOH HOH A . 
E 4 HOH 27  2027 2027 HOH HOH A . 
E 4 HOH 28  2028 2028 HOH HOH A . 
E 4 HOH 29  2029 2029 HOH HOH A . 
E 4 HOH 30  2030 2030 HOH HOH A . 
E 4 HOH 31  2031 2031 HOH HOH A . 
E 4 HOH 32  2032 2032 HOH HOH A . 
E 4 HOH 33  2033 2033 HOH HOH A . 
E 4 HOH 34  2034 2034 HOH HOH A . 
E 4 HOH 35  2035 2035 HOH HOH A . 
E 4 HOH 36  2036 2036 HOH HOH A . 
E 4 HOH 37  2037 2037 HOH HOH A . 
E 4 HOH 38  2038 2038 HOH HOH A . 
E 4 HOH 39  2039 2039 HOH HOH A . 
E 4 HOH 40  2040 2040 HOH HOH A . 
E 4 HOH 41  2041 2041 HOH HOH A . 
E 4 HOH 42  2042 2042 HOH HOH A . 
E 4 HOH 43  2043 2043 HOH HOH A . 
E 4 HOH 44  2044 2044 HOH HOH A . 
E 4 HOH 45  2045 2045 HOH HOH A . 
E 4 HOH 46  2046 2046 HOH HOH A . 
E 4 HOH 47  2047 2047 HOH HOH A . 
E 4 HOH 48  2048 2048 HOH HOH A . 
E 4 HOH 49  2049 2049 HOH HOH A . 
E 4 HOH 50  2050 2050 HOH HOH A . 
E 4 HOH 51  2051 2051 HOH HOH A . 
E 4 HOH 52  2052 2052 HOH HOH A . 
E 4 HOH 53  2053 2053 HOH HOH A . 
E 4 HOH 54  2054 2054 HOH HOH A . 
E 4 HOH 55  2055 2055 HOH HOH A . 
E 4 HOH 56  2056 2056 HOH HOH A . 
E 4 HOH 57  2057 2057 HOH HOH A . 
E 4 HOH 58  2058 2058 HOH HOH A . 
E 4 HOH 59  2059 2059 HOH HOH A . 
E 4 HOH 60  2060 2060 HOH HOH A . 
E 4 HOH 61  2061 2061 HOH HOH A . 
E 4 HOH 62  2062 2062 HOH HOH A . 
E 4 HOH 63  2063 2063 HOH HOH A . 
E 4 HOH 64  2064 2064 HOH HOH A . 
E 4 HOH 65  2065 2065 HOH HOH A . 
E 4 HOH 66  2066 2066 HOH HOH A . 
E 4 HOH 67  2067 2067 HOH HOH A . 
E 4 HOH 68  2068 2068 HOH HOH A . 
E 4 HOH 69  2069 2069 HOH HOH A . 
E 4 HOH 70  2070 2070 HOH HOH A . 
E 4 HOH 71  2071 2071 HOH HOH A . 
E 4 HOH 72  2072 2072 HOH HOH A . 
E 4 HOH 73  2073 2073 HOH HOH A . 
E 4 HOH 74  2074 2074 HOH HOH A . 
E 4 HOH 75  2075 2075 HOH HOH A . 
E 4 HOH 76  2076 2076 HOH HOH A . 
E 4 HOH 77  2077 2077 HOH HOH A . 
E 4 HOH 78  2078 2078 HOH HOH A . 
E 4 HOH 79  2079 2079 HOH HOH A . 
E 4 HOH 80  2080 2080 HOH HOH A . 
E 4 HOH 81  2081 2081 HOH HOH A . 
E 4 HOH 82  2082 2082 HOH HOH A . 
E 4 HOH 83  2083 2083 HOH HOH A . 
E 4 HOH 84  2084 2084 HOH HOH A . 
E 4 HOH 85  2085 2085 HOH HOH A . 
E 4 HOH 86  2086 2086 HOH HOH A . 
E 4 HOH 87  2087 2087 HOH HOH A . 
E 4 HOH 88  2088 2088 HOH HOH A . 
E 4 HOH 89  2089 2089 HOH HOH A . 
E 4 HOH 90  2090 2090 HOH HOH A . 
E 4 HOH 91  2091 2091 HOH HOH A . 
E 4 HOH 92  2092 2092 HOH HOH A . 
E 4 HOH 93  2093 2093 HOH HOH A . 
E 4 HOH 94  2094 2094 HOH HOH A . 
E 4 HOH 95  2095 2095 HOH HOH A . 
E 4 HOH 96  2096 2096 HOH HOH A . 
E 4 HOH 97  2097 2097 HOH HOH A . 
E 4 HOH 98  2098 2098 HOH HOH A . 
E 4 HOH 99  2099 2099 HOH HOH A . 
E 4 HOH 100 2100 2100 HOH HOH A . 
E 4 HOH 101 2101 2101 HOH HOH A . 
E 4 HOH 102 2102 2102 HOH HOH A . 
E 4 HOH 103 2103 2103 HOH HOH A . 
E 4 HOH 104 2104 2104 HOH HOH A . 
E 4 HOH 105 2105 2105 HOH HOH A . 
E 4 HOH 106 2106 2106 HOH HOH A . 
E 4 HOH 107 2107 2107 HOH HOH A . 
E 4 HOH 108 2108 2108 HOH HOH A . 
E 4 HOH 109 2109 2109 HOH HOH A . 
E 4 HOH 110 2110 2110 HOH HOH A . 
E 4 HOH 111 2111 2111 HOH HOH A . 
E 4 HOH 112 2112 2112 HOH HOH A . 
E 4 HOH 113 2113 2113 HOH HOH A . 
E 4 HOH 114 2114 2114 HOH HOH A . 
E 4 HOH 115 2115 2115 HOH HOH A . 
E 4 HOH 116 2116 2116 HOH HOH A . 
E 4 HOH 117 2117 2117 HOH HOH A . 
E 4 HOH 118 2118 2118 HOH HOH A . 
E 4 HOH 119 2119 2119 HOH HOH A . 
E 4 HOH 120 2120 2120 HOH HOH A . 
E 4 HOH 121 2121 2121 HOH HOH A . 
E 4 HOH 122 2122 2122 HOH HOH A . 
E 4 HOH 123 2123 2123 HOH HOH A . 
E 4 HOH 124 2124 2124 HOH HOH A . 
E 4 HOH 125 2125 2125 HOH HOH A . 
E 4 HOH 126 2126 2126 HOH HOH A . 
E 4 HOH 127 2127 2127 HOH HOH A . 
E 4 HOH 128 2128 2128 HOH HOH A . 
E 4 HOH 129 2129 2129 HOH HOH A . 
E 4 HOH 130 2130 2130 HOH HOH A . 
E 4 HOH 131 2131 2131 HOH HOH A . 
E 4 HOH 132 2132 2132 HOH HOH A . 
E 4 HOH 133 2133 2133 HOH HOH A . 
E 4 HOH 134 2134 2134 HOH HOH A . 
E 4 HOH 135 2135 2135 HOH HOH A . 
# 
_pdbx_struct_assembly.id                   1 
_pdbx_struct_assembly.details              author_and_software_defined_assembly 
_pdbx_struct_assembly.method_details       PQS 
_pdbx_struct_assembly.oligomeric_details   monomeric 
_pdbx_struct_assembly.oligomeric_count     1 
# 
_pdbx_struct_assembly_gen.assembly_id       1 
_pdbx_struct_assembly_gen.oper_expression   1 
_pdbx_struct_assembly_gen.asym_id_list      A,B,C,D,E 
# 
_pdbx_struct_oper_list.id                   1 
_pdbx_struct_oper_list.type                 'identity operation' 
_pdbx_struct_oper_list.name                 1_555 
_pdbx_struct_oper_list.symmetry_operation   x,y,z 
_pdbx_struct_oper_list.matrix[1][1]         1.0000000000 
_pdbx_struct_oper_list.matrix[1][2]         0.0000000000 
_pdbx_struct_oper_list.matrix[1][3]         0.0000000000 
_pdbx_struct_oper_list.vector[1]            0.0000000000 
_pdbx_struct_oper_list.matrix[2][1]         0.0000000000 
_pdbx_struct_oper_list.matrix[2][2]         1.0000000000 
_pdbx_struct_oper_list.matrix[2][3]         0.0000000000 
_pdbx_struct_oper_list.vector[2]            0.0000000000 
_pdbx_struct_oper_list.matrix[3][1]         0.0000000000 
_pdbx_struct_oper_list.matrix[3][2]         0.0000000000 
_pdbx_struct_oper_list.matrix[3][3]         1.0000000000 
_pdbx_struct_oper_list.vector[3]            0.0000000000 
# 
loop_
_pdbx_struct_conn_angle.id 
_pdbx_struct_conn_angle.ptnr1_label_atom_id 
_pdbx_struct_conn_angle.ptnr1_label_alt_id 
_pdbx_struct_conn_angle.ptnr1_label_asym_id 
_pdbx_struct_conn_angle.ptnr1_label_comp_id 
_pdbx_struct_conn_angle.ptnr1_label_seq_id 
_pdbx_struct_conn_angle.ptnr1_auth_atom_id 
_pdbx_struct_conn_angle.ptnr1_auth_asym_id 
_pdbx_struct_conn_angle.ptnr1_auth_comp_id 
_pdbx_struct_conn_angle.ptnr1_auth_seq_id 
_pdbx_struct_conn_angle.ptnr1_PDB_ins_code 
_pdbx_struct_conn_angle.ptnr1_symmetry 
_pdbx_struct_conn_angle.ptnr2_label_atom_id 
_pdbx_struct_conn_angle.ptnr2_label_alt_id 
_pdbx_struct_conn_angle.ptnr2_label_asym_id 
_pdbx_struct_conn_angle.ptnr2_label_comp_id 
_pdbx_struct_conn_angle.ptnr2_label_seq_id 
_pdbx_struct_conn_angle.ptnr2_auth_atom_id 
_pdbx_struct_conn_angle.ptnr2_auth_asym_id 
_pdbx_struct_conn_angle.ptnr2_auth_comp_id 
_pdbx_struct_conn_angle.ptnr2_auth_seq_id 
_pdbx_struct_conn_angle.ptnr2_PDB_ins_code 
_pdbx_struct_conn_angle.ptnr2_symmetry 
_pdbx_struct_conn_angle.ptnr3_label_atom_id 
_pdbx_struct_conn_angle.ptnr3_label_alt_id 
_pdbx_struct_conn_angle.ptnr3_label_asym_id 
_pdbx_struct_conn_angle.ptnr3_label_comp_id 
_pdbx_struct_conn_angle.ptnr3_label_seq_id 
_pdbx_struct_conn_angle.ptnr3_auth_atom_id 
_pdbx_struct_conn_angle.ptnr3_auth_asym_id 
_pdbx_struct_conn_angle.ptnr3_auth_comp_id 
_pdbx_struct_conn_angle.ptnr3_auth_seq_id 
_pdbx_struct_conn_angle.ptnr3_PDB_ins_code 
_pdbx_struct_conn_angle.ptnr3_symmetry 
_pdbx_struct_conn_angle.value 
_pdbx_struct_conn_angle.value_esd 
1 O2B ? C ADP . ? A ADP 201  ? 1_555 MG ? B MG . ? A MG 200 ? 1_555 O2B ? D ADP . ? A ADP 202  ? 1_555 95.1  ? 
2 O2B ? C ADP . ? A ADP 201  ? 1_555 MG ? B MG . ? A MG 200 ? 1_555 O   ? E HOH . ? A HOH 2062 ? 1_555 77.3  ? 
3 O2B ? D ADP . ? A ADP 202  ? 1_555 MG ? B MG . ? A MG 200 ? 1_555 O   ? E HOH . ? A HOH 2062 ? 1_555 66.5  ? 
4 O2B ? C ADP . ? A ADP 201  ? 1_555 MG ? B MG . ? A MG 200 ? 1_555 O   ? E HOH . ? A HOH 2126 ? 1_555 84.5  ? 
5 O2B ? D ADP . ? A ADP 202  ? 1_555 MG ? B MG . ? A MG 200 ? 1_555 O   ? E HOH . ? A HOH 2126 ? 1_555 144.8 ? 
6 O   ? E HOH . ? A HOH 2062 ? 1_555 MG ? B MG . ? A MG 200 ? 1_555 O   ? E HOH . ? A HOH 2126 ? 1_555 79.2  ? 
# 
loop_
_pdbx_audit_revision_history.ordinal 
_pdbx_audit_revision_history.data_content_type 
_pdbx_audit_revision_history.major_revision 
_pdbx_audit_revision_history.minor_revision 
_pdbx_audit_revision_history.revision_date 
1 'Structure model' 1 0 2006-05-10 
2 'Structure model' 1 1 2011-05-08 
3 'Structure model' 1 2 2011-07-13 
4 'Structure model' 1 3 2023-12-13 
# 
_pdbx_audit_revision_details.ordinal             1 
_pdbx_audit_revision_details.revision_ordinal    1 
_pdbx_audit_revision_details.data_content_type   'Structure model' 
_pdbx_audit_revision_details.provider            repository 
_pdbx_audit_revision_details.type                'Initial release' 
_pdbx_audit_revision_details.description         ? 
_pdbx_audit_revision_details.details             ? 
# 
loop_
_pdbx_audit_revision_group.ordinal 
_pdbx_audit_revision_group.revision_ordinal 
_pdbx_audit_revision_group.data_content_type 
_pdbx_audit_revision_group.group 
1 2 'Structure model' 'Version format compliance' 
2 3 'Structure model' 'Version format compliance' 
3 4 'Structure model' 'Data collection'           
4 4 'Structure model' 'Database references'       
5 4 'Structure model' 'Derived calculations'      
6 4 'Structure model' Other                       
7 4 'Structure model' 'Refinement description'    
# 
loop_
_pdbx_audit_revision_category.ordinal 
_pdbx_audit_revision_category.revision_ordinal 
_pdbx_audit_revision_category.data_content_type 
_pdbx_audit_revision_category.category 
1 4 'Structure model' chem_comp_atom                
2 4 'Structure model' chem_comp_bond                
3 4 'Structure model' database_2                    
4 4 'Structure model' pdbx_database_status          
5 4 'Structure model' pdbx_initial_refinement_model 
6 4 'Structure model' pdbx_struct_conn_angle        
7 4 'Structure model' struct_conn                   
8 4 'Structure model' struct_site                   
# 
loop_
_pdbx_audit_revision_item.ordinal 
_pdbx_audit_revision_item.revision_ordinal 
_pdbx_audit_revision_item.data_content_type 
_pdbx_audit_revision_item.item 
1  4 'Structure model' '_database_2.pdbx_DOI'                        
2  4 'Structure model' '_database_2.pdbx_database_accession'         
3  4 'Structure model' '_pdbx_database_status.status_code_sf'        
4  4 'Structure model' '_pdbx_struct_conn_angle.ptnr1_auth_comp_id'  
5  4 'Structure model' '_pdbx_struct_conn_angle.ptnr1_auth_seq_id'   
6  4 'Structure model' '_pdbx_struct_conn_angle.ptnr1_label_asym_id' 
7  4 'Structure model' '_pdbx_struct_conn_angle.ptnr1_label_atom_id' 
8  4 'Structure model' '_pdbx_struct_conn_angle.ptnr1_label_comp_id' 
9  4 'Structure model' '_pdbx_struct_conn_angle.ptnr3_auth_comp_id'  
10 4 'Structure model' '_pdbx_struct_conn_angle.ptnr3_auth_seq_id'   
11 4 'Structure model' '_pdbx_struct_conn_angle.ptnr3_label_asym_id' 
12 4 'Structure model' '_pdbx_struct_conn_angle.ptnr3_label_atom_id' 
13 4 'Structure model' '_pdbx_struct_conn_angle.ptnr3_label_comp_id' 
14 4 'Structure model' '_pdbx_struct_conn_angle.value'               
15 4 'Structure model' '_struct_conn.pdbx_dist_value'                
16 4 'Structure model' '_struct_conn.ptnr2_auth_comp_id'             
17 4 'Structure model' '_struct_conn.ptnr2_auth_seq_id'              
18 4 'Structure model' '_struct_conn.ptnr2_label_asym_id'            
19 4 'Structure model' '_struct_conn.ptnr2_label_atom_id'            
20 4 'Structure model' '_struct_conn.ptnr2_label_comp_id'            
21 4 'Structure model' '_struct_site.pdbx_auth_asym_id'              
22 4 'Structure model' '_struct_site.pdbx_auth_comp_id'              
23 4 'Structure model' '_struct_site.pdbx_auth_seq_id'               
# 
loop_
_software.name 
_software.classification 
_software.version 
_software.citation_id 
_software.pdbx_ordinal 
REFMAC refinement       5.2.0005 ? 1 
MOSFLM 'data reduction' .        ? 2 
SCALA  'data scaling'   .        ? 3 
AMoRE  phasing          .        ? 4 
# 
_pdbx_entry_details.entry_id                 2CDN 
_pdbx_entry_details.compound_details         
;CATALYZES THE REVERSIBLE TRANSFER OF THE TERMINAL
 PHOSPHATE GROUP BETWEEN ATP AND AMP
;
_pdbx_entry_details.source_details           ? 
_pdbx_entry_details.nonpolymer_details       ? 
_pdbx_entry_details.sequence_details         
;THE N-TERMINAL SEQUENCE MGSSHHHHHHSSGLVPRGSH IS A CLONING
 ARTIFACT CONTAINING THE HIS6 TAG
;
_pdbx_entry_details.has_ligand_of_interest   ? 
# 
_pdbx_validate_torsion.id              1 
_pdbx_validate_torsion.PDB_model_num   1 
_pdbx_validate_torsion.auth_comp_id    ASP 
_pdbx_validate_torsion.auth_asym_id    A 
_pdbx_validate_torsion.auth_seq_id     132 
_pdbx_validate_torsion.PDB_ins_code    ? 
_pdbx_validate_torsion.label_alt_id    ? 
_pdbx_validate_torsion.phi             -88.85 
_pdbx_validate_torsion.psi             45.86 
# 
loop_
_pdbx_unobs_or_zero_occ_atoms.id 
_pdbx_unobs_or_zero_occ_atoms.PDB_model_num 
_pdbx_unobs_or_zero_occ_atoms.polymer_flag 
_pdbx_unobs_or_zero_occ_atoms.occupancy_flag 
_pdbx_unobs_or_zero_occ_atoms.auth_asym_id 
_pdbx_unobs_or_zero_occ_atoms.auth_comp_id 
_pdbx_unobs_or_zero_occ_atoms.auth_seq_id 
_pdbx_unobs_or_zero_occ_atoms.PDB_ins_code 
_pdbx_unobs_or_zero_occ_atoms.auth_atom_id 
_pdbx_unobs_or_zero_occ_atoms.label_alt_id 
_pdbx_unobs_or_zero_occ_atoms.label_asym_id 
_pdbx_unobs_or_zero_occ_atoms.label_comp_id 
_pdbx_unobs_or_zero_occ_atoms.label_seq_id 
_pdbx_unobs_or_zero_occ_atoms.label_atom_id 
1  1 Y 1 A PRO -4 ? CG  ? A PRO 16 CG  
2  1 Y 1 A PRO -4 ? CD  ? A PRO 16 CD  
3  1 Y 1 A ARG -3 ? CG  ? A ARG 17 CG  
4  1 Y 1 A ARG -3 ? CD  ? A ARG 17 CD  
5  1 Y 1 A ARG -3 ? NE  ? A ARG 17 NE  
6  1 Y 1 A ARG -3 ? CZ  ? A ARG 17 CZ  
7  1 Y 1 A ARG -3 ? NH1 ? A ARG 17 NH1 
8  1 Y 1 A ARG -3 ? NH2 ? A ARG 17 NH2 
9  1 Y 1 A GLU 22 ? CG  ? A GLU 42 CG  
10 1 Y 1 A GLU 22 ? CD  ? A GLU 42 CD  
11 1 Y 1 A GLU 22 ? OE1 ? A GLU 42 OE1 
12 1 Y 1 A GLU 22 ? OE2 ? A GLU 42 OE2 
13 1 Y 1 A ARG 51 ? CG  ? A ARG 71 CG  
14 1 Y 1 A ARG 51 ? CD  ? A ARG 71 CD  
15 1 Y 1 A ARG 51 ? NE  ? A ARG 71 NE  
16 1 Y 1 A ARG 51 ? CZ  ? A ARG 71 CZ  
17 1 Y 1 A ARG 51 ? NH1 ? A ARG 71 NH1 
18 1 Y 1 A ARG 51 ? NH2 ? A ARG 71 NH2 
# 
loop_
_pdbx_unobs_or_zero_occ_residues.id 
_pdbx_unobs_or_zero_occ_residues.PDB_model_num 
_pdbx_unobs_or_zero_occ_residues.polymer_flag 
_pdbx_unobs_or_zero_occ_residues.occupancy_flag 
_pdbx_unobs_or_zero_occ_residues.auth_asym_id 
_pdbx_unobs_or_zero_occ_residues.auth_comp_id 
_pdbx_unobs_or_zero_occ_residues.auth_seq_id 
_pdbx_unobs_or_zero_occ_residues.PDB_ins_code 
_pdbx_unobs_or_zero_occ_residues.label_asym_id 
_pdbx_unobs_or_zero_occ_residues.label_comp_id 
_pdbx_unobs_or_zero_occ_residues.label_seq_id 
1  1 Y 1 A MET -19 ? A MET 1  
2  1 Y 1 A GLY -18 ? A GLY 2  
3  1 Y 1 A SER -17 ? A SER 3  
4  1 Y 1 A SER -16 ? A SER 4  
5  1 Y 1 A HIS -15 ? A HIS 5  
6  1 Y 1 A HIS -14 ? A HIS 6  
7  1 Y 1 A HIS -13 ? A HIS 7  
8  1 Y 1 A HIS -12 ? A HIS 8  
9  1 Y 1 A HIS -11 ? A HIS 9  
10 1 Y 1 A HIS -10 ? A HIS 10 
11 1 Y 1 A SER -9  ? A SER 11 
12 1 Y 1 A SER -8  ? A SER 12 
13 1 Y 1 A GLY -7  ? A GLY 13 
14 1 Y 1 A LEU -6  ? A LEU 14 
15 1 Y 1 A VAL -5  ? A VAL 15 
# 
loop_
_chem_comp_atom.comp_id 
_chem_comp_atom.atom_id 
_chem_comp_atom.type_symbol 
_chem_comp_atom.pdbx_aromatic_flag 
_chem_comp_atom.pdbx_stereo_config 
_chem_comp_atom.pdbx_ordinal 
ADP PB     P  N N 1   
ADP O1B    O  N N 2   
ADP O2B    O  N N 3   
ADP O3B    O  N N 4   
ADP PA     P  N S 5   
ADP O1A    O  N N 6   
ADP O2A    O  N N 7   
ADP O3A    O  N N 8   
ADP "O5'"  O  N N 9   
ADP "C5'"  C  N N 10  
ADP "C4'"  C  N R 11  
ADP "O4'"  O  N N 12  
ADP "C3'"  C  N S 13  
ADP "O3'"  O  N N 14  
ADP "C2'"  C  N R 15  
ADP "O2'"  O  N N 16  
ADP "C1'"  C  N R 17  
ADP N9     N  Y N 18  
ADP C8     C  Y N 19  
ADP N7     N  Y N 20  
ADP C5     C  Y N 21  
ADP C6     C  Y N 22  
ADP N6     N  N N 23  
ADP N1     N  Y N 24  
ADP C2     C  Y N 25  
ADP N3     N  Y N 26  
ADP C4     C  Y N 27  
ADP HOB2   H  N N 28  
ADP HOB3   H  N N 29  
ADP HOA2   H  N N 30  
ADP "H5'1" H  N N 31  
ADP "H5'2" H  N N 32  
ADP "H4'"  H  N N 33  
ADP "H3'"  H  N N 34  
ADP "HO3'" H  N N 35  
ADP "H2'"  H  N N 36  
ADP "HO2'" H  N N 37  
ADP "H1'"  H  N N 38  
ADP H8     H  N N 39  
ADP HN61   H  N N 40  
ADP HN62   H  N N 41  
ADP H2     H  N N 42  
ALA N      N  N N 43  
ALA CA     C  N S 44  
ALA C      C  N N 45  
ALA O      O  N N 46  
ALA CB     C  N N 47  
ALA OXT    O  N N 48  
ALA H      H  N N 49  
ALA H2     H  N N 50  
ALA HA     H  N N 51  
ALA HB1    H  N N 52  
ALA HB2    H  N N 53  
ALA HB3    H  N N 54  
ALA HXT    H  N N 55  
ARG N      N  N N 56  
ARG CA     C  N S 57  
ARG C      C  N N 58  
ARG O      O  N N 59  
ARG CB     C  N N 60  
ARG CG     C  N N 61  
ARG CD     C  N N 62  
ARG NE     N  N N 63  
ARG CZ     C  N N 64  
ARG NH1    N  N N 65  
ARG NH2    N  N N 66  
ARG OXT    O  N N 67  
ARG H      H  N N 68  
ARG H2     H  N N 69  
ARG HA     H  N N 70  
ARG HB2    H  N N 71  
ARG HB3    H  N N 72  
ARG HG2    H  N N 73  
ARG HG3    H  N N 74  
ARG HD2    H  N N 75  
ARG HD3    H  N N 76  
ARG HE     H  N N 77  
ARG HH11   H  N N 78  
ARG HH12   H  N N 79  
ARG HH21   H  N N 80  
ARG HH22   H  N N 81  
ARG HXT    H  N N 82  
ASN N      N  N N 83  
ASN CA     C  N S 84  
ASN C      C  N N 85  
ASN O      O  N N 86  
ASN CB     C  N N 87  
ASN CG     C  N N 88  
ASN OD1    O  N N 89  
ASN ND2    N  N N 90  
ASN OXT    O  N N 91  
ASN H      H  N N 92  
ASN H2     H  N N 93  
ASN HA     H  N N 94  
ASN HB2    H  N N 95  
ASN HB3    H  N N 96  
ASN HD21   H  N N 97  
ASN HD22   H  N N 98  
ASN HXT    H  N N 99  
ASP N      N  N N 100 
ASP CA     C  N S 101 
ASP C      C  N N 102 
ASP O      O  N N 103 
ASP CB     C  N N 104 
ASP CG     C  N N 105 
ASP OD1    O  N N 106 
ASP OD2    O  N N 107 
ASP OXT    O  N N 108 
ASP H      H  N N 109 
ASP H2     H  N N 110 
ASP HA     H  N N 111 
ASP HB2    H  N N 112 
ASP HB3    H  N N 113 
ASP HD2    H  N N 114 
ASP HXT    H  N N 115 
GLN N      N  N N 116 
GLN CA     C  N S 117 
GLN C      C  N N 118 
GLN O      O  N N 119 
GLN CB     C  N N 120 
GLN CG     C  N N 121 
GLN CD     C  N N 122 
GLN OE1    O  N N 123 
GLN NE2    N  N N 124 
GLN OXT    O  N N 125 
GLN H      H  N N 126 
GLN H2     H  N N 127 
GLN HA     H  N N 128 
GLN HB2    H  N N 129 
GLN HB3    H  N N 130 
GLN HG2    H  N N 131 
GLN HG3    H  N N 132 
GLN HE21   H  N N 133 
GLN HE22   H  N N 134 
GLN HXT    H  N N 135 
GLU N      N  N N 136 
GLU CA     C  N S 137 
GLU C      C  N N 138 
GLU O      O  N N 139 
GLU CB     C  N N 140 
GLU CG     C  N N 141 
GLU CD     C  N N 142 
GLU OE1    O  N N 143 
GLU OE2    O  N N 144 
GLU OXT    O  N N 145 
GLU H      H  N N 146 
GLU H2     H  N N 147 
GLU HA     H  N N 148 
GLU HB2    H  N N 149 
GLU HB3    H  N N 150 
GLU HG2    H  N N 151 
GLU HG3    H  N N 152 
GLU HE2    H  N N 153 
GLU HXT    H  N N 154 
GLY N      N  N N 155 
GLY CA     C  N N 156 
GLY C      C  N N 157 
GLY O      O  N N 158 
GLY OXT    O  N N 159 
GLY H      H  N N 160 
GLY H2     H  N N 161 
GLY HA2    H  N N 162 
GLY HA3    H  N N 163 
GLY HXT    H  N N 164 
HIS N      N  N N 165 
HIS CA     C  N S 166 
HIS C      C  N N 167 
HIS O      O  N N 168 
HIS CB     C  N N 169 
HIS CG     C  Y N 170 
HIS ND1    N  Y N 171 
HIS CD2    C  Y N 172 
HIS CE1    C  Y N 173 
HIS NE2    N  Y N 174 
HIS OXT    O  N N 175 
HIS H      H  N N 176 
HIS H2     H  N N 177 
HIS HA     H  N N 178 
HIS HB2    H  N N 179 
HIS HB3    H  N N 180 
HIS HD1    H  N N 181 
HIS HD2    H  N N 182 
HIS HE1    H  N N 183 
HIS HE2    H  N N 184 
HIS HXT    H  N N 185 
HOH O      O  N N 186 
HOH H1     H  N N 187 
HOH H2     H  N N 188 
ILE N      N  N N 189 
ILE CA     C  N S 190 
ILE C      C  N N 191 
ILE O      O  N N 192 
ILE CB     C  N S 193 
ILE CG1    C  N N 194 
ILE CG2    C  N N 195 
ILE CD1    C  N N 196 
ILE OXT    O  N N 197 
ILE H      H  N N 198 
ILE H2     H  N N 199 
ILE HA     H  N N 200 
ILE HB     H  N N 201 
ILE HG12   H  N N 202 
ILE HG13   H  N N 203 
ILE HG21   H  N N 204 
ILE HG22   H  N N 205 
ILE HG23   H  N N 206 
ILE HD11   H  N N 207 
ILE HD12   H  N N 208 
ILE HD13   H  N N 209 
ILE HXT    H  N N 210 
LEU N      N  N N 211 
LEU CA     C  N S 212 
LEU C      C  N N 213 
LEU O      O  N N 214 
LEU CB     C  N N 215 
LEU CG     C  N N 216 
LEU CD1    C  N N 217 
LEU CD2    C  N N 218 
LEU OXT    O  N N 219 
LEU H      H  N N 220 
LEU H2     H  N N 221 
LEU HA     H  N N 222 
LEU HB2    H  N N 223 
LEU HB3    H  N N 224 
LEU HG     H  N N 225 
LEU HD11   H  N N 226 
LEU HD12   H  N N 227 
LEU HD13   H  N N 228 
LEU HD21   H  N N 229 
LEU HD22   H  N N 230 
LEU HD23   H  N N 231 
LEU HXT    H  N N 232 
LYS N      N  N N 233 
LYS CA     C  N S 234 
LYS C      C  N N 235 
LYS O      O  N N 236 
LYS CB     C  N N 237 
LYS CG     C  N N 238 
LYS CD     C  N N 239 
LYS CE     C  N N 240 
LYS NZ     N  N N 241 
LYS OXT    O  N N 242 
LYS H      H  N N 243 
LYS H2     H  N N 244 
LYS HA     H  N N 245 
LYS HB2    H  N N 246 
LYS HB3    H  N N 247 
LYS HG2    H  N N 248 
LYS HG3    H  N N 249 
LYS HD2    H  N N 250 
LYS HD3    H  N N 251 
LYS HE2    H  N N 252 
LYS HE3    H  N N 253 
LYS HZ1    H  N N 254 
LYS HZ2    H  N N 255 
LYS HZ3    H  N N 256 
LYS HXT    H  N N 257 
MET N      N  N N 258 
MET CA     C  N S 259 
MET C      C  N N 260 
MET O      O  N N 261 
MET CB     C  N N 262 
MET CG     C  N N 263 
MET SD     S  N N 264 
MET CE     C  N N 265 
MET OXT    O  N N 266 
MET H      H  N N 267 
MET H2     H  N N 268 
MET HA     H  N N 269 
MET HB2    H  N N 270 
MET HB3    H  N N 271 
MET HG2    H  N N 272 
MET HG3    H  N N 273 
MET HE1    H  N N 274 
MET HE2    H  N N 275 
MET HE3    H  N N 276 
MET HXT    H  N N 277 
MG  MG     MG N N 278 
PHE N      N  N N 279 
PHE CA     C  N S 280 
PHE C      C  N N 281 
PHE O      O  N N 282 
PHE CB     C  N N 283 
PHE CG     C  Y N 284 
PHE CD1    C  Y N 285 
PHE CD2    C  Y N 286 
PHE CE1    C  Y N 287 
PHE CE2    C  Y N 288 
PHE CZ     C  Y N 289 
PHE OXT    O  N N 290 
PHE H      H  N N 291 
PHE H2     H  N N 292 
PHE HA     H  N N 293 
PHE HB2    H  N N 294 
PHE HB3    H  N N 295 
PHE HD1    H  N N 296 
PHE HD2    H  N N 297 
PHE HE1    H  N N 298 
PHE HE2    H  N N 299 
PHE HZ     H  N N 300 
PHE HXT    H  N N 301 
PRO N      N  N N 302 
PRO CA     C  N S 303 
PRO C      C  N N 304 
PRO O      O  N N 305 
PRO CB     C  N N 306 
PRO CG     C  N N 307 
PRO CD     C  N N 308 
PRO OXT    O  N N 309 
PRO H      H  N N 310 
PRO HA     H  N N 311 
PRO HB2    H  N N 312 
PRO HB3    H  N N 313 
PRO HG2    H  N N 314 
PRO HG3    H  N N 315 
PRO HD2    H  N N 316 
PRO HD3    H  N N 317 
PRO HXT    H  N N 318 
SER N      N  N N 319 
SER CA     C  N S 320 
SER C      C  N N 321 
SER O      O  N N 322 
SER CB     C  N N 323 
SER OG     O  N N 324 
SER OXT    O  N N 325 
SER H      H  N N 326 
SER H2     H  N N 327 
SER HA     H  N N 328 
SER HB2    H  N N 329 
SER HB3    H  N N 330 
SER HG     H  N N 331 
SER HXT    H  N N 332 
THR N      N  N N 333 
THR CA     C  N S 334 
THR C      C  N N 335 
THR O      O  N N 336 
THR CB     C  N R 337 
THR OG1    O  N N 338 
THR CG2    C  N N 339 
THR OXT    O  N N 340 
THR H      H  N N 341 
THR H2     H  N N 342 
THR HA     H  N N 343 
THR HB     H  N N 344 
THR HG1    H  N N 345 
THR HG21   H  N N 346 
THR HG22   H  N N 347 
THR HG23   H  N N 348 
THR HXT    H  N N 349 
TYR N      N  N N 350 
TYR CA     C  N S 351 
TYR C      C  N N 352 
TYR O      O  N N 353 
TYR CB     C  N N 354 
TYR CG     C  Y N 355 
TYR CD1    C  Y N 356 
TYR CD2    C  Y N 357 
TYR CE1    C  Y N 358 
TYR CE2    C  Y N 359 
TYR CZ     C  Y N 360 
TYR OH     O  N N 361 
TYR OXT    O  N N 362 
TYR H      H  N N 363 
TYR H2     H  N N 364 
TYR HA     H  N N 365 
TYR HB2    H  N N 366 
TYR HB3    H  N N 367 
TYR HD1    H  N N 368 
TYR HD2    H  N N 369 
TYR HE1    H  N N 370 
TYR HE2    H  N N 371 
TYR HH     H  N N 372 
TYR HXT    H  N N 373 
VAL N      N  N N 374 
VAL CA     C  N S 375 
VAL C      C  N N 376 
VAL O      O  N N 377 
VAL CB     C  N N 378 
VAL CG1    C  N N 379 
VAL CG2    C  N N 380 
VAL OXT    O  N N 381 
VAL H      H  N N 382 
VAL H2     H  N N 383 
VAL HA     H  N N 384 
VAL HB     H  N N 385 
VAL HG11   H  N N 386 
VAL HG12   H  N N 387 
VAL HG13   H  N N 388 
VAL HG21   H  N N 389 
VAL HG22   H  N N 390 
VAL HG23   H  N N 391 
VAL HXT    H  N N 392 
# 
loop_
_chem_comp_bond.comp_id 
_chem_comp_bond.atom_id_1 
_chem_comp_bond.atom_id_2 
_chem_comp_bond.value_order 
_chem_comp_bond.pdbx_aromatic_flag 
_chem_comp_bond.pdbx_stereo_config 
_chem_comp_bond.pdbx_ordinal 
ADP PB    O1B    doub N N 1   
ADP PB    O2B    sing N N 2   
ADP PB    O3B    sing N N 3   
ADP PB    O3A    sing N N 4   
ADP O2B   HOB2   sing N N 5   
ADP O3B   HOB3   sing N N 6   
ADP PA    O1A    doub N N 7   
ADP PA    O2A    sing N N 8   
ADP PA    O3A    sing N N 9   
ADP PA    "O5'"  sing N N 10  
ADP O2A   HOA2   sing N N 11  
ADP "O5'" "C5'"  sing N N 12  
ADP "C5'" "C4'"  sing N N 13  
ADP "C5'" "H5'1" sing N N 14  
ADP "C5'" "H5'2" sing N N 15  
ADP "C4'" "O4'"  sing N N 16  
ADP "C4'" "C3'"  sing N N 17  
ADP "C4'" "H4'"  sing N N 18  
ADP "O4'" "C1'"  sing N N 19  
ADP "C3'" "O3'"  sing N N 20  
ADP "C3'" "C2'"  sing N N 21  
ADP "C3'" "H3'"  sing N N 22  
ADP "O3'" "HO3'" sing N N 23  
ADP "C2'" "O2'"  sing N N 24  
ADP "C2'" "C1'"  sing N N 25  
ADP "C2'" "H2'"  sing N N 26  
ADP "O2'" "HO2'" sing N N 27  
ADP "C1'" N9     sing N N 28  
ADP "C1'" "H1'"  sing N N 29  
ADP N9    C8     sing Y N 30  
ADP N9    C4     sing Y N 31  
ADP C8    N7     doub Y N 32  
ADP C8    H8     sing N N 33  
ADP N7    C5     sing Y N 34  
ADP C5    C6     sing Y N 35  
ADP C5    C4     doub Y N 36  
ADP C6    N6     sing N N 37  
ADP C6    N1     doub Y N 38  
ADP N6    HN61   sing N N 39  
ADP N6    HN62   sing N N 40  
ADP N1    C2     sing Y N 41  
ADP C2    N3     doub Y N 42  
ADP C2    H2     sing N N 43  
ADP N3    C4     sing Y N 44  
ALA N     CA     sing N N 45  
ALA N     H      sing N N 46  
ALA N     H2     sing N N 47  
ALA CA    C      sing N N 48  
ALA CA    CB     sing N N 49  
ALA CA    HA     sing N N 50  
ALA C     O      doub N N 51  
ALA C     OXT    sing N N 52  
ALA CB    HB1    sing N N 53  
ALA CB    HB2    sing N N 54  
ALA CB    HB3    sing N N 55  
ALA OXT   HXT    sing N N 56  
ARG N     CA     sing N N 57  
ARG N     H      sing N N 58  
ARG N     H2     sing N N 59  
ARG CA    C      sing N N 60  
ARG CA    CB     sing N N 61  
ARG CA    HA     sing N N 62  
ARG C     O      doub N N 63  
ARG C     OXT    sing N N 64  
ARG CB    CG     sing N N 65  
ARG CB    HB2    sing N N 66  
ARG CB    HB3    sing N N 67  
ARG CG    CD     sing N N 68  
ARG CG    HG2    sing N N 69  
ARG CG    HG3    sing N N 70  
ARG CD    NE     sing N N 71  
ARG CD    HD2    sing N N 72  
ARG CD    HD3    sing N N 73  
ARG NE    CZ     sing N N 74  
ARG NE    HE     sing N N 75  
ARG CZ    NH1    sing N N 76  
ARG CZ    NH2    doub N N 77  
ARG NH1   HH11   sing N N 78  
ARG NH1   HH12   sing N N 79  
ARG NH2   HH21   sing N N 80  
ARG NH2   HH22   sing N N 81  
ARG OXT   HXT    sing N N 82  
ASN N     CA     sing N N 83  
ASN N     H      sing N N 84  
ASN N     H2     sing N N 85  
ASN CA    C      sing N N 86  
ASN CA    CB     sing N N 87  
ASN CA    HA     sing N N 88  
ASN C     O      doub N N 89  
ASN C     OXT    sing N N 90  
ASN CB    CG     sing N N 91  
ASN CB    HB2    sing N N 92  
ASN CB    HB3    sing N N 93  
ASN CG    OD1    doub N N 94  
ASN CG    ND2    sing N N 95  
ASN ND2   HD21   sing N N 96  
ASN ND2   HD22   sing N N 97  
ASN OXT   HXT    sing N N 98  
ASP N     CA     sing N N 99  
ASP N     H      sing N N 100 
ASP N     H2     sing N N 101 
ASP CA    C      sing N N 102 
ASP CA    CB     sing N N 103 
ASP CA    HA     sing N N 104 
ASP C     O      doub N N 105 
ASP C     OXT    sing N N 106 
ASP CB    CG     sing N N 107 
ASP CB    HB2    sing N N 108 
ASP CB    HB3    sing N N 109 
ASP CG    OD1    doub N N 110 
ASP CG    OD2    sing N N 111 
ASP OD2   HD2    sing N N 112 
ASP OXT   HXT    sing N N 113 
GLN N     CA     sing N N 114 
GLN N     H      sing N N 115 
GLN N     H2     sing N N 116 
GLN CA    C      sing N N 117 
GLN CA    CB     sing N N 118 
GLN CA    HA     sing N N 119 
GLN C     O      doub N N 120 
GLN C     OXT    sing N N 121 
GLN CB    CG     sing N N 122 
GLN CB    HB2    sing N N 123 
GLN CB    HB3    sing N N 124 
GLN CG    CD     sing N N 125 
GLN CG    HG2    sing N N 126 
GLN CG    HG3    sing N N 127 
GLN CD    OE1    doub N N 128 
GLN CD    NE2    sing N N 129 
GLN NE2   HE21   sing N N 130 
GLN NE2   HE22   sing N N 131 
GLN OXT   HXT    sing N N 132 
GLU N     CA     sing N N 133 
GLU N     H      sing N N 134 
GLU N     H2     sing N N 135 
GLU CA    C      sing N N 136 
GLU CA    CB     sing N N 137 
GLU CA    HA     sing N N 138 
GLU C     O      doub N N 139 
GLU C     OXT    sing N N 140 
GLU CB    CG     sing N N 141 
GLU CB    HB2    sing N N 142 
GLU CB    HB3    sing N N 143 
GLU CG    CD     sing N N 144 
GLU CG    HG2    sing N N 145 
GLU CG    HG3    sing N N 146 
GLU CD    OE1    doub N N 147 
GLU CD    OE2    sing N N 148 
GLU OE2   HE2    sing N N 149 
GLU OXT   HXT    sing N N 150 
GLY N     CA     sing N N 151 
GLY N     H      sing N N 152 
GLY N     H2     sing N N 153 
GLY CA    C      sing N N 154 
GLY CA    HA2    sing N N 155 
GLY CA    HA3    sing N N 156 
GLY C     O      doub N N 157 
GLY C     OXT    sing N N 158 
GLY OXT   HXT    sing N N 159 
HIS N     CA     sing N N 160 
HIS N     H      sing N N 161 
HIS N     H2     sing N N 162 
HIS CA    C      sing N N 163 
HIS CA    CB     sing N N 164 
HIS CA    HA     sing N N 165 
HIS C     O      doub N N 166 
HIS C     OXT    sing N N 167 
HIS CB    CG     sing N N 168 
HIS CB    HB2    sing N N 169 
HIS CB    HB3    sing N N 170 
HIS CG    ND1    sing Y N 171 
HIS CG    CD2    doub Y N 172 
HIS ND1   CE1    doub Y N 173 
HIS ND1   HD1    sing N N 174 
HIS CD2   NE2    sing Y N 175 
HIS CD2   HD2    sing N N 176 
HIS CE1   NE2    sing Y N 177 
HIS CE1   HE1    sing N N 178 
HIS NE2   HE2    sing N N 179 
HIS OXT   HXT    sing N N 180 
HOH O     H1     sing N N 181 
HOH O     H2     sing N N 182 
ILE N     CA     sing N N 183 
ILE N     H      sing N N 184 
ILE N     H2     sing N N 185 
ILE CA    C      sing N N 186 
ILE CA    CB     sing N N 187 
ILE CA    HA     sing N N 188 
ILE C     O      doub N N 189 
ILE C     OXT    sing N N 190 
ILE CB    CG1    sing N N 191 
ILE CB    CG2    sing N N 192 
ILE CB    HB     sing N N 193 
ILE CG1   CD1    sing N N 194 
ILE CG1   HG12   sing N N 195 
ILE CG1   HG13   sing N N 196 
ILE CG2   HG21   sing N N 197 
ILE CG2   HG22   sing N N 198 
ILE CG2   HG23   sing N N 199 
ILE CD1   HD11   sing N N 200 
ILE CD1   HD12   sing N N 201 
ILE CD1   HD13   sing N N 202 
ILE OXT   HXT    sing N N 203 
LEU N     CA     sing N N 204 
LEU N     H      sing N N 205 
LEU N     H2     sing N N 206 
LEU CA    C      sing N N 207 
LEU CA    CB     sing N N 208 
LEU CA    HA     sing N N 209 
LEU C     O      doub N N 210 
LEU C     OXT    sing N N 211 
LEU CB    CG     sing N N 212 
LEU CB    HB2    sing N N 213 
LEU CB    HB3    sing N N 214 
LEU CG    CD1    sing N N 215 
LEU CG    CD2    sing N N 216 
LEU CG    HG     sing N N 217 
LEU CD1   HD11   sing N N 218 
LEU CD1   HD12   sing N N 219 
LEU CD1   HD13   sing N N 220 
LEU CD2   HD21   sing N N 221 
LEU CD2   HD22   sing N N 222 
LEU CD2   HD23   sing N N 223 
LEU OXT   HXT    sing N N 224 
LYS N     CA     sing N N 225 
LYS N     H      sing N N 226 
LYS N     H2     sing N N 227 
LYS CA    C      sing N N 228 
LYS CA    CB     sing N N 229 
LYS CA    HA     sing N N 230 
LYS C     O      doub N N 231 
LYS C     OXT    sing N N 232 
LYS CB    CG     sing N N 233 
LYS CB    HB2    sing N N 234 
LYS CB    HB3    sing N N 235 
LYS CG    CD     sing N N 236 
LYS CG    HG2    sing N N 237 
LYS CG    HG3    sing N N 238 
LYS CD    CE     sing N N 239 
LYS CD    HD2    sing N N 240 
LYS CD    HD3    sing N N 241 
LYS CE    NZ     sing N N 242 
LYS CE    HE2    sing N N 243 
LYS CE    HE3    sing N N 244 
LYS NZ    HZ1    sing N N 245 
LYS NZ    HZ2    sing N N 246 
LYS NZ    HZ3    sing N N 247 
LYS OXT   HXT    sing N N 248 
MET N     CA     sing N N 249 
MET N     H      sing N N 250 
MET N     H2     sing N N 251 
MET CA    C      sing N N 252 
MET CA    CB     sing N N 253 
MET CA    HA     sing N N 254 
MET C     O      doub N N 255 
MET C     OXT    sing N N 256 
MET CB    CG     sing N N 257 
MET CB    HB2    sing N N 258 
MET CB    HB3    sing N N 259 
MET CG    SD     sing N N 260 
MET CG    HG2    sing N N 261 
MET CG    HG3    sing N N 262 
MET SD    CE     sing N N 263 
MET CE    HE1    sing N N 264 
MET CE    HE2    sing N N 265 
MET CE    HE3    sing N N 266 
MET OXT   HXT    sing N N 267 
PHE N     CA     sing N N 268 
PHE N     H      sing N N 269 
PHE N     H2     sing N N 270 
PHE CA    C      sing N N 271 
PHE CA    CB     sing N N 272 
PHE CA    HA     sing N N 273 
PHE C     O      doub N N 274 
PHE C     OXT    sing N N 275 
PHE CB    CG     sing N N 276 
PHE CB    HB2    sing N N 277 
PHE CB    HB3    sing N N 278 
PHE CG    CD1    doub Y N 279 
PHE CG    CD2    sing Y N 280 
PHE CD1   CE1    sing Y N 281 
PHE CD1   HD1    sing N N 282 
PHE CD2   CE2    doub Y N 283 
PHE CD2   HD2    sing N N 284 
PHE CE1   CZ     doub Y N 285 
PHE CE1   HE1    sing N N 286 
PHE CE2   CZ     sing Y N 287 
PHE CE2   HE2    sing N N 288 
PHE CZ    HZ     sing N N 289 
PHE OXT   HXT    sing N N 290 
PRO N     CA     sing N N 291 
PRO N     CD     sing N N 292 
PRO N     H      sing N N 293 
PRO CA    C      sing N N 294 
PRO CA    CB     sing N N 295 
PRO CA    HA     sing N N 296 
PRO C     O      doub N N 297 
PRO C     OXT    sing N N 298 
PRO CB    CG     sing N N 299 
PRO CB    HB2    sing N N 300 
PRO CB    HB3    sing N N 301 
PRO CG    CD     sing N N 302 
PRO CG    HG2    sing N N 303 
PRO CG    HG3    sing N N 304 
PRO CD    HD2    sing N N 305 
PRO CD    HD3    sing N N 306 
PRO OXT   HXT    sing N N 307 
SER N     CA     sing N N 308 
SER N     H      sing N N 309 
SER N     H2     sing N N 310 
SER CA    C      sing N N 311 
SER CA    CB     sing N N 312 
SER CA    HA     sing N N 313 
SER C     O      doub N N 314 
SER C     OXT    sing N N 315 
SER CB    OG     sing N N 316 
SER CB    HB2    sing N N 317 
SER CB    HB3    sing N N 318 
SER OG    HG     sing N N 319 
SER OXT   HXT    sing N N 320 
THR N     CA     sing N N 321 
THR N     H      sing N N 322 
THR N     H2     sing N N 323 
THR CA    C      sing N N 324 
THR CA    CB     sing N N 325 
THR CA    HA     sing N N 326 
THR C     O      doub N N 327 
THR C     OXT    sing N N 328 
THR CB    OG1    sing N N 329 
THR CB    CG2    sing N N 330 
THR CB    HB     sing N N 331 
THR OG1   HG1    sing N N 332 
THR CG2   HG21   sing N N 333 
THR CG2   HG22   sing N N 334 
THR CG2   HG23   sing N N 335 
THR OXT   HXT    sing N N 336 
TYR N     CA     sing N N 337 
TYR N     H      sing N N 338 
TYR N     H2     sing N N 339 
TYR CA    C      sing N N 340 
TYR CA    CB     sing N N 341 
TYR CA    HA     sing N N 342 
TYR C     O      doub N N 343 
TYR C     OXT    sing N N 344 
TYR CB    CG     sing N N 345 
TYR CB    HB2    sing N N 346 
TYR CB    HB3    sing N N 347 
TYR CG    CD1    doub Y N 348 
TYR CG    CD2    sing Y N 349 
TYR CD1   CE1    sing Y N 350 
TYR CD1   HD1    sing N N 351 
TYR CD2   CE2    doub Y N 352 
TYR CD2   HD2    sing N N 353 
TYR CE1   CZ     doub Y N 354 
TYR CE1   HE1    sing N N 355 
TYR CE2   CZ     sing Y N 356 
TYR CE2   HE2    sing N N 357 
TYR CZ    OH     sing N N 358 
TYR OH    HH     sing N N 359 
TYR OXT   HXT    sing N N 360 
VAL N     CA     sing N N 361 
VAL N     H      sing N N 362 
VAL N     H2     sing N N 363 
VAL CA    C      sing N N 364 
VAL CA    CB     sing N N 365 
VAL CA    HA     sing N N 366 
VAL C     O      doub N N 367 
VAL C     OXT    sing N N 368 
VAL CB    CG1    sing N N 369 
VAL CB    CG2    sing N N 370 
VAL CB    HB     sing N N 371 
VAL CG1   HG11   sing N N 372 
VAL CG1   HG12   sing N N 373 
VAL CG1   HG13   sing N N 374 
VAL CG2   HG21   sing N N 375 
VAL CG2   HG22   sing N N 376 
VAL CG2   HG23   sing N N 377 
VAL OXT   HXT    sing N N 378 
# 
loop_
_pdbx_entity_nonpoly.entity_id 
_pdbx_entity_nonpoly.name 
_pdbx_entity_nonpoly.comp_id 
2 'MAGNESIUM ION'            MG  
3 "ADENOSINE-5'-DIPHOSPHATE" ADP 
4 water                      HOH 
# 
_pdbx_initial_refinement_model.id               1 
_pdbx_initial_refinement_model.entity_id_list   ? 
_pdbx_initial_refinement_model.type             'experimental model' 
_pdbx_initial_refinement_model.source_name      PDB 
_pdbx_initial_refinement_model.accession_code   1ZIP 
_pdbx_initial_refinement_model.details          'PDB ENTRY 1ZIP' 
# 
